data_1OJ1
# 
_entry.id   1OJ1 
# 
_audit_conform.dict_name       mmcif_pdbx.dic 
_audit_conform.dict_version    5.398 
_audit_conform.dict_location   http://mmcif.pdb.org/dictionaries/ascii/mmcif_pdbx.dic 
# 
loop_
_database_2.database_id 
_database_2.database_code 
_database_2.pdbx_database_accession 
_database_2.pdbx_DOI 
PDB   1OJ1         pdb_00001oj1 10.2210/pdb1oj1/pdb 
PDBE  EBI-12953    ?            ?                   
WWPDB D_1290012953 ?            ?                   
# 
loop_
_pdbx_audit_revision_history.ordinal 
_pdbx_audit_revision_history.data_content_type 
_pdbx_audit_revision_history.major_revision 
_pdbx_audit_revision_history.minor_revision 
_pdbx_audit_revision_history.revision_date 
1 'Structure model' 1 0 2004-07-15 
2 'Structure model' 1 1 2011-05-08 
3 'Structure model' 1 2 2011-07-13 
4 'Structure model' 1 3 2017-06-28 
5 'Structure model' 1 4 2019-05-22 
6 'Structure model' 2 0 2020-03-11 
7 'Structure model' 2 1 2023-12-13 
8 'Structure model' 2 2 2024-11-13 
# 
_pdbx_audit_revision_details.ordinal             1 
_pdbx_audit_revision_details.revision_ordinal    1 
_pdbx_audit_revision_details.data_content_type   'Structure model' 
_pdbx_audit_revision_details.provider            repository 
_pdbx_audit_revision_details.type                'Initial release' 
_pdbx_audit_revision_details.description         ? 
_pdbx_audit_revision_details.details             ? 
# 
loop_
_pdbx_audit_revision_group.ordinal 
_pdbx_audit_revision_group.revision_ordinal 
_pdbx_audit_revision_group.data_content_type 
_pdbx_audit_revision_group.group 
1  2 'Structure model' 'Version format compliance' 
2  3 'Structure model' 'Version format compliance' 
3  4 'Structure model' 'Data collection'           
4  5 'Structure model' 'Data collection'           
5  5 'Structure model' 'Derived calculations'      
6  5 'Structure model' 'Refinement description'    
7  6 'Structure model' Other                       
8  6 'Structure model' 'Polymer sequence'          
9  7 'Structure model' 'Data collection'           
10 7 'Structure model' 'Database references'       
11 7 'Structure model' 'Refinement description'    
12 8 'Structure model' 'Structure summary'         
# 
loop_
_pdbx_audit_revision_category.ordinal 
_pdbx_audit_revision_category.revision_ordinal 
_pdbx_audit_revision_category.data_content_type 
_pdbx_audit_revision_category.category 
1  4 'Structure model' diffrn_source                 
2  5 'Structure model' refine                        
3  5 'Structure model' struct_conn                   
4  6 'Structure model' entity_poly                   
5  6 'Structure model' pdbx_database_status          
6  7 'Structure model' chem_comp_atom                
7  7 'Structure model' chem_comp_bond                
8  7 'Structure model' database_2                    
9  7 'Structure model' pdbx_initial_refinement_model 
10 8 'Structure model' pdbx_entry_details            
11 8 'Structure model' pdbx_modification_feature     
# 
loop_
_pdbx_audit_revision_item.ordinal 
_pdbx_audit_revision_item.revision_ordinal 
_pdbx_audit_revision_item.data_content_type 
_pdbx_audit_revision_item.item 
1 4 'Structure model' '_diffrn_source.type'                       
2 5 'Structure model' '_refine.pdbx_ls_cross_valid_method'        
3 5 'Structure model' '_struct_conn.pdbx_leaving_atom_flag'       
4 6 'Structure model' '_entity_poly.pdbx_seq_one_letter_code_can' 
5 6 'Structure model' '_pdbx_database_status.status_code_sf'      
6 7 'Structure model' '_database_2.pdbx_DOI'                      
7 7 'Structure model' '_database_2.pdbx_database_accession'       
# 
_pdbx_database_status.status_code                     REL 
_pdbx_database_status.entry_id                        1OJ1 
_pdbx_database_status.deposit_site                    PDBE 
_pdbx_database_status.process_site                    PDBE 
_pdbx_database_status.SG_entry                        . 
_pdbx_database_status.recvd_initial_deposition_date   2003-06-28 
_pdbx_database_status.pdb_format_compatible           Y 
_pdbx_database_status.status_code_sf                  REL 
_pdbx_database_status.status_code_mr                  ? 
_pdbx_database_status.status_code_cs                  ? 
_pdbx_database_status.methods_development_category    ? 
_pdbx_database_status.status_code_nmr_data            ? 
# 
_pdbx_database_related.db_name        PDB 
_pdbx_database_related.db_id          1OJ8 
_pdbx_database_related.content_type   unspecified 
_pdbx_database_related.details        
;RETRO AND NOVEL BINDING MODES IN CYTOTOXIC RIBONUCLEASES FROM RANA CATESBEIANA OF TWO CRYSTAL STRUCTURES COMPLEXED WITH (2',5'CPG) AND D(APCPGPA)
;
# 
loop_
_audit_author.name 
_audit_author.pdbx_ordinal 
'Tsai, C.-J.'  1 
'Liu, J.-H.'   2 
'Liao, Y.-D.'  3 
'Chen, L.-y.'  4 
'Cheng, P.-T.' 5 
'Sun, Y.-J.'   6 
# 
_citation.id                        primary 
_citation.title                     
;Nonproductive and Novel Binding Modes in Cytotoxic Ribonucleases from Rana Catesbeiana of Two Crystal Structures Complexed with C(2,5 Cpg) and D(Apcpgpa)
;
_citation.journal_abbrev            'To be Published' 
_citation.journal_volume            ? 
_citation.page_first                ? 
_citation.page_last                 ? 
_citation.year                      ? 
_citation.journal_id_ASTM           ? 
_citation.country                   ? 
_citation.journal_id_ISSN           ? 
_citation.journal_id_CSD            0353 
_citation.book_publisher            ? 
_citation.pdbx_database_id_PubMed   ? 
_citation.pdbx_database_id_DOI      ? 
# 
loop_
_citation_author.citation_id 
_citation_author.name 
_citation_author.ordinal 
_citation_author.identifier_ORCID 
primary 'Tsai, C.-J.'  1 ? 
primary 'Liu, J.-H.'   2 ? 
primary 'Liao, Y.-D.'  3 ? 
primary 'Chen, L.-Y.'  4 ? 
primary 'Cheng, P.-T.' 5 ? 
primary 'Sun, Y.-J.'   6 ? 
# 
loop_
_entity.id 
_entity.type 
_entity.src_method 
_entity.pdbx_description 
_entity.formula_weight 
_entity.pdbx_number_of_molecules 
_entity.pdbx_ec 
_entity.pdbx_mutation 
_entity.pdbx_fragment 
_entity.details 
1 polymer     nat 'RC-RNASE6 RIBONUCLEASE'          12185.388 1   ? ? ? ? 
2 non-polymer syn "CYTIDYL-2'-5'-PHOSPHO-GUANOSINE" 588.422   1   ? ? ? ? 
3 non-polymer syn 'SULFATE ION'                     96.063    1   ? ? ? ? 
4 water       nat water                             18.015    107 ? ? ? ? 
# 
_entity_poly.entity_id                      1 
_entity_poly.type                           'polypeptide(L)' 
_entity_poly.nstd_linkage                   no 
_entity_poly.nstd_monomer                   yes 
_entity_poly.pdbx_seq_one_letter_code       
;(PCA)DWDTFQKKHLTDTKKVKCDVEMKKALFDCKKTNTFIFARPPRVQALCKNIKNNTNVLSRDVFYLPQCNRKKLPCH
YRLDGSTNTICLTCMKELPIHFAGVGKCP
;
_entity_poly.pdbx_seq_one_letter_code_can   
;QDWDTFQKKHLTDTKKVKCDVEMKKALFDCKKTNTFIFARPPRVQALCKNIKNNTNVLSRDVFYLPQCNRKKLPCHYRLD
GSTNTICLTCMKELPIHFAGVGKCP
;
_entity_poly.pdbx_strand_id                 A 
_entity_poly.pdbx_target_identifier         ? 
# 
loop_
_pdbx_entity_nonpoly.entity_id 
_pdbx_entity_nonpoly.name 
_pdbx_entity_nonpoly.comp_id 
2 "CYTIDYL-2'-5'-PHOSPHO-GUANOSINE" CG2 
3 'SULFATE ION'                     SO4 
4 water                             HOH 
# 
loop_
_entity_poly_seq.entity_id 
_entity_poly_seq.num 
_entity_poly_seq.mon_id 
_entity_poly_seq.hetero 
1 1   PCA n 
1 2   ASP n 
1 3   TRP n 
1 4   ASP n 
1 5   THR n 
1 6   PHE n 
1 7   GLN n 
1 8   LYS n 
1 9   LYS n 
1 10  HIS n 
1 11  LEU n 
1 12  THR n 
1 13  ASP n 
1 14  THR n 
1 15  LYS n 
1 16  LYS n 
1 17  VAL n 
1 18  LYS n 
1 19  CYS n 
1 20  ASP n 
1 21  VAL n 
1 22  GLU n 
1 23  MET n 
1 24  LYS n 
1 25  LYS n 
1 26  ALA n 
1 27  LEU n 
1 28  PHE n 
1 29  ASP n 
1 30  CYS n 
1 31  LYS n 
1 32  LYS n 
1 33  THR n 
1 34  ASN n 
1 35  THR n 
1 36  PHE n 
1 37  ILE n 
1 38  PHE n 
1 39  ALA n 
1 40  ARG n 
1 41  PRO n 
1 42  PRO n 
1 43  ARG n 
1 44  VAL n 
1 45  GLN n 
1 46  ALA n 
1 47  LEU n 
1 48  CYS n 
1 49  LYS n 
1 50  ASN n 
1 51  ILE n 
1 52  LYS n 
1 53  ASN n 
1 54  ASN n 
1 55  THR n 
1 56  ASN n 
1 57  VAL n 
1 58  LEU n 
1 59  SER n 
1 60  ARG n 
1 61  ASP n 
1 62  VAL n 
1 63  PHE n 
1 64  TYR n 
1 65  LEU n 
1 66  PRO n 
1 67  GLN n 
1 68  CYS n 
1 69  ASN n 
1 70  ARG n 
1 71  LYS n 
1 72  LYS n 
1 73  LEU n 
1 74  PRO n 
1 75  CYS n 
1 76  HIS n 
1 77  TYR n 
1 78  ARG n 
1 79  LEU n 
1 80  ASP n 
1 81  GLY n 
1 82  SER n 
1 83  THR n 
1 84  ASN n 
1 85  THR n 
1 86  ILE n 
1 87  CYS n 
1 88  LEU n 
1 89  THR n 
1 90  CYS n 
1 91  MET n 
1 92  LYS n 
1 93  GLU n 
1 94  LEU n 
1 95  PRO n 
1 96  ILE n 
1 97  HIS n 
1 98  PHE n 
1 99  ALA n 
1 100 GLY n 
1 101 VAL n 
1 102 GLY n 
1 103 LYS n 
1 104 CYS n 
1 105 PRO n 
# 
_entity_src_nat.entity_id                  1 
_entity_src_nat.pdbx_src_id                1 
_entity_src_nat.pdbx_alt_source_flag       sample 
_entity_src_nat.pdbx_beg_seq_num           ? 
_entity_src_nat.pdbx_end_seq_num           ? 
_entity_src_nat.common_name                'BULL FROG' 
_entity_src_nat.pdbx_organism_scientific   'RANA CATESBEIANA' 
_entity_src_nat.pdbx_ncbi_taxonomy_id      8400 
_entity_src_nat.genus                      ? 
_entity_src_nat.species                    ? 
_entity_src_nat.strain                     ? 
_entity_src_nat.tissue                     ? 
_entity_src_nat.tissue_fraction            ? 
_entity_src_nat.pdbx_secretion             ? 
_entity_src_nat.pdbx_fragment              ? 
_entity_src_nat.pdbx_variant               ? 
_entity_src_nat.pdbx_cell_line             ? 
_entity_src_nat.pdbx_atcc                  ? 
_entity_src_nat.pdbx_cellular_location     ? 
_entity_src_nat.pdbx_organ                 OOCYTES 
_entity_src_nat.pdbx_organelle             ? 
_entity_src_nat.pdbx_cell                  ? 
_entity_src_nat.pdbx_plasmid_name          ? 
_entity_src_nat.pdbx_plasmid_details       ? 
_entity_src_nat.details                    ? 
# 
loop_
_chem_comp.id 
_chem_comp.type 
_chem_comp.mon_nstd_flag 
_chem_comp.name 
_chem_comp.pdbx_synonyms 
_chem_comp.formula 
_chem_comp.formula_weight 
ALA 'L-peptide linking' y ALANINE                           ? 'C3 H7 N O2'       89.093  
ARG 'L-peptide linking' y ARGININE                          ? 'C6 H15 N4 O2 1'   175.209 
ASN 'L-peptide linking' y ASPARAGINE                        ? 'C4 H8 N2 O3'      132.118 
ASP 'L-peptide linking' y 'ASPARTIC ACID'                   ? 'C4 H7 N O4'       133.103 
CG2 non-polymer         . "CYTIDYL-2'-5'-PHOSPHO-GUANOSINE" ? 'C19 H25 N8 O12 P' 588.422 
CYS 'L-peptide linking' y CYSTEINE                          ? 'C3 H7 N O2 S'     121.158 
GLN 'L-peptide linking' y GLUTAMINE                         ? 'C5 H10 N2 O3'     146.144 
GLU 'L-peptide linking' y 'GLUTAMIC ACID'                   ? 'C5 H9 N O4'       147.129 
GLY 'peptide linking'   y GLYCINE                           ? 'C2 H5 N O2'       75.067  
HIS 'L-peptide linking' y HISTIDINE                         ? 'C6 H10 N3 O2 1'   156.162 
HOH non-polymer         . WATER                             ? 'H2 O'             18.015  
ILE 'L-peptide linking' y ISOLEUCINE                        ? 'C6 H13 N O2'      131.173 
LEU 'L-peptide linking' y LEUCINE                           ? 'C6 H13 N O2'      131.173 
LYS 'L-peptide linking' y LYSINE                            ? 'C6 H15 N2 O2 1'   147.195 
MET 'L-peptide linking' y METHIONINE                        ? 'C5 H11 N O2 S'    149.211 
PCA 'L-peptide linking' n 'PYROGLUTAMIC ACID'               ? 'C5 H7 N O3'       129.114 
PHE 'L-peptide linking' y PHENYLALANINE                     ? 'C9 H11 N O2'      165.189 
PRO 'L-peptide linking' y PROLINE                           ? 'C5 H9 N O2'       115.130 
SER 'L-peptide linking' y SERINE                            ? 'C3 H7 N O3'       105.093 
SO4 non-polymer         . 'SULFATE ION'                     ? 'O4 S -2'          96.063  
THR 'L-peptide linking' y THREONINE                         ? 'C4 H9 N O3'       119.119 
TRP 'L-peptide linking' y TRYPTOPHAN                        ? 'C11 H12 N2 O2'    204.225 
TYR 'L-peptide linking' y TYROSINE                          ? 'C9 H11 N O3'      181.189 
VAL 'L-peptide linking' y VALINE                            ? 'C5 H11 N O2'      117.146 
# 
loop_
_pdbx_poly_seq_scheme.asym_id 
_pdbx_poly_seq_scheme.entity_id 
_pdbx_poly_seq_scheme.seq_id 
_pdbx_poly_seq_scheme.mon_id 
_pdbx_poly_seq_scheme.ndb_seq_num 
_pdbx_poly_seq_scheme.pdb_seq_num 
_pdbx_poly_seq_scheme.auth_seq_num 
_pdbx_poly_seq_scheme.pdb_mon_id 
_pdbx_poly_seq_scheme.auth_mon_id 
_pdbx_poly_seq_scheme.pdb_strand_id 
_pdbx_poly_seq_scheme.pdb_ins_code 
_pdbx_poly_seq_scheme.hetero 
A 1 1   PCA 1   1   1   PCA PCA A . n 
A 1 2   ASP 2   2   2   ASP ASP A . n 
A 1 3   TRP 3   3   3   TRP TRP A . n 
A 1 4   ASP 4   4   4   ASP ASP A . n 
A 1 5   THR 5   5   5   THR THR A . n 
A 1 6   PHE 6   6   6   PHE PHE A . n 
A 1 7   GLN 7   7   7   GLN GLN A . n 
A 1 8   LYS 8   8   8   LYS LYS A . n 
A 1 9   LYS 9   9   9   LYS LYS A . n 
A 1 10  HIS 10  10  10  HIS HIS A . n 
A 1 11  LEU 11  11  11  LEU LEU A . n 
A 1 12  THR 12  12  12  THR THR A . n 
A 1 13  ASP 13  13  13  ASP ASP A . n 
A 1 14  THR 14  14  14  THR THR A . n 
A 1 15  LYS 15  15  15  LYS LYS A . n 
A 1 16  LYS 16  16  16  LYS LYS A . n 
A 1 17  VAL 17  17  17  VAL VAL A . n 
A 1 18  LYS 18  18  18  LYS LYS A . n 
A 1 19  CYS 19  19  19  CYS CYS A . n 
A 1 20  ASP 20  20  20  ASP ASP A . n 
A 1 21  VAL 21  21  21  VAL VAL A . n 
A 1 22  GLU 22  22  22  GLU GLU A . n 
A 1 23  MET 23  23  23  MET MET A . n 
A 1 24  LYS 24  24  24  LYS LYS A . n 
A 1 25  LYS 25  25  25  LYS LYS A . n 
A 1 26  ALA 26  26  26  ALA ALA A . n 
A 1 27  LEU 27  27  27  LEU LEU A . n 
A 1 28  PHE 28  28  28  PHE PHE A . n 
A 1 29  ASP 29  29  29  ASP ASP A . n 
A 1 30  CYS 30  30  30  CYS CYS A . n 
A 1 31  LYS 31  31  31  LYS LYS A . n 
A 1 32  LYS 32  32  32  LYS LYS A . n 
A 1 33  THR 33  33  33  THR THR A . n 
A 1 34  ASN 34  34  34  ASN ASN A . n 
A 1 35  THR 35  35  35  THR THR A . n 
A 1 36  PHE 36  36  36  PHE PHE A . n 
A 1 37  ILE 37  37  37  ILE ILE A . n 
A 1 38  PHE 38  38  38  PHE PHE A . n 
A 1 39  ALA 39  39  39  ALA ALA A . n 
A 1 40  ARG 40  40  40  ARG ARG A . n 
A 1 41  PRO 41  41  41  PRO PRO A . n 
A 1 42  PRO 42  42  42  PRO PRO A . n 
A 1 43  ARG 43  43  43  ARG ARG A . n 
A 1 44  VAL 44  44  44  VAL VAL A . n 
A 1 45  GLN 45  45  45  GLN GLN A . n 
A 1 46  ALA 46  46  46  ALA ALA A . n 
A 1 47  LEU 47  47  47  LEU LEU A . n 
A 1 48  CYS 48  48  48  CYS CYS A . n 
A 1 49  LYS 49  49  49  LYS LYS A . n 
A 1 50  ASN 50  50  50  ASN ASN A . n 
A 1 51  ILE 51  51  51  ILE ILE A . n 
A 1 52  LYS 52  52  52  LYS LYS A . n 
A 1 53  ASN 53  53  53  ASN ASN A . n 
A 1 54  ASN 54  54  54  ASN ASN A . n 
A 1 55  THR 55  55  55  THR THR A . n 
A 1 56  ASN 56  56  56  ASN ASN A . n 
A 1 57  VAL 57  57  57  VAL VAL A . n 
A 1 58  LEU 58  58  58  LEU LEU A . n 
A 1 59  SER 59  59  59  SER SER A . n 
A 1 60  ARG 60  60  60  ARG ARG A . n 
A 1 61  ASP 61  61  61  ASP ASP A . n 
A 1 62  VAL 62  62  62  VAL VAL A . n 
A 1 63  PHE 63  63  63  PHE PHE A . n 
A 1 64  TYR 64  64  64  TYR TYR A . n 
A 1 65  LEU 65  65  65  LEU LEU A . n 
A 1 66  PRO 66  66  66  PRO PRO A . n 
A 1 67  GLN 67  67  67  GLN GLN A . n 
A 1 68  CYS 68  68  68  CYS CYS A . n 
A 1 69  ASN 69  69  69  ASN ASN A . n 
A 1 70  ARG 70  70  70  ARG ARG A . n 
A 1 71  LYS 71  71  71  LYS LYS A . n 
A 1 72  LYS 72  72  72  LYS LYS A . n 
A 1 73  LEU 73  73  73  LEU LEU A . n 
A 1 74  PRO 74  74  74  PRO PRO A . n 
A 1 75  CYS 75  75  75  CYS CYS A . n 
A 1 76  HIS 76  76  76  HIS HIS A . n 
A 1 77  TYR 77  77  77  TYR TYR A . n 
A 1 78  ARG 78  78  78  ARG ARG A . n 
A 1 79  LEU 79  79  79  LEU LEU A . n 
A 1 80  ASP 80  80  80  ASP ASP A . n 
A 1 81  GLY 81  81  81  GLY GLY A . n 
A 1 82  SER 82  82  82  SER SER A . n 
A 1 83  THR 83  83  83  THR THR A . n 
A 1 84  ASN 84  84  84  ASN ASN A . n 
A 1 85  THR 85  85  85  THR THR A . n 
A 1 86  ILE 86  86  86  ILE ILE A . n 
A 1 87  CYS 87  87  87  CYS CYS A . n 
A 1 88  LEU 88  88  88  LEU LEU A . n 
A 1 89  THR 89  89  89  THR THR A . n 
A 1 90  CYS 90  90  90  CYS CYS A . n 
A 1 91  MET 91  91  91  MET MET A . n 
A 1 92  LYS 92  92  92  LYS LYS A . n 
A 1 93  GLU 93  93  93  GLU GLU A . n 
A 1 94  LEU 94  94  94  LEU LEU A . n 
A 1 95  PRO 95  95  95  PRO PRO A . n 
A 1 96  ILE 96  96  96  ILE ILE A . n 
A 1 97  HIS 97  97  97  HIS HIS A . n 
A 1 98  PHE 98  98  98  PHE PHE A . n 
A 1 99  ALA 99  99  99  ALA ALA A . n 
A 1 100 GLY 100 100 100 GLY GLY A . n 
A 1 101 VAL 101 101 101 VAL VAL A . n 
A 1 102 GLY 102 102 102 GLY GLY A . n 
A 1 103 LYS 103 103 103 LYS LYS A . n 
A 1 104 CYS 104 104 104 CYS CYS A . n 
A 1 105 PRO 105 105 105 PRO PRO A . n 
# 
loop_
_pdbx_nonpoly_scheme.asym_id 
_pdbx_nonpoly_scheme.entity_id 
_pdbx_nonpoly_scheme.mon_id 
_pdbx_nonpoly_scheme.ndb_seq_num 
_pdbx_nonpoly_scheme.pdb_seq_num 
_pdbx_nonpoly_scheme.auth_seq_num 
_pdbx_nonpoly_scheme.pdb_mon_id 
_pdbx_nonpoly_scheme.auth_mon_id 
_pdbx_nonpoly_scheme.pdb_strand_id 
_pdbx_nonpoly_scheme.pdb_ins_code 
B 2 CG2 1   1106 1106 CG2 CG2 A . 
C 3 SO4 1   1107 1107 SO4 SO4 A . 
D 4 HOH 1   2001 2001 HOH HOH A . 
D 4 HOH 2   2002 2002 HOH HOH A . 
D 4 HOH 3   2003 2003 HOH HOH A . 
D 4 HOH 4   2004 2004 HOH HOH A . 
D 4 HOH 5   2005 2005 HOH HOH A . 
D 4 HOH 6   2006 2006 HOH HOH A . 
D 4 HOH 7   2007 2007 HOH HOH A . 
D 4 HOH 8   2008 2008 HOH HOH A . 
D 4 HOH 9   2009 2009 HOH HOH A . 
D 4 HOH 10  2010 2010 HOH HOH A . 
D 4 HOH 11  2011 2011 HOH HOH A . 
D 4 HOH 12  2012 2012 HOH HOH A . 
D 4 HOH 13  2013 2013 HOH HOH A . 
D 4 HOH 14  2014 2014 HOH HOH A . 
D 4 HOH 15  2015 2015 HOH HOH A . 
D 4 HOH 16  2016 2016 HOH HOH A . 
D 4 HOH 17  2017 2017 HOH HOH A . 
D 4 HOH 18  2018 2018 HOH HOH A . 
D 4 HOH 19  2019 2019 HOH HOH A . 
D 4 HOH 20  2020 2020 HOH HOH A . 
D 4 HOH 21  2021 2021 HOH HOH A . 
D 4 HOH 22  2022 2022 HOH HOH A . 
D 4 HOH 23  2023 2023 HOH HOH A . 
D 4 HOH 24  2024 2024 HOH HOH A . 
D 4 HOH 25  2025 2025 HOH HOH A . 
D 4 HOH 26  2026 2026 HOH HOH A . 
D 4 HOH 27  2027 2027 HOH HOH A . 
D 4 HOH 28  2028 2028 HOH HOH A . 
D 4 HOH 29  2029 2029 HOH HOH A . 
D 4 HOH 30  2030 2030 HOH HOH A . 
D 4 HOH 31  2031 2031 HOH HOH A . 
D 4 HOH 32  2032 2032 HOH HOH A . 
D 4 HOH 33  2033 2033 HOH HOH A . 
D 4 HOH 34  2034 2034 HOH HOH A . 
D 4 HOH 35  2035 2035 HOH HOH A . 
D 4 HOH 36  2036 2036 HOH HOH A . 
D 4 HOH 37  2037 2037 HOH HOH A . 
D 4 HOH 38  2038 2038 HOH HOH A . 
D 4 HOH 39  2039 2039 HOH HOH A . 
D 4 HOH 40  2040 2040 HOH HOH A . 
D 4 HOH 41  2041 2041 HOH HOH A . 
D 4 HOH 42  2042 2042 HOH HOH A . 
D 4 HOH 43  2043 2043 HOH HOH A . 
D 4 HOH 44  2044 2044 HOH HOH A . 
D 4 HOH 45  2045 2045 HOH HOH A . 
D 4 HOH 46  2046 2046 HOH HOH A . 
D 4 HOH 47  2047 2047 HOH HOH A . 
D 4 HOH 48  2048 2048 HOH HOH A . 
D 4 HOH 49  2049 2049 HOH HOH A . 
D 4 HOH 50  2050 2050 HOH HOH A . 
D 4 HOH 51  2051 2051 HOH HOH A . 
D 4 HOH 52  2052 2052 HOH HOH A . 
D 4 HOH 53  2053 2053 HOH HOH A . 
D 4 HOH 54  2054 2054 HOH HOH A . 
D 4 HOH 55  2055 2055 HOH HOH A . 
D 4 HOH 56  2056 2056 HOH HOH A . 
D 4 HOH 57  2057 2057 HOH HOH A . 
D 4 HOH 58  2058 2058 HOH HOH A . 
D 4 HOH 59  2059 2059 HOH HOH A . 
D 4 HOH 60  2060 2060 HOH HOH A . 
D 4 HOH 61  2061 2061 HOH HOH A . 
D 4 HOH 62  2062 2062 HOH HOH A . 
D 4 HOH 63  2063 2063 HOH HOH A . 
D 4 HOH 64  2064 2064 HOH HOH A . 
D 4 HOH 65  2065 2065 HOH HOH A . 
D 4 HOH 66  2066 2066 HOH HOH A . 
D 4 HOH 67  2067 2067 HOH HOH A . 
D 4 HOH 68  2068 2068 HOH HOH A . 
D 4 HOH 69  2069 2069 HOH HOH A . 
D 4 HOH 70  2070 2070 HOH HOH A . 
D 4 HOH 71  2071 2071 HOH HOH A . 
D 4 HOH 72  2072 2072 HOH HOH A . 
D 4 HOH 73  2073 2073 HOH HOH A . 
D 4 HOH 74  2074 2074 HOH HOH A . 
D 4 HOH 75  2075 2075 HOH HOH A . 
D 4 HOH 76  2076 2076 HOH HOH A . 
D 4 HOH 77  2077 2077 HOH HOH A . 
D 4 HOH 78  2078 2078 HOH HOH A . 
D 4 HOH 79  2079 2079 HOH HOH A . 
D 4 HOH 80  2080 2080 HOH HOH A . 
D 4 HOH 81  2081 2081 HOH HOH A . 
D 4 HOH 82  2082 2082 HOH HOH A . 
D 4 HOH 83  2083 2083 HOH HOH A . 
D 4 HOH 84  2084 2084 HOH HOH A . 
D 4 HOH 85  2085 2085 HOH HOH A . 
D 4 HOH 86  2086 2086 HOH HOH A . 
D 4 HOH 87  2087 2087 HOH HOH A . 
D 4 HOH 88  2088 2088 HOH HOH A . 
D 4 HOH 89  2089 2089 HOH HOH A . 
D 4 HOH 90  2090 2090 HOH HOH A . 
D 4 HOH 91  2091 2091 HOH HOH A . 
D 4 HOH 92  2092 2092 HOH HOH A . 
D 4 HOH 93  2093 2093 HOH HOH A . 
D 4 HOH 94  2094 2094 HOH HOH A . 
D 4 HOH 95  2095 2095 HOH HOH A . 
D 4 HOH 96  2096 2096 HOH HOH A . 
D 4 HOH 97  2097 2097 HOH HOH A . 
D 4 HOH 98  2098 2098 HOH HOH A . 
D 4 HOH 99  2099 2099 HOH HOH A . 
D 4 HOH 100 2100 2100 HOH HOH A . 
D 4 HOH 101 2101 2101 HOH HOH A . 
D 4 HOH 102 2102 2102 HOH HOH A . 
D 4 HOH 103 2103 2103 HOH HOH A . 
D 4 HOH 104 2104 2104 HOH HOH A . 
D 4 HOH 105 2105 2105 HOH HOH A . 
D 4 HOH 106 2106 2106 HOH HOH A . 
D 4 HOH 107 2107 2107 HOH HOH A . 
# 
loop_
_software.name 
_software.classification 
_software.version 
_software.citation_id 
_software.pdbx_ordinal 
CNS       refinement       1.0 ? 1 
DENZO     'data reduction' .   ? 2 
SCALEPACK 'data scaling'   .   ? 3 
AMoRE     phasing          .   ? 4 
# 
_cell.entry_id           1OJ1 
_cell.length_a           61.800 
_cell.length_b           61.800 
_cell.length_c           65.960 
_cell.angle_alpha        90.00 
_cell.angle_beta         90.00 
_cell.angle_gamma        90.00 
_cell.Z_PDB              8 
_cell.pdbx_unique_axis   ? 
# 
_symmetry.entry_id                         1OJ1 
_symmetry.space_group_name_H-M             'P 43 21 2' 
_symmetry.pdbx_full_space_group_name_H-M   ? 
_symmetry.cell_setting                     ? 
_symmetry.Int_Tables_number                96 
# 
_exptl.entry_id          1OJ1 
_exptl.method            'X-RAY DIFFRACTION' 
_exptl.crystals_number   1 
# 
_exptl_crystal.id                    1 
_exptl_crystal.density_meas          ? 
_exptl_crystal.density_Matthews      2.59 
_exptl_crystal.density_percent_sol   53 
_exptl_crystal.description           ? 
# 
_exptl_crystal_grow.crystal_id      1 
_exptl_crystal_grow.method          ? 
_exptl_crystal_grow.temp            ? 
_exptl_crystal_grow.temp_details    ? 
_exptl_crystal_grow.pH              7.00 
_exptl_crystal_grow.pdbx_pH_range   ? 
_exptl_crystal_grow.pdbx_details    'pH 7.00' 
# 
_diffrn.id                     1 
_diffrn.ambient_temp           110.0 
_diffrn.ambient_temp_details   ? 
_diffrn.crystal_id             1 
# 
_diffrn_detector.diffrn_id              1 
_diffrn_detector.detector               'IMAGE PLATE' 
_diffrn_detector.type                   'RIGAKU IMAGE PLATE' 
_diffrn_detector.pdbx_collection_date   ? 
_diffrn_detector.details                MIRRIE 
# 
_diffrn_radiation.diffrn_id                        1 
_diffrn_radiation.wavelength_id                    1 
_diffrn_radiation.pdbx_monochromatic_or_laue_m_l   M 
_diffrn_radiation.monochromator                    NI 
_diffrn_radiation.pdbx_diffrn_protocol             'SINGLE WAVELENGTH' 
_diffrn_radiation.pdbx_scattering_type             x-ray 
# 
_diffrn_radiation_wavelength.id           1 
_diffrn_radiation_wavelength.wavelength   1.54 
_diffrn_radiation_wavelength.wt           1.0 
# 
_diffrn_source.diffrn_id                   1 
_diffrn_source.source                      'ROTATING ANODE' 
_diffrn_source.type                        'RIGAKU RU300' 
_diffrn_source.pdbx_synchrotron_site       ? 
_diffrn_source.pdbx_synchrotron_beamline   ? 
_diffrn_source.pdbx_wavelength             1.54 
_diffrn_source.pdbx_wavelength_list        ? 
# 
_reflns.pdbx_diffrn_id               1 
_reflns.pdbx_ordinal                 1 
_reflns.entry_id                     1OJ1 
_reflns.observed_criterion_sigma_I   2.000 
_reflns.observed_criterion_sigma_F   ? 
_reflns.d_resolution_low             20.000 
_reflns.d_resolution_high            2.100 
_reflns.number_obs                   53962 
_reflns.number_all                   ? 
_reflns.percent_possible_obs         98.6 
_reflns.pdbx_Rmerge_I_obs            0.07500 
_reflns.pdbx_Rsym_value              ? 
_reflns.pdbx_netI_over_sigmaI        17.5000 
_reflns.B_iso_Wilson_estimate        6.8 
_reflns.pdbx_redundancy              3.000 
# 
_reflns_shell.pdbx_diffrn_id         1 
_reflns_shell.pdbx_ordinal           1 
_reflns_shell.d_res_high             2.10 
_reflns_shell.d_res_low              2.14 
_reflns_shell.percent_possible_all   98.2 
_reflns_shell.Rmerge_I_obs           0.04500 
_reflns_shell.pdbx_Rsym_value        ? 
_reflns_shell.meanI_over_sigI_obs    3.450 
_reflns_shell.pdbx_redundancy        ? 
# 
_refine.pdbx_refine_id                           'X-RAY DIFFRACTION' 
_refine.entry_id                                 1OJ1 
_refine.pdbx_diffrn_id                           1 
_refine.pdbx_TLS_residual_ADP_flag               ? 
_refine.ls_number_reflns_obs                     6785 
_refine.ls_number_reflns_all                     ? 
_refine.pdbx_ls_sigma_I                          ? 
_refine.pdbx_ls_sigma_F                          2.0 
_refine.pdbx_data_cutoff_high_absF               ? 
_refine.pdbx_data_cutoff_low_absF                ? 
_refine.pdbx_data_cutoff_high_rms_absF           ? 
_refine.ls_d_res_low                             20.0 
_refine.ls_d_res_high                            2.1 
_refine.ls_percent_reflns_obs                    86.3 
_refine.ls_R_factor_obs                          0.203 
_refine.ls_R_factor_all                          ? 
_refine.ls_R_factor_R_work                       0.203 
_refine.ls_R_factor_R_free                       0.2513 
_refine.ls_R_factor_R_free_error                 0.009 
_refine.ls_R_factor_R_free_error_details         ? 
_refine.ls_percent_reflns_R_free                 10.6 
_refine.ls_number_reflns_R_free                  722 
_refine.ls_number_parameters                     ? 
_refine.ls_number_restraints                     ? 
_refine.occupancy_min                            ? 
_refine.occupancy_max                            ? 
_refine.correlation_coeff_Fo_to_Fc               ? 
_refine.correlation_coeff_Fo_to_Fc_free          ? 
_refine.B_iso_mean                               27.3 
_refine.aniso_B[1][1]                            5.62 
_refine.aniso_B[2][2]                            5.62 
_refine.aniso_B[3][3]                            11.24 
_refine.aniso_B[1][2]                            0.00 
_refine.aniso_B[1][3]                            0.00 
_refine.aniso_B[2][3]                            0.00 
_refine.solvent_model_details                    FLAT 
_refine.solvent_model_param_ksol                 0.39614 
_refine.solvent_model_param_bsol                 67.3609 
_refine.pdbx_solvent_vdw_probe_radii             ? 
_refine.pdbx_solvent_ion_probe_radii             ? 
_refine.pdbx_solvent_shrinkage_radii             ? 
_refine.pdbx_ls_cross_valid_method               THROUGHOUT 
_refine.details                                  ? 
_refine.pdbx_starting_model                      'PDB ENTRY 1ONC' 
_refine.pdbx_method_to_determine_struct          'MOLECULAR REPLACEMENT' 
_refine.pdbx_isotropic_thermal_model             RESTRAINED 
_refine.pdbx_stereochemistry_target_values       ? 
_refine.pdbx_stereochem_target_val_spec_case     ? 
_refine.pdbx_R_Free_selection_details            RANDOM 
_refine.pdbx_overall_ESU_R                       ? 
_refine.pdbx_overall_ESU_R_Free                  ? 
_refine.overall_SU_ML                            ? 
_refine.pdbx_overall_phase_error                 ? 
_refine.overall_SU_B                             ? 
_refine.overall_SU_R_Cruickshank_DPI             ? 
_refine.pdbx_overall_SU_R_free_Cruickshank_DPI   ? 
_refine.pdbx_overall_SU_R_Blow_DPI               ? 
_refine.pdbx_overall_SU_R_free_Blow_DPI          ? 
# 
_refine_analyze.pdbx_refine_id                  'X-RAY DIFFRACTION' 
_refine_analyze.entry_id                        1OJ1 
_refine_analyze.Luzzati_coordinate_error_obs    0.23 
_refine_analyze.Luzzati_sigma_a_obs             0.17 
_refine_analyze.Luzzati_d_res_low_obs           5.00 
_refine_analyze.Luzzati_coordinate_error_free   0.30 
_refine_analyze.Luzzati_sigma_a_free            0.22 
_refine_analyze.Luzzati_d_res_low_free          ? 
_refine_analyze.number_disordered_residues      ? 
_refine_analyze.occupancy_sum_hydrogen          ? 
_refine_analyze.occupancy_sum_non_hydrogen      ? 
# 
_refine_hist.pdbx_refine_id                   'X-RAY DIFFRACTION' 
_refine_hist.cycle_id                         LAST 
_refine_hist.pdbx_number_atoms_protein        848 
_refine_hist.pdbx_number_atoms_nucleic_acid   0 
_refine_hist.pdbx_number_atoms_ligand         45 
_refine_hist.number_atoms_solvent             107 
_refine_hist.number_atoms_total               1000 
_refine_hist.d_res_high                       2.1 
_refine_hist.d_res_low                        20.0 
# 
loop_
_refine_ls_restr.type 
_refine_ls_restr.dev_ideal 
_refine_ls_restr.dev_ideal_target 
_refine_ls_restr.weight 
_refine_ls_restr.number 
_refine_ls_restr.pdbx_refine_id 
_refine_ls_restr.pdbx_restraint_function 
c_bond_d                0.01 ?    ? ? 'X-RAY DIFFRACTION' ? 
c_bond_d_na             ?    ?    ? ? 'X-RAY DIFFRACTION' ? 
c_bond_d_prot           ?    ?    ? ? 'X-RAY DIFFRACTION' ? 
c_angle_d               ?    ?    ? ? 'X-RAY DIFFRACTION' ? 
c_angle_d_na            ?    ?    ? ? 'X-RAY DIFFRACTION' ? 
c_angle_d_prot          ?    ?    ? ? 'X-RAY DIFFRACTION' ? 
c_angle_deg             1.3  ?    ? ? 'X-RAY DIFFRACTION' ? 
c_angle_deg_na          ?    ?    ? ? 'X-RAY DIFFRACTION' ? 
c_angle_deg_prot        ?    ?    ? ? 'X-RAY DIFFRACTION' ? 
c_dihedral_angle_d      22.7 ?    ? ? 'X-RAY DIFFRACTION' ? 
c_dihedral_angle_d_na   ?    ?    ? ? 'X-RAY DIFFRACTION' ? 
c_dihedral_angle_d_prot ?    ?    ? ? 'X-RAY DIFFRACTION' ? 
c_improper_angle_d      0.91 ?    ? ? 'X-RAY DIFFRACTION' ? 
c_improper_angle_d_na   ?    ?    ? ? 'X-RAY DIFFRACTION' ? 
c_improper_angle_d_prot ?    ?    ? ? 'X-RAY DIFFRACTION' ? 
c_mcbond_it             1.10 1.50 ? ? 'X-RAY DIFFRACTION' ? 
c_mcangle_it            1.61 2.00 ? ? 'X-RAY DIFFRACTION' ? 
c_scbond_it             2.04 2.00 ? ? 'X-RAY DIFFRACTION' ? 
c_scangle_it            3.03 2.50 ? ? 'X-RAY DIFFRACTION' ? 
# 
_refine_ls_shell.pdbx_refine_id                   'X-RAY DIFFRACTION' 
_refine_ls_shell.pdbx_total_number_of_bins_used   6 
_refine_ls_shell.d_res_high                       2.1 
_refine_ls_shell.d_res_low                        2.23 
_refine_ls_shell.number_reflns_R_work             804 
_refine_ls_shell.R_factor_R_work                  0.209 
_refine_ls_shell.percent_reflns_obs               71 
_refine_ls_shell.R_factor_R_free                  0.297 
_refine_ls_shell.R_factor_R_free_error            0.029 
_refine_ls_shell.percent_reflns_R_free            11.3 
_refine_ls_shell.number_reflns_R_free             102 
_refine_ls_shell.number_reflns_all                ? 
_refine_ls_shell.R_factor_all                     ? 
# 
loop_
_pdbx_xplor_file.pdbx_refine_id 
_pdbx_xplor_file.serial_no 
_pdbx_xplor_file.param_file 
_pdbx_xplor_file.topol_file 
'X-RAY DIFFRACTION' 1 PROTEIN.PARAM PROTEIN.TOP 
'X-RAY DIFFRACTION' 2 CPG_NOH.PARAM CPG_NOH.TOP 
'X-RAY DIFFRACTION' 3 ION.PARAM     ION.TOP     
'X-RAY DIFFRACTION' 4 WATER.PARAM   WATER.TOP   
# 
_struct.entry_id                  1OJ1 
_struct.title                     
;Nonproductive and Novel Binding Modes in Cytotoxic Ribonucleases from Rana catesbeiana of Two Crystal Structures Complexed with (2,5 CpG) and d(ApCpGpA)
;
_struct.pdbx_model_details        ? 
_struct.pdbx_CASP_flag            ? 
_struct.pdbx_model_type_details   ? 
# 
_struct_keywords.entry_id        1OJ1 
_struct_keywords.pdbx_keywords   HYDROLASE 
_struct_keywords.text            'CYTOTOXIC RIBONUCLEASES, ANTI-TUMOR ACTIVITY, SIALIC BINDING AND NUCLEOTIDE BINDING, HYDROLASE' 
# 
loop_
_struct_asym.id 
_struct_asym.pdbx_blank_PDB_chainid_flag 
_struct_asym.pdbx_modified 
_struct_asym.entity_id 
_struct_asym.details 
A N N 1 ? 
B N N 2 ? 
C N N 3 ? 
D N N 4 ? 
# 
_struct_ref.id                         1 
_struct_ref.db_name                    UNP 
_struct_ref.db_code                    Q9DFY5 
_struct_ref.entity_id                  1 
_struct_ref.pdbx_seq_one_letter_code   ? 
_struct_ref.pdbx_align_begin           ? 
_struct_ref.pdbx_db_accession          Q9DFY5 
_struct_ref.pdbx_db_isoform            ? 
# 
_struct_ref_seq.align_id                      1 
_struct_ref_seq.ref_id                        1 
_struct_ref_seq.pdbx_PDB_id_code              1OJ1 
_struct_ref_seq.pdbx_strand_id                A 
_struct_ref_seq.seq_align_beg                 1 
_struct_ref_seq.pdbx_seq_align_beg_ins_code   ? 
_struct_ref_seq.seq_align_end                 105 
_struct_ref_seq.pdbx_seq_align_end_ins_code   ? 
_struct_ref_seq.pdbx_db_accession             Q9DFY5 
_struct_ref_seq.db_align_beg                  24 
_struct_ref_seq.pdbx_db_align_beg_ins_code    ? 
_struct_ref_seq.db_align_end                  128 
_struct_ref_seq.pdbx_db_align_end_ins_code    ? 
_struct_ref_seq.pdbx_auth_seq_align_beg       1 
_struct_ref_seq.pdbx_auth_seq_align_end       105 
# 
_struct_ref_seq_dif.align_id                     1 
_struct_ref_seq_dif.pdbx_pdb_id_code             1OJ1 
_struct_ref_seq_dif.mon_id                       ASN 
_struct_ref_seq_dif.pdbx_pdb_strand_id           A 
_struct_ref_seq_dif.seq_num                      53 
_struct_ref_seq_dif.pdbx_pdb_ins_code            ? 
_struct_ref_seq_dif.pdbx_seq_db_name             UNP 
_struct_ref_seq_dif.pdbx_seq_db_accession_code   Q9DFY5 
_struct_ref_seq_dif.db_mon_id                    ASP 
_struct_ref_seq_dif.pdbx_seq_db_seq_num          76 
_struct_ref_seq_dif.details                      conflict 
_struct_ref_seq_dif.pdbx_auth_seq_num            53 
_struct_ref_seq_dif.pdbx_ordinal                 1 
# 
_pdbx_struct_assembly.id                   1 
_pdbx_struct_assembly.details              author_and_software_defined_assembly 
_pdbx_struct_assembly.method_details       PQS 
_pdbx_struct_assembly.oligomeric_details   monomeric 
_pdbx_struct_assembly.oligomeric_count     1 
# 
_pdbx_struct_assembly_gen.assembly_id       1 
_pdbx_struct_assembly_gen.oper_expression   1 
_pdbx_struct_assembly_gen.asym_id_list      A,B,C,D 
# 
_pdbx_struct_oper_list.id                   1 
_pdbx_struct_oper_list.type                 'identity operation' 
_pdbx_struct_oper_list.name                 1_555 
_pdbx_struct_oper_list.symmetry_operation   x,y,z 
_pdbx_struct_oper_list.matrix[1][1]         1.0000000000 
_pdbx_struct_oper_list.matrix[1][2]         0.0000000000 
_pdbx_struct_oper_list.matrix[1][3]         0.0000000000 
_pdbx_struct_oper_list.vector[1]            0.0000000000 
_pdbx_struct_oper_list.matrix[2][1]         0.0000000000 
_pdbx_struct_oper_list.matrix[2][2]         1.0000000000 
_pdbx_struct_oper_list.matrix[2][3]         0.0000000000 
_pdbx_struct_oper_list.vector[2]            0.0000000000 
_pdbx_struct_oper_list.matrix[3][1]         0.0000000000 
_pdbx_struct_oper_list.matrix[3][2]         0.0000000000 
_pdbx_struct_oper_list.matrix[3][3]         1.0000000000 
_pdbx_struct_oper_list.vector[3]            0.0000000000 
# 
_struct_biol.id   1 
# 
loop_
_struct_conf.conf_type_id 
_struct_conf.id 
_struct_conf.pdbx_PDB_helix_id 
_struct_conf.beg_label_comp_id 
_struct_conf.beg_label_asym_id 
_struct_conf.beg_label_seq_id 
_struct_conf.pdbx_beg_PDB_ins_code 
_struct_conf.end_label_comp_id 
_struct_conf.end_label_asym_id 
_struct_conf.end_label_seq_id 
_struct_conf.pdbx_end_PDB_ins_code 
_struct_conf.beg_auth_comp_id 
_struct_conf.beg_auth_asym_id 
_struct_conf.beg_auth_seq_id 
_struct_conf.end_auth_comp_id 
_struct_conf.end_auth_asym_id 
_struct_conf.end_auth_seq_id 
_struct_conf.pdbx_PDB_helix_class 
_struct_conf.details 
_struct_conf.pdbx_PDB_helix_length 
HELX_P HELX_P1 1 ASP A 2  ? HIS A 10 ? ASP A 2  HIS A 10 1 ? 9 
HELX_P HELX_P2 2 LYS A 18 ? MET A 23 ? LYS A 18 MET A 23 1 ? 6 
HELX_P HELX_P3 3 ARG A 40 ? LEU A 47 ? ARG A 40 LEU A 47 1 ? 8 
# 
_struct_conf_type.id          HELX_P 
_struct_conf_type.criteria    ? 
_struct_conf_type.reference   ? 
# 
loop_
_struct_conn.id 
_struct_conn.conn_type_id 
_struct_conn.pdbx_leaving_atom_flag 
_struct_conn.pdbx_PDB_id 
_struct_conn.ptnr1_label_asym_id 
_struct_conn.ptnr1_label_comp_id 
_struct_conn.ptnr1_label_seq_id 
_struct_conn.ptnr1_label_atom_id 
_struct_conn.pdbx_ptnr1_label_alt_id 
_struct_conn.pdbx_ptnr1_PDB_ins_code 
_struct_conn.pdbx_ptnr1_standard_comp_id 
_struct_conn.ptnr1_symmetry 
_struct_conn.ptnr2_label_asym_id 
_struct_conn.ptnr2_label_comp_id 
_struct_conn.ptnr2_label_seq_id 
_struct_conn.ptnr2_label_atom_id 
_struct_conn.pdbx_ptnr2_label_alt_id 
_struct_conn.pdbx_ptnr2_PDB_ins_code 
_struct_conn.ptnr1_auth_asym_id 
_struct_conn.ptnr1_auth_comp_id 
_struct_conn.ptnr1_auth_seq_id 
_struct_conn.ptnr2_auth_asym_id 
_struct_conn.ptnr2_auth_comp_id 
_struct_conn.ptnr2_auth_seq_id 
_struct_conn.ptnr2_symmetry 
_struct_conn.pdbx_ptnr3_label_atom_id 
_struct_conn.pdbx_ptnr3_label_seq_id 
_struct_conn.pdbx_ptnr3_label_comp_id 
_struct_conn.pdbx_ptnr3_label_asym_id 
_struct_conn.pdbx_ptnr3_label_alt_id 
_struct_conn.pdbx_ptnr3_PDB_ins_code 
_struct_conn.details 
_struct_conn.pdbx_dist_value 
_struct_conn.pdbx_value_order 
_struct_conn.pdbx_role 
disulf1 disulf ?    ? A CYS 19 SG ? ? ? 1_555 A CYS 68  SG ? ? A CYS 19 A CYS 68  1_555 ? ? ? ? ? ? ? 2.029 ? ? 
disulf2 disulf ?    ? A CYS 30 SG ? ? ? 1_555 A CYS 75  SG ? ? A CYS 30 A CYS 75  1_555 ? ? ? ? ? ? ? 2.031 ? ? 
disulf3 disulf ?    ? A CYS 48 SG ? ? ? 1_555 A CYS 90  SG ? ? A CYS 48 A CYS 90  1_555 ? ? ? ? ? ? ? 2.029 ? ? 
disulf4 disulf ?    ? A CYS 87 SG ? ? ? 1_555 A CYS 104 SG ? ? A CYS 87 A CYS 104 1_555 ? ? ? ? ? ? ? 2.032 ? ? 
covale1 covale both ? A PCA 1  C  ? ? ? 1_555 A ASP 2   N  ? ? A PCA 1  A ASP 2   1_555 ? ? ? ? ? ? ? 1.332 ? ? 
# 
loop_
_struct_conn_type.id 
_struct_conn_type.criteria 
_struct_conn_type.reference 
disulf ? ? 
covale ? ? 
# 
loop_
_pdbx_modification_feature.ordinal 
_pdbx_modification_feature.label_comp_id 
_pdbx_modification_feature.label_asym_id 
_pdbx_modification_feature.label_seq_id 
_pdbx_modification_feature.label_alt_id 
_pdbx_modification_feature.modified_residue_label_comp_id 
_pdbx_modification_feature.modified_residue_label_asym_id 
_pdbx_modification_feature.modified_residue_label_seq_id 
_pdbx_modification_feature.modified_residue_label_alt_id 
_pdbx_modification_feature.auth_comp_id 
_pdbx_modification_feature.auth_asym_id 
_pdbx_modification_feature.auth_seq_id 
_pdbx_modification_feature.PDB_ins_code 
_pdbx_modification_feature.symmetry 
_pdbx_modification_feature.modified_residue_auth_comp_id 
_pdbx_modification_feature.modified_residue_auth_asym_id 
_pdbx_modification_feature.modified_residue_auth_seq_id 
_pdbx_modification_feature.modified_residue_PDB_ins_code 
_pdbx_modification_feature.modified_residue_symmetry 
_pdbx_modification_feature.comp_id_linking_atom 
_pdbx_modification_feature.modified_residue_id_linking_atom 
_pdbx_modification_feature.modified_residue_id 
_pdbx_modification_feature.ref_pcm_id 
_pdbx_modification_feature.ref_comp_id 
_pdbx_modification_feature.type 
_pdbx_modification_feature.category 
1 PCA A 1  ? .   . .   . PCA A 1  ? 1_555 .   . .   . .     .  .  GLN 1 PCA 'Pyrrolidone carboxylic acid' 
'Named protein modification' 
2 CYS A 19 ? CYS A 68  ? CYS A 19 ? 1_555 CYS A 68  ? 1_555 SG SG .   . .   None                          'Disulfide bridge' 
3 CYS A 30 ? CYS A 75  ? CYS A 30 ? 1_555 CYS A 75  ? 1_555 SG SG .   . .   None                          'Disulfide bridge' 
4 CYS A 48 ? CYS A 90  ? CYS A 48 ? 1_555 CYS A 90  ? 1_555 SG SG .   . .   None                          'Disulfide bridge' 
5 CYS A 87 ? CYS A 104 ? CYS A 87 ? 1_555 CYS A 104 ? 1_555 SG SG .   . .   None                          'Disulfide bridge' 
# 
_struct_mon_prot_cis.pdbx_id                1 
_struct_mon_prot_cis.label_comp_id          LEU 
_struct_mon_prot_cis.label_seq_id           73 
_struct_mon_prot_cis.label_asym_id          A 
_struct_mon_prot_cis.label_alt_id           . 
_struct_mon_prot_cis.pdbx_PDB_ins_code      ? 
_struct_mon_prot_cis.auth_comp_id           LEU 
_struct_mon_prot_cis.auth_seq_id            73 
_struct_mon_prot_cis.auth_asym_id           A 
_struct_mon_prot_cis.pdbx_label_comp_id_2   PRO 
_struct_mon_prot_cis.pdbx_label_seq_id_2    74 
_struct_mon_prot_cis.pdbx_label_asym_id_2   A 
_struct_mon_prot_cis.pdbx_PDB_ins_code_2    ? 
_struct_mon_prot_cis.pdbx_auth_comp_id_2    PRO 
_struct_mon_prot_cis.pdbx_auth_seq_id_2     74 
_struct_mon_prot_cis.pdbx_auth_asym_id_2    A 
_struct_mon_prot_cis.pdbx_PDB_model_num     1 
_struct_mon_prot_cis.pdbx_omega_angle       0.54 
# 
loop_
_struct_sheet.id 
_struct_sheet.type 
_struct_sheet.number_strands 
_struct_sheet.details 
AA ? 2 ? 
AB ? 3 ? 
AC ? 3 ? 
AD ? 2 ? 
# 
loop_
_struct_sheet_order.sheet_id 
_struct_sheet_order.range_id_1 
_struct_sheet_order.range_id_2 
_struct_sheet_order.offset 
_struct_sheet_order.sense 
AA 1 2 ? parallel      
AB 1 2 ? anti-parallel 
AB 2 3 ? anti-parallel 
AC 1 2 ? anti-parallel 
AC 2 3 ? anti-parallel 
AD 1 2 ? anti-parallel 
# 
loop_
_struct_sheet_range.sheet_id 
_struct_sheet_range.id 
_struct_sheet_range.beg_label_comp_id 
_struct_sheet_range.beg_label_asym_id 
_struct_sheet_range.beg_label_seq_id 
_struct_sheet_range.pdbx_beg_PDB_ins_code 
_struct_sheet_range.end_label_comp_id 
_struct_sheet_range.end_label_asym_id 
_struct_sheet_range.end_label_seq_id 
_struct_sheet_range.pdbx_end_PDB_ins_code 
_struct_sheet_range.beg_auth_comp_id 
_struct_sheet_range.beg_auth_asym_id 
_struct_sheet_range.beg_auth_seq_id 
_struct_sheet_range.end_auth_comp_id 
_struct_sheet_range.end_auth_asym_id 
_struct_sheet_range.end_auth_seq_id 
AA 1 LEU A 11 ? THR A 12  ? LEU A 11 THR A 12  
AA 2 ILE A 37 ? PHE A 38  ? ILE A 37 PHE A 38  
AB 1 THR A 33 ? THR A 35  ? THR A 33 THR A 35  
AB 2 GLN A 67 ? LYS A 72  ? GLN A 67 LYS A 72  
AB 3 HIS A 76 ? ASP A 80  ? HIS A 76 ASP A 80  
AC 1 THR A 55 ? LEU A 58  ? THR A 55 LEU A 58  
AC 2 ILE A 86 ? MET A 91  ? ILE A 86 MET A 91  
AC 3 LEU A 94 ? VAL A 101 ? LEU A 94 VAL A 101 
AD 1 PHE A 63 ? TYR A 64  ? PHE A 63 TYR A 64  
AD 2 THR A 83 ? ASN A 84  ? THR A 83 ASN A 84  
# 
loop_
_pdbx_struct_sheet_hbond.sheet_id 
_pdbx_struct_sheet_hbond.range_id_1 
_pdbx_struct_sheet_hbond.range_id_2 
_pdbx_struct_sheet_hbond.range_1_label_atom_id 
_pdbx_struct_sheet_hbond.range_1_label_comp_id 
_pdbx_struct_sheet_hbond.range_1_label_asym_id 
_pdbx_struct_sheet_hbond.range_1_label_seq_id 
_pdbx_struct_sheet_hbond.range_1_PDB_ins_code 
_pdbx_struct_sheet_hbond.range_1_auth_atom_id 
_pdbx_struct_sheet_hbond.range_1_auth_comp_id 
_pdbx_struct_sheet_hbond.range_1_auth_asym_id 
_pdbx_struct_sheet_hbond.range_1_auth_seq_id 
_pdbx_struct_sheet_hbond.range_2_label_atom_id 
_pdbx_struct_sheet_hbond.range_2_label_comp_id 
_pdbx_struct_sheet_hbond.range_2_label_asym_id 
_pdbx_struct_sheet_hbond.range_2_label_seq_id 
_pdbx_struct_sheet_hbond.range_2_PDB_ins_code 
_pdbx_struct_sheet_hbond.range_2_auth_atom_id 
_pdbx_struct_sheet_hbond.range_2_auth_comp_id 
_pdbx_struct_sheet_hbond.range_2_auth_asym_id 
_pdbx_struct_sheet_hbond.range_2_auth_seq_id 
AA 1 2 N THR A 12 ? N THR A 12 O ILE A 37 ? O ILE A 37 
AB 1 2 N ASN A 34 ? N ASN A 34 O CYS A 68 ? O CYS A 68 
AB 2 3 N LYS A 71 ? N LYS A 71 O HIS A 76 ? O HIS A 76 
AC 1 2 N VAL A 57 ? N VAL A 57 O LEU A 88 ? O LEU A 88 
AC 2 3 N MET A 91 ? N MET A 91 O LEU A 94 ? O LEU A 94 
AD 1 2 N PHE A 63 ? N PHE A 63 O ASN A 84 ? O ASN A 84 
# 
loop_
_struct_site.id 
_struct_site.pdbx_evidence_code 
_struct_site.pdbx_auth_asym_id 
_struct_site.pdbx_auth_comp_id 
_struct_site.pdbx_auth_seq_id 
_struct_site.pdbx_auth_ins_code 
_struct_site.pdbx_num_residues 
_struct_site.details 
AC1 Software ? ? ? ? 6  'BINDING SITE FOR RESIDUE SO4 A1107' 
AC2 Software ? ? ? ? 13 'BINDING SITE FOR RESIDUE CG2 A1106' 
# 
loop_
_struct_site_gen.id 
_struct_site_gen.site_id 
_struct_site_gen.pdbx_num_res 
_struct_site_gen.label_comp_id 
_struct_site_gen.label_asym_id 
_struct_site_gen.label_seq_id 
_struct_site_gen.pdbx_auth_ins_code 
_struct_site_gen.auth_comp_id 
_struct_site_gen.auth_asym_id 
_struct_site_gen.auth_seq_id 
_struct_site_gen.label_atom_id 
_struct_site_gen.label_alt_id 
_struct_site_gen.symmetry 
_struct_site_gen.details 
1  AC1 6  LYS A 9   ? LYS A 9    . ? 1_555 ? 
2  AC1 6  HIS A 10  ? HIS A 10   . ? 1_555 ? 
3  AC1 6  PHE A 98  ? PHE A 98   . ? 1_555 ? 
4  AC1 6  CG2 B .   ? CG2 A 1106 . ? 1_555 ? 
5  AC1 6  HOH D .   ? HOH A 2101 . ? 1_555 ? 
6  AC1 6  HOH D .   ? HOH A 2107 . ? 1_555 ? 
7  AC2 13 HIS A 10  ? HIS A 10   . ? 1_555 ? 
8  AC2 13 ASN A 34  ? ASN A 34   . ? 1_555 ? 
9  AC2 13 THR A 35  ? THR A 35   . ? 1_555 ? 
10 AC2 13 LYS A 49  ? LYS A 49   . ? 1_555 ? 
11 AC2 13 ASN A 50  ? ASN A 50   . ? 1_555 ? 
12 AC2 13 GLN A 67  ? GLN A 67   . ? 1_555 ? 
13 AC2 13 ASN A 69  ? ASN A 69   . ? 1_555 ? 
14 AC2 13 PHE A 98  ? PHE A 98   . ? 1_555 ? 
15 AC2 13 ALA A 99  ? ALA A 99   . ? 1_555 ? 
16 AC2 13 GLY A 100 ? GLY A 100  . ? 1_555 ? 
17 AC2 13 VAL A 101 ? VAL A 101  . ? 1_555 ? 
18 AC2 13 SO4 C .   ? SO4 A 1107 . ? 1_555 ? 
19 AC2 13 HOH D .   ? HOH A 2106 . ? 1_555 ? 
# 
_pdbx_entry_details.entry_id                   1OJ1 
_pdbx_entry_details.compound_details           ? 
_pdbx_entry_details.source_details             ? 
_pdbx_entry_details.nonpolymer_details         ? 
_pdbx_entry_details.sequence_details           ? 
_pdbx_entry_details.has_ligand_of_interest     ? 
_pdbx_entry_details.has_protein_modification   Y 
# 
loop_
_pdbx_validate_torsion.id 
_pdbx_validate_torsion.PDB_model_num 
_pdbx_validate_torsion.auth_comp_id 
_pdbx_validate_torsion.auth_asym_id 
_pdbx_validate_torsion.auth_seq_id 
_pdbx_validate_torsion.PDB_ins_code 
_pdbx_validate_torsion.label_alt_id 
_pdbx_validate_torsion.phi 
_pdbx_validate_torsion.psi 
1 1 LYS A 16 ? ? -100.18 78.70 
2 1 CYS A 75 ? ? -149.84 47.90 
# 
_pdbx_struct_mod_residue.id               1 
_pdbx_struct_mod_residue.label_asym_id    A 
_pdbx_struct_mod_residue.label_comp_id    PCA 
_pdbx_struct_mod_residue.label_seq_id     1 
_pdbx_struct_mod_residue.auth_asym_id     A 
_pdbx_struct_mod_residue.auth_comp_id     PCA 
_pdbx_struct_mod_residue.auth_seq_id      1 
_pdbx_struct_mod_residue.PDB_ins_code     ? 
_pdbx_struct_mod_residue.parent_comp_id   GLU 
_pdbx_struct_mod_residue.details          'PYROGLUTAMIC ACID' 
# 
loop_
_pdbx_distant_solvent_atoms.id 
_pdbx_distant_solvent_atoms.PDB_model_num 
_pdbx_distant_solvent_atoms.auth_atom_id 
_pdbx_distant_solvent_atoms.label_alt_id 
_pdbx_distant_solvent_atoms.auth_asym_id 
_pdbx_distant_solvent_atoms.auth_comp_id 
_pdbx_distant_solvent_atoms.auth_seq_id 
_pdbx_distant_solvent_atoms.PDB_ins_code 
_pdbx_distant_solvent_atoms.neighbor_macromolecule_distance 
_pdbx_distant_solvent_atoms.neighbor_ligand_distance 
1 1 O ? A HOH 2004 ? .    9.22 
2 1 O ? A HOH 2013 ? .    6.62 
3 1 O ? A HOH 2014 ? 7.26 .    
4 1 O ? A HOH 2029 ? 6.47 .    
# 
loop_
_chem_comp_atom.comp_id 
_chem_comp_atom.atom_id 
_chem_comp_atom.type_symbol 
_chem_comp_atom.pdbx_aromatic_flag 
_chem_comp_atom.pdbx_stereo_config 
_chem_comp_atom.pdbx_ordinal 
ALA N      N N N 1   
ALA CA     C N S 2   
ALA C      C N N 3   
ALA O      O N N 4   
ALA CB     C N N 5   
ALA OXT    O N N 6   
ALA H      H N N 7   
ALA H2     H N N 8   
ALA HA     H N N 9   
ALA HB1    H N N 10  
ALA HB2    H N N 11  
ALA HB3    H N N 12  
ALA HXT    H N N 13  
ARG N      N N N 14  
ARG CA     C N S 15  
ARG C      C N N 16  
ARG O      O N N 17  
ARG CB     C N N 18  
ARG CG     C N N 19  
ARG CD     C N N 20  
ARG NE     N N N 21  
ARG CZ     C N N 22  
ARG NH1    N N N 23  
ARG NH2    N N N 24  
ARG OXT    O N N 25  
ARG H      H N N 26  
ARG H2     H N N 27  
ARG HA     H N N 28  
ARG HB2    H N N 29  
ARG HB3    H N N 30  
ARG HG2    H N N 31  
ARG HG3    H N N 32  
ARG HD2    H N N 33  
ARG HD3    H N N 34  
ARG HE     H N N 35  
ARG HH11   H N N 36  
ARG HH12   H N N 37  
ARG HH21   H N N 38  
ARG HH22   H N N 39  
ARG HXT    H N N 40  
ASN N      N N N 41  
ASN CA     C N S 42  
ASN C      C N N 43  
ASN O      O N N 44  
ASN CB     C N N 45  
ASN CG     C N N 46  
ASN OD1    O N N 47  
ASN ND2    N N N 48  
ASN OXT    O N N 49  
ASN H      H N N 50  
ASN H2     H N N 51  
ASN HA     H N N 52  
ASN HB2    H N N 53  
ASN HB3    H N N 54  
ASN HD21   H N N 55  
ASN HD22   H N N 56  
ASN HXT    H N N 57  
ASP N      N N N 58  
ASP CA     C N S 59  
ASP C      C N N 60  
ASP O      O N N 61  
ASP CB     C N N 62  
ASP CG     C N N 63  
ASP OD1    O N N 64  
ASP OD2    O N N 65  
ASP OXT    O N N 66  
ASP H      H N N 67  
ASP H2     H N N 68  
ASP HA     H N N 69  
ASP HB2    H N N 70  
ASP HB3    H N N 71  
ASP HD2    H N N 72  
ASP HXT    H N N 73  
CG2 N1G    N N N 74  
CG2 C2G    C N N 75  
CG2 N2G    N N N 76  
CG2 N3G    N N N 77  
CG2 C4G    C Y N 78  
CG2 C5G    C Y N 79  
CG2 C6G    C N N 80  
CG2 O6G    O N N 81  
CG2 N7G    N Y N 82  
CG2 C8G    C Y N 83  
CG2 N9G    N Y N 84  
CG2 "CA'"  C N R 85  
CG2 "CB'"  C N R 86  
CG2 "OB'"  O N N 87  
CG2 "CC'"  C N S 88  
CG2 "OC'"  O N N 89  
CG2 "CD'"  C N R 90  
CG2 "OD'"  O N N 91  
CG2 "CE'"  C N N 92  
CG2 "OE'"  O N N 93  
CG2 P      P N R 94  
CG2 O1P    O N N 95  
CG2 O2P    O N N 96  
CG2 "O5'"  O N N 97  
CG2 "C5'"  C N N 98  
CG2 "C4'"  C N R 99  
CG2 "O4'"  O N N 100 
CG2 "C3'"  C N R 101 
CG2 "O3'"  O N N 102 
CG2 "C2'"  C N R 103 
CG2 "O2'"  O N N 104 
CG2 "C1'"  C N R 105 
CG2 N1U    N N N 106 
CG2 C2U    C N N 107 
CG2 O2U    O N N 108 
CG2 N3U    N N N 109 
CG2 C4U    C N N 110 
CG2 C5U    C N N 111 
CG2 C6U    C N N 112 
CG2 N4C    N N N 113 
CG2 HNG1   H N N 114 
CG2 H2G1   H N N 115 
CG2 H2G2   H N N 116 
CG2 H8G    H N N 117 
CG2 "HC'"  H N N 118 
CG2 HCA    H N N 119 
CG2 "HO'"  H N N 120 
CG2 HCB    H N N 121 
CG2 HOA    H N N 122 
CG2 HCC    H N N 123 
CG2 "HC'1" H N N 124 
CG2 "HC'2" H N N 125 
CG2 H2P    H N N 126 
CG2 HOB    H N N 127 
CG2 HCA1   H N N 128 
CG2 HCA2   H N N 129 
CG2 HCD    H N N 130 
CG2 HCE    H N N 131 
CG2 HOC    H N N 132 
CG2 HCG    H N N 133 
CG2 HCF    H N N 134 
CG2 H5U    H N N 135 
CG2 H6U    H N N 136 
CG2 H4C1   H N N 137 
CG2 H4C2   H N N 138 
CYS N      N N N 139 
CYS CA     C N R 140 
CYS C      C N N 141 
CYS O      O N N 142 
CYS CB     C N N 143 
CYS SG     S N N 144 
CYS OXT    O N N 145 
CYS H      H N N 146 
CYS H2     H N N 147 
CYS HA     H N N 148 
CYS HB2    H N N 149 
CYS HB3    H N N 150 
CYS HG     H N N 151 
CYS HXT    H N N 152 
GLN N      N N N 153 
GLN CA     C N S 154 
GLN C      C N N 155 
GLN O      O N N 156 
GLN CB     C N N 157 
GLN CG     C N N 158 
GLN CD     C N N 159 
GLN OE1    O N N 160 
GLN NE2    N N N 161 
GLN OXT    O N N 162 
GLN H      H N N 163 
GLN H2     H N N 164 
GLN HA     H N N 165 
GLN HB2    H N N 166 
GLN HB3    H N N 167 
GLN HG2    H N N 168 
GLN HG3    H N N 169 
GLN HE21   H N N 170 
GLN HE22   H N N 171 
GLN HXT    H N N 172 
GLU N      N N N 173 
GLU CA     C N S 174 
GLU C      C N N 175 
GLU O      O N N 176 
GLU CB     C N N 177 
GLU CG     C N N 178 
GLU CD     C N N 179 
GLU OE1    O N N 180 
GLU OE2    O N N 181 
GLU OXT    O N N 182 
GLU H      H N N 183 
GLU H2     H N N 184 
GLU HA     H N N 185 
GLU HB2    H N N 186 
GLU HB3    H N N 187 
GLU HG2    H N N 188 
GLU HG3    H N N 189 
GLU HE2    H N N 190 
GLU HXT    H N N 191 
GLY N      N N N 192 
GLY CA     C N N 193 
GLY C      C N N 194 
GLY O      O N N 195 
GLY OXT    O N N 196 
GLY H      H N N 197 
GLY H2     H N N 198 
GLY HA2    H N N 199 
GLY HA3    H N N 200 
GLY HXT    H N N 201 
HIS N      N N N 202 
HIS CA     C N S 203 
HIS C      C N N 204 
HIS O      O N N 205 
HIS CB     C N N 206 
HIS CG     C Y N 207 
HIS ND1    N Y N 208 
HIS CD2    C Y N 209 
HIS CE1    C Y N 210 
HIS NE2    N Y N 211 
HIS OXT    O N N 212 
HIS H      H N N 213 
HIS H2     H N N 214 
HIS HA     H N N 215 
HIS HB2    H N N 216 
HIS HB3    H N N 217 
HIS HD1    H N N 218 
HIS HD2    H N N 219 
HIS HE1    H N N 220 
HIS HE2    H N N 221 
HIS HXT    H N N 222 
HOH O      O N N 223 
HOH H1     H N N 224 
HOH H2     H N N 225 
ILE N      N N N 226 
ILE CA     C N S 227 
ILE C      C N N 228 
ILE O      O N N 229 
ILE CB     C N S 230 
ILE CG1    C N N 231 
ILE CG2    C N N 232 
ILE CD1    C N N 233 
ILE OXT    O N N 234 
ILE H      H N N 235 
ILE H2     H N N 236 
ILE HA     H N N 237 
ILE HB     H N N 238 
ILE HG12   H N N 239 
ILE HG13   H N N 240 
ILE HG21   H N N 241 
ILE HG22   H N N 242 
ILE HG23   H N N 243 
ILE HD11   H N N 244 
ILE HD12   H N N 245 
ILE HD13   H N N 246 
ILE HXT    H N N 247 
LEU N      N N N 248 
LEU CA     C N S 249 
LEU C      C N N 250 
LEU O      O N N 251 
LEU CB     C N N 252 
LEU CG     C N N 253 
LEU CD1    C N N 254 
LEU CD2    C N N 255 
LEU OXT    O N N 256 
LEU H      H N N 257 
LEU H2     H N N 258 
LEU HA     H N N 259 
LEU HB2    H N N 260 
LEU HB3    H N N 261 
LEU HG     H N N 262 
LEU HD11   H N N 263 
LEU HD12   H N N 264 
LEU HD13   H N N 265 
LEU HD21   H N N 266 
LEU HD22   H N N 267 
LEU HD23   H N N 268 
LEU HXT    H N N 269 
LYS N      N N N 270 
LYS CA     C N S 271 
LYS C      C N N 272 
LYS O      O N N 273 
LYS CB     C N N 274 
LYS CG     C N N 275 
LYS CD     C N N 276 
LYS CE     C N N 277 
LYS NZ     N N N 278 
LYS OXT    O N N 279 
LYS H      H N N 280 
LYS H2     H N N 281 
LYS HA     H N N 282 
LYS HB2    H N N 283 
LYS HB3    H N N 284 
LYS HG2    H N N 285 
LYS HG3    H N N 286 
LYS HD2    H N N 287 
LYS HD3    H N N 288 
LYS HE2    H N N 289 
LYS HE3    H N N 290 
LYS HZ1    H N N 291 
LYS HZ2    H N N 292 
LYS HZ3    H N N 293 
LYS HXT    H N N 294 
MET N      N N N 295 
MET CA     C N S 296 
MET C      C N N 297 
MET O      O N N 298 
MET CB     C N N 299 
MET CG     C N N 300 
MET SD     S N N 301 
MET CE     C N N 302 
MET OXT    O N N 303 
MET H      H N N 304 
MET H2     H N N 305 
MET HA     H N N 306 
MET HB2    H N N 307 
MET HB3    H N N 308 
MET HG2    H N N 309 
MET HG3    H N N 310 
MET HE1    H N N 311 
MET HE2    H N N 312 
MET HE3    H N N 313 
MET HXT    H N N 314 
PCA N      N N N 315 
PCA CA     C N S 316 
PCA CB     C N N 317 
PCA CG     C N N 318 
PCA CD     C N N 319 
PCA OE     O N N 320 
PCA C      C N N 321 
PCA O      O N N 322 
PCA OXT    O N N 323 
PCA H      H N N 324 
PCA HA     H N N 325 
PCA HB2    H N N 326 
PCA HB3    H N N 327 
PCA HG2    H N N 328 
PCA HG3    H N N 329 
PCA HXT    H N N 330 
PHE N      N N N 331 
PHE CA     C N S 332 
PHE C      C N N 333 
PHE O      O N N 334 
PHE CB     C N N 335 
PHE CG     C Y N 336 
PHE CD1    C Y N 337 
PHE CD2    C Y N 338 
PHE CE1    C Y N 339 
PHE CE2    C Y N 340 
PHE CZ     C Y N 341 
PHE OXT    O N N 342 
PHE H      H N N 343 
PHE H2     H N N 344 
PHE HA     H N N 345 
PHE HB2    H N N 346 
PHE HB3    H N N 347 
PHE HD1    H N N 348 
PHE HD2    H N N 349 
PHE HE1    H N N 350 
PHE HE2    H N N 351 
PHE HZ     H N N 352 
PHE HXT    H N N 353 
PRO N      N N N 354 
PRO CA     C N S 355 
PRO C      C N N 356 
PRO O      O N N 357 
PRO CB     C N N 358 
PRO CG     C N N 359 
PRO CD     C N N 360 
PRO OXT    O N N 361 
PRO H      H N N 362 
PRO HA     H N N 363 
PRO HB2    H N N 364 
PRO HB3    H N N 365 
PRO HG2    H N N 366 
PRO HG3    H N N 367 
PRO HD2    H N N 368 
PRO HD3    H N N 369 
PRO HXT    H N N 370 
SER N      N N N 371 
SER CA     C N S 372 
SER C      C N N 373 
SER O      O N N 374 
SER CB     C N N 375 
SER OG     O N N 376 
SER OXT    O N N 377 
SER H      H N N 378 
SER H2     H N N 379 
SER HA     H N N 380 
SER HB2    H N N 381 
SER HB3    H N N 382 
SER HG     H N N 383 
SER HXT    H N N 384 
SO4 S      S N N 385 
SO4 O1     O N N 386 
SO4 O2     O N N 387 
SO4 O3     O N N 388 
SO4 O4     O N N 389 
THR N      N N N 390 
THR CA     C N S 391 
THR C      C N N 392 
THR O      O N N 393 
THR CB     C N R 394 
THR OG1    O N N 395 
THR CG2    C N N 396 
THR OXT    O N N 397 
THR H      H N N 398 
THR H2     H N N 399 
THR HA     H N N 400 
THR HB     H N N 401 
THR HG1    H N N 402 
THR HG21   H N N 403 
THR HG22   H N N 404 
THR HG23   H N N 405 
THR HXT    H N N 406 
TRP N      N N N 407 
TRP CA     C N S 408 
TRP C      C N N 409 
TRP O      O N N 410 
TRP CB     C N N 411 
TRP CG     C Y N 412 
TRP CD1    C Y N 413 
TRP CD2    C Y N 414 
TRP NE1    N Y N 415 
TRP CE2    C Y N 416 
TRP CE3    C Y N 417 
TRP CZ2    C Y N 418 
TRP CZ3    C Y N 419 
TRP CH2    C Y N 420 
TRP OXT    O N N 421 
TRP H      H N N 422 
TRP H2     H N N 423 
TRP HA     H N N 424 
TRP HB2    H N N 425 
TRP HB3    H N N 426 
TRP HD1    H N N 427 
TRP HE1    H N N 428 
TRP HE3    H N N 429 
TRP HZ2    H N N 430 
TRP HZ3    H N N 431 
TRP HH2    H N N 432 
TRP HXT    H N N 433 
TYR N      N N N 434 
TYR CA     C N S 435 
TYR C      C N N 436 
TYR O      O N N 437 
TYR CB     C N N 438 
TYR CG     C Y N 439 
TYR CD1    C Y N 440 
TYR CD2    C Y N 441 
TYR CE1    C Y N 442 
TYR CE2    C Y N 443 
TYR CZ     C Y N 444 
TYR OH     O N N 445 
TYR OXT    O N N 446 
TYR H      H N N 447 
TYR H2     H N N 448 
TYR HA     H N N 449 
TYR HB2    H N N 450 
TYR HB3    H N N 451 
TYR HD1    H N N 452 
TYR HD2    H N N 453 
TYR HE1    H N N 454 
TYR HE2    H N N 455 
TYR HH     H N N 456 
TYR HXT    H N N 457 
VAL N      N N N 458 
VAL CA     C N S 459 
VAL C      C N N 460 
VAL O      O N N 461 
VAL CB     C N N 462 
VAL CG1    C N N 463 
VAL CG2    C N N 464 
VAL OXT    O N N 465 
VAL H      H N N 466 
VAL H2     H N N 467 
VAL HA     H N N 468 
VAL HB     H N N 469 
VAL HG11   H N N 470 
VAL HG12   H N N 471 
VAL HG13   H N N 472 
VAL HG21   H N N 473 
VAL HG22   H N N 474 
VAL HG23   H N N 475 
VAL HXT    H N N 476 
# 
loop_
_chem_comp_bond.comp_id 
_chem_comp_bond.atom_id_1 
_chem_comp_bond.atom_id_2 
_chem_comp_bond.value_order 
_chem_comp_bond.pdbx_aromatic_flag 
_chem_comp_bond.pdbx_stereo_config 
_chem_comp_bond.pdbx_ordinal 
ALA N     CA     sing N N 1   
ALA N     H      sing N N 2   
ALA N     H2     sing N N 3   
ALA CA    C      sing N N 4   
ALA CA    CB     sing N N 5   
ALA CA    HA     sing N N 6   
ALA C     O      doub N N 7   
ALA C     OXT    sing N N 8   
ALA CB    HB1    sing N N 9   
ALA CB    HB2    sing N N 10  
ALA CB    HB3    sing N N 11  
ALA OXT   HXT    sing N N 12  
ARG N     CA     sing N N 13  
ARG N     H      sing N N 14  
ARG N     H2     sing N N 15  
ARG CA    C      sing N N 16  
ARG CA    CB     sing N N 17  
ARG CA    HA     sing N N 18  
ARG C     O      doub N N 19  
ARG C     OXT    sing N N 20  
ARG CB    CG     sing N N 21  
ARG CB    HB2    sing N N 22  
ARG CB    HB3    sing N N 23  
ARG CG    CD     sing N N 24  
ARG CG    HG2    sing N N 25  
ARG CG    HG3    sing N N 26  
ARG CD    NE     sing N N 27  
ARG CD    HD2    sing N N 28  
ARG CD    HD3    sing N N 29  
ARG NE    CZ     sing N N 30  
ARG NE    HE     sing N N 31  
ARG CZ    NH1    sing N N 32  
ARG CZ    NH2    doub N N 33  
ARG NH1   HH11   sing N N 34  
ARG NH1   HH12   sing N N 35  
ARG NH2   HH21   sing N N 36  
ARG NH2   HH22   sing N N 37  
ARG OXT   HXT    sing N N 38  
ASN N     CA     sing N N 39  
ASN N     H      sing N N 40  
ASN N     H2     sing N N 41  
ASN CA    C      sing N N 42  
ASN CA    CB     sing N N 43  
ASN CA    HA     sing N N 44  
ASN C     O      doub N N 45  
ASN C     OXT    sing N N 46  
ASN CB    CG     sing N N 47  
ASN CB    HB2    sing N N 48  
ASN CB    HB3    sing N N 49  
ASN CG    OD1    doub N N 50  
ASN CG    ND2    sing N N 51  
ASN ND2   HD21   sing N N 52  
ASN ND2   HD22   sing N N 53  
ASN OXT   HXT    sing N N 54  
ASP N     CA     sing N N 55  
ASP N     H      sing N N 56  
ASP N     H2     sing N N 57  
ASP CA    C      sing N N 58  
ASP CA    CB     sing N N 59  
ASP CA    HA     sing N N 60  
ASP C     O      doub N N 61  
ASP C     OXT    sing N N 62  
ASP CB    CG     sing N N 63  
ASP CB    HB2    sing N N 64  
ASP CB    HB3    sing N N 65  
ASP CG    OD1    doub N N 66  
ASP CG    OD2    sing N N 67  
ASP OD2   HD2    sing N N 68  
ASP OXT   HXT    sing N N 69  
CG2 N1G   C2G    sing N N 70  
CG2 N1G   C6G    sing N N 71  
CG2 N1G   HNG1   sing N N 72  
CG2 C2G   N2G    sing N N 73  
CG2 C2G   N3G    doub N N 74  
CG2 N2G   H2G1   sing N N 75  
CG2 N2G   H2G2   sing N N 76  
CG2 N3G   C4G    sing N N 77  
CG2 C4G   C5G    doub Y N 78  
CG2 C4G   N9G    sing Y N 79  
CG2 C5G   C6G    sing N N 80  
CG2 C5G   N7G    sing Y N 81  
CG2 C6G   O6G    doub N N 82  
CG2 N7G   C8G    doub Y N 83  
CG2 C8G   N9G    sing Y N 84  
CG2 C8G   H8G    sing N N 85  
CG2 N9G   "CA'"  sing N N 86  
CG2 "CA'" "CB'"  sing N N 87  
CG2 "CA'" "OD'"  sing N N 88  
CG2 "CA'" "HC'"  sing N N 89  
CG2 "CB'" "OB'"  sing N N 90  
CG2 "CB'" "CC'"  sing N N 91  
CG2 "CB'" HCA    sing N N 92  
CG2 "OB'" "HO'"  sing N N 93  
CG2 "CC'" "OC'"  sing N N 94  
CG2 "CC'" "CD'"  sing N N 95  
CG2 "CC'" HCB    sing N N 96  
CG2 "OC'" HOA    sing N N 97  
CG2 "CD'" "OD'"  sing N N 98  
CG2 "CD'" "CE'"  sing N N 99  
CG2 "CD'" HCC    sing N N 100 
CG2 "CE'" "OE'"  sing N N 101 
CG2 "CE'" "HC'1" sing N N 102 
CG2 "CE'" "HC'2" sing N N 103 
CG2 "OE'" P      sing N N 104 
CG2 P     O1P    doub N N 105 
CG2 P     O2P    sing N N 106 
CG2 P     "O2'"  sing N N 107 
CG2 O2P   H2P    sing N N 108 
CG2 "O5'" "C5'"  sing N N 109 
CG2 "O5'" HOB    sing N N 110 
CG2 "C5'" "C4'"  sing N N 111 
CG2 "C5'" HCA1   sing N N 112 
CG2 "C5'" HCA2   sing N N 113 
CG2 "C4'" "O4'"  sing N N 114 
CG2 "C4'" "C3'"  sing N N 115 
CG2 "C4'" HCD    sing N N 116 
CG2 "O4'" "C1'"  sing N N 117 
CG2 "C3'" "O3'"  sing N N 118 
CG2 "C3'" "C2'"  sing N N 119 
CG2 "C3'" HCE    sing N N 120 
CG2 "O3'" HOC    sing N N 121 
CG2 "C2'" "O2'"  sing N N 122 
CG2 "C2'" "C1'"  sing N N 123 
CG2 "C2'" HCG    sing N N 124 
CG2 "C1'" N1U    sing N N 125 
CG2 "C1'" HCF    sing N N 126 
CG2 N1U   C2U    sing N N 127 
CG2 N1U   C6U    sing N N 128 
CG2 C2U   O2U    doub N N 129 
CG2 C2U   N3U    sing N N 130 
CG2 N3U   C4U    doub N N 131 
CG2 C4U   C5U    sing N N 132 
CG2 C4U   N4C    sing N N 133 
CG2 C5U   C6U    doub N N 134 
CG2 C5U   H5U    sing N N 135 
CG2 C6U   H6U    sing N N 136 
CG2 N4C   H4C1   sing N N 137 
CG2 N4C   H4C2   sing N N 138 
CYS N     CA     sing N N 139 
CYS N     H      sing N N 140 
CYS N     H2     sing N N 141 
CYS CA    C      sing N N 142 
CYS CA    CB     sing N N 143 
CYS CA    HA     sing N N 144 
CYS C     O      doub N N 145 
CYS C     OXT    sing N N 146 
CYS CB    SG     sing N N 147 
CYS CB    HB2    sing N N 148 
CYS CB    HB3    sing N N 149 
CYS SG    HG     sing N N 150 
CYS OXT   HXT    sing N N 151 
GLN N     CA     sing N N 152 
GLN N     H      sing N N 153 
GLN N     H2     sing N N 154 
GLN CA    C      sing N N 155 
GLN CA    CB     sing N N 156 
GLN CA    HA     sing N N 157 
GLN C     O      doub N N 158 
GLN C     OXT    sing N N 159 
GLN CB    CG     sing N N 160 
GLN CB    HB2    sing N N 161 
GLN CB    HB3    sing N N 162 
GLN CG    CD     sing N N 163 
GLN CG    HG2    sing N N 164 
GLN CG    HG3    sing N N 165 
GLN CD    OE1    doub N N 166 
GLN CD    NE2    sing N N 167 
GLN NE2   HE21   sing N N 168 
GLN NE2   HE22   sing N N 169 
GLN OXT   HXT    sing N N 170 
GLU N     CA     sing N N 171 
GLU N     H      sing N N 172 
GLU N     H2     sing N N 173 
GLU CA    C      sing N N 174 
GLU CA    CB     sing N N 175 
GLU CA    HA     sing N N 176 
GLU C     O      doub N N 177 
GLU C     OXT    sing N N 178 
GLU CB    CG     sing N N 179 
GLU CB    HB2    sing N N 180 
GLU CB    HB3    sing N N 181 
GLU CG    CD     sing N N 182 
GLU CG    HG2    sing N N 183 
GLU CG    HG3    sing N N 184 
GLU CD    OE1    doub N N 185 
GLU CD    OE2    sing N N 186 
GLU OE2   HE2    sing N N 187 
GLU OXT   HXT    sing N N 188 
GLY N     CA     sing N N 189 
GLY N     H      sing N N 190 
GLY N     H2     sing N N 191 
GLY CA    C      sing N N 192 
GLY CA    HA2    sing N N 193 
GLY CA    HA3    sing N N 194 
GLY C     O      doub N N 195 
GLY C     OXT    sing N N 196 
GLY OXT   HXT    sing N N 197 
HIS N     CA     sing N N 198 
HIS N     H      sing N N 199 
HIS N     H2     sing N N 200 
HIS CA    C      sing N N 201 
HIS CA    CB     sing N N 202 
HIS CA    HA     sing N N 203 
HIS C     O      doub N N 204 
HIS C     OXT    sing N N 205 
HIS CB    CG     sing N N 206 
HIS CB    HB2    sing N N 207 
HIS CB    HB3    sing N N 208 
HIS CG    ND1    sing Y N 209 
HIS CG    CD2    doub Y N 210 
HIS ND1   CE1    doub Y N 211 
HIS ND1   HD1    sing N N 212 
HIS CD2   NE2    sing Y N 213 
HIS CD2   HD2    sing N N 214 
HIS CE1   NE2    sing Y N 215 
HIS CE1   HE1    sing N N 216 
HIS NE2   HE2    sing N N 217 
HIS OXT   HXT    sing N N 218 
HOH O     H1     sing N N 219 
HOH O     H2     sing N N 220 
ILE N     CA     sing N N 221 
ILE N     H      sing N N 222 
ILE N     H2     sing N N 223 
ILE CA    C      sing N N 224 
ILE CA    CB     sing N N 225 
ILE CA    HA     sing N N 226 
ILE C     O      doub N N 227 
ILE C     OXT    sing N N 228 
ILE CB    CG1    sing N N 229 
ILE CB    CG2    sing N N 230 
ILE CB    HB     sing N N 231 
ILE CG1   CD1    sing N N 232 
ILE CG1   HG12   sing N N 233 
ILE CG1   HG13   sing N N 234 
ILE CG2   HG21   sing N N 235 
ILE CG2   HG22   sing N N 236 
ILE CG2   HG23   sing N N 237 
ILE CD1   HD11   sing N N 238 
ILE CD1   HD12   sing N N 239 
ILE CD1   HD13   sing N N 240 
ILE OXT   HXT    sing N N 241 
LEU N     CA     sing N N 242 
LEU N     H      sing N N 243 
LEU N     H2     sing N N 244 
LEU CA    C      sing N N 245 
LEU CA    CB     sing N N 246 
LEU CA    HA     sing N N 247 
LEU C     O      doub N N 248 
LEU C     OXT    sing N N 249 
LEU CB    CG     sing N N 250 
LEU CB    HB2    sing N N 251 
LEU CB    HB3    sing N N 252 
LEU CG    CD1    sing N N 253 
LEU CG    CD2    sing N N 254 
LEU CG    HG     sing N N 255 
LEU CD1   HD11   sing N N 256 
LEU CD1   HD12   sing N N 257 
LEU CD1   HD13   sing N N 258 
LEU CD2   HD21   sing N N 259 
LEU CD2   HD22   sing N N 260 
LEU CD2   HD23   sing N N 261 
LEU OXT   HXT    sing N N 262 
LYS N     CA     sing N N 263 
LYS N     H      sing N N 264 
LYS N     H2     sing N N 265 
LYS CA    C      sing N N 266 
LYS CA    CB     sing N N 267 
LYS CA    HA     sing N N 268 
LYS C     O      doub N N 269 
LYS C     OXT    sing N N 270 
LYS CB    CG     sing N N 271 
LYS CB    HB2    sing N N 272 
LYS CB    HB3    sing N N 273 
LYS CG    CD     sing N N 274 
LYS CG    HG2    sing N N 275 
LYS CG    HG3    sing N N 276 
LYS CD    CE     sing N N 277 
LYS CD    HD2    sing N N 278 
LYS CD    HD3    sing N N 279 
LYS CE    NZ     sing N N 280 
LYS CE    HE2    sing N N 281 
LYS CE    HE3    sing N N 282 
LYS NZ    HZ1    sing N N 283 
LYS NZ    HZ2    sing N N 284 
LYS NZ    HZ3    sing N N 285 
LYS OXT   HXT    sing N N 286 
MET N     CA     sing N N 287 
MET N     H      sing N N 288 
MET N     H2     sing N N 289 
MET CA    C      sing N N 290 
MET CA    CB     sing N N 291 
MET CA    HA     sing N N 292 
MET C     O      doub N N 293 
MET C     OXT    sing N N 294 
MET CB    CG     sing N N 295 
MET CB    HB2    sing N N 296 
MET CB    HB3    sing N N 297 
MET CG    SD     sing N N 298 
MET CG    HG2    sing N N 299 
MET CG    HG3    sing N N 300 
MET SD    CE     sing N N 301 
MET CE    HE1    sing N N 302 
MET CE    HE2    sing N N 303 
MET CE    HE3    sing N N 304 
MET OXT   HXT    sing N N 305 
PCA N     CA     sing N N 306 
PCA N     CD     sing N N 307 
PCA N     H      sing N N 308 
PCA CA    CB     sing N N 309 
PCA CA    C      sing N N 310 
PCA CA    HA     sing N N 311 
PCA CB    CG     sing N N 312 
PCA CB    HB2    sing N N 313 
PCA CB    HB3    sing N N 314 
PCA CG    CD     sing N N 315 
PCA CG    HG2    sing N N 316 
PCA CG    HG3    sing N N 317 
PCA CD    OE     doub N N 318 
PCA C     O      doub N N 319 
PCA C     OXT    sing N N 320 
PCA OXT   HXT    sing N N 321 
PHE N     CA     sing N N 322 
PHE N     H      sing N N 323 
PHE N     H2     sing N N 324 
PHE CA    C      sing N N 325 
PHE CA    CB     sing N N 326 
PHE CA    HA     sing N N 327 
PHE C     O      doub N N 328 
PHE C     OXT    sing N N 329 
PHE CB    CG     sing N N 330 
PHE CB    HB2    sing N N 331 
PHE CB    HB3    sing N N 332 
PHE CG    CD1    doub Y N 333 
PHE CG    CD2    sing Y N 334 
PHE CD1   CE1    sing Y N 335 
PHE CD1   HD1    sing N N 336 
PHE CD2   CE2    doub Y N 337 
PHE CD2   HD2    sing N N 338 
PHE CE1   CZ     doub Y N 339 
PHE CE1   HE1    sing N N 340 
PHE CE2   CZ     sing Y N 341 
PHE CE2   HE2    sing N N 342 
PHE CZ    HZ     sing N N 343 
PHE OXT   HXT    sing N N 344 
PRO N     CA     sing N N 345 
PRO N     CD     sing N N 346 
PRO N     H      sing N N 347 
PRO CA    C      sing N N 348 
PRO CA    CB     sing N N 349 
PRO CA    HA     sing N N 350 
PRO C     O      doub N N 351 
PRO C     OXT    sing N N 352 
PRO CB    CG     sing N N 353 
PRO CB    HB2    sing N N 354 
PRO CB    HB3    sing N N 355 
PRO CG    CD     sing N N 356 
PRO CG    HG2    sing N N 357 
PRO CG    HG3    sing N N 358 
PRO CD    HD2    sing N N 359 
PRO CD    HD3    sing N N 360 
PRO OXT   HXT    sing N N 361 
SER N     CA     sing N N 362 
SER N     H      sing N N 363 
SER N     H2     sing N N 364 
SER CA    C      sing N N 365 
SER CA    CB     sing N N 366 
SER CA    HA     sing N N 367 
SER C     O      doub N N 368 
SER C     OXT    sing N N 369 
SER CB    OG     sing N N 370 
SER CB    HB2    sing N N 371 
SER CB    HB3    sing N N 372 
SER OG    HG     sing N N 373 
SER OXT   HXT    sing N N 374 
SO4 S     O1     doub N N 375 
SO4 S     O2     doub N N 376 
SO4 S     O3     sing N N 377 
SO4 S     O4     sing N N 378 
THR N     CA     sing N N 379 
THR N     H      sing N N 380 
THR N     H2     sing N N 381 
THR CA    C      sing N N 382 
THR CA    CB     sing N N 383 
THR CA    HA     sing N N 384 
THR C     O      doub N N 385 
THR C     OXT    sing N N 386 
THR CB    OG1    sing N N 387 
THR CB    CG2    sing N N 388 
THR CB    HB     sing N N 389 
THR OG1   HG1    sing N N 390 
THR CG2   HG21   sing N N 391 
THR CG2   HG22   sing N N 392 
THR CG2   HG23   sing N N 393 
THR OXT   HXT    sing N N 394 
TRP N     CA     sing N N 395 
TRP N     H      sing N N 396 
TRP N     H2     sing N N 397 
TRP CA    C      sing N N 398 
TRP CA    CB     sing N N 399 
TRP CA    HA     sing N N 400 
TRP C     O      doub N N 401 
TRP C     OXT    sing N N 402 
TRP CB    CG     sing N N 403 
TRP CB    HB2    sing N N 404 
TRP CB    HB3    sing N N 405 
TRP CG    CD1    doub Y N 406 
TRP CG    CD2    sing Y N 407 
TRP CD1   NE1    sing Y N 408 
TRP CD1   HD1    sing N N 409 
TRP CD2   CE2    doub Y N 410 
TRP CD2   CE3    sing Y N 411 
TRP NE1   CE2    sing Y N 412 
TRP NE1   HE1    sing N N 413 
TRP CE2   CZ2    sing Y N 414 
TRP CE3   CZ3    doub Y N 415 
TRP CE3   HE3    sing N N 416 
TRP CZ2   CH2    doub Y N 417 
TRP CZ2   HZ2    sing N N 418 
TRP CZ3   CH2    sing Y N 419 
TRP CZ3   HZ3    sing N N 420 
TRP CH2   HH2    sing N N 421 
TRP OXT   HXT    sing N N 422 
TYR N     CA     sing N N 423 
TYR N     H      sing N N 424 
TYR N     H2     sing N N 425 
TYR CA    C      sing N N 426 
TYR CA    CB     sing N N 427 
TYR CA    HA     sing N N 428 
TYR C     O      doub N N 429 
TYR C     OXT    sing N N 430 
TYR CB    CG     sing N N 431 
TYR CB    HB2    sing N N 432 
TYR CB    HB3    sing N N 433 
TYR CG    CD1    doub Y N 434 
TYR CG    CD2    sing Y N 435 
TYR CD1   CE1    sing Y N 436 
TYR CD1   HD1    sing N N 437 
TYR CD2   CE2    doub Y N 438 
TYR CD2   HD2    sing N N 439 
TYR CE1   CZ     doub Y N 440 
TYR CE1   HE1    sing N N 441 
TYR CE2   CZ     sing Y N 442 
TYR CE2   HE2    sing N N 443 
TYR CZ    OH     sing N N 444 
TYR OH    HH     sing N N 445 
TYR OXT   HXT    sing N N 446 
VAL N     CA     sing N N 447 
VAL N     H      sing N N 448 
VAL N     H2     sing N N 449 
VAL CA    C      sing N N 450 
VAL CA    CB     sing N N 451 
VAL CA    HA     sing N N 452 
VAL C     O      doub N N 453 
VAL C     OXT    sing N N 454 
VAL CB    CG1    sing N N 455 
VAL CB    CG2    sing N N 456 
VAL CB    HB     sing N N 457 
VAL CG1   HG11   sing N N 458 
VAL CG1   HG12   sing N N 459 
VAL CG1   HG13   sing N N 460 
VAL CG2   HG21   sing N N 461 
VAL CG2   HG22   sing N N 462 
VAL CG2   HG23   sing N N 463 
VAL OXT   HXT    sing N N 464 
# 
_pdbx_initial_refinement_model.id               1 
_pdbx_initial_refinement_model.entity_id_list   ? 
_pdbx_initial_refinement_model.type             'experimental model' 
_pdbx_initial_refinement_model.source_name      PDB 
_pdbx_initial_refinement_model.accession_code   1ONC 
_pdbx_initial_refinement_model.details          'PDB ENTRY 1ONC' 
# 
_atom_sites.entry_id                    1OJ1 
_atom_sites.fract_transf_matrix[1][1]   0.00613534 
_atom_sites.fract_transf_matrix[1][2]   -0.01158442 
_atom_sites.fract_transf_matrix[1][3]   -0.00948597 
_atom_sites.fract_transf_matrix[2][1]   -0.00541122 
_atom_sites.fract_transf_matrix[2][2]   0.00784300 
_atom_sites.fract_transf_matrix[2][3]   -0.01307787 
_atom_sites.fract_transf_matrix[3][1]   0.01308066 
_atom_sites.fract_transf_matrix[3][2]   0.00761846 
_atom_sites.fract_transf_matrix[3][3]   -0.00084347 
_atom_sites.fract_transf_vector[1]      0.232690 
_atom_sites.fract_transf_vector[2]      0.711264 
_atom_sites.fract_transf_vector[3]      0.035358 
# 
loop_
_atom_type.symbol 
C 
N 
O 
P 
S 
# 
loop_
_atom_site.group_PDB 
_atom_site.id 
_atom_site.type_symbol 
_atom_site.label_atom_id 
_atom_site.label_alt_id 
_atom_site.label_comp_id 
_atom_site.label_asym_id 
_atom_site.label_entity_id 
_atom_site.label_seq_id 
_atom_site.pdbx_PDB_ins_code 
_atom_site.Cartn_x 
_atom_site.Cartn_y 
_atom_site.Cartn_z 
_atom_site.occupancy 
_atom_site.B_iso_or_equiv 
_atom_site.pdbx_formal_charge 
_atom_site.auth_seq_id 
_atom_site.auth_comp_id 
_atom_site.auth_asym_id 
_atom_site.auth_atom_id 
_atom_site.pdbx_PDB_model_num 
HETATM 1    N N     . PCA A 1 1   ? -3.721  -7.828  6.760   1.00 26.54 ? 1    PCA A N     1 
HETATM 2    C CA    . PCA A 1 1   ? -3.948  -8.864  7.833   1.00 26.63 ? 1    PCA A CA    1 
HETATM 3    C CB    . PCA A 1 1   ? -5.214  -9.640  7.478   1.00 26.78 ? 1    PCA A CB    1 
HETATM 4    C CG    . PCA A 1 1   ? -5.694  -9.023  6.188   1.00 26.97 ? 1    PCA A CG    1 
HETATM 5    C CD    . PCA A 1 1   ? -4.685  -7.930  5.868   1.00 26.49 ? 1    PCA A CD    1 
HETATM 6    O OE    . PCA A 1 1   ? -4.761  -7.219  4.888   1.00 25.79 ? 1    PCA A OE    1 
HETATM 7    C C     . PCA A 1 1   ? -2.741  -9.802  7.878   1.00 27.60 ? 1    PCA A C     1 
HETATM 8    O O     . PCA A 1 1   ? -2.389  -10.318 8.938   1.00 28.01 ? 1    PCA A O     1 
ATOM   9    N N     . ASP A 1 2   ? -2.118  -10.006 6.720   1.00 22.15 ? 2    ASP A N     1 
ATOM   10   C CA    . ASP A 1 2   ? -0.951  -10.876 6.601   1.00 23.35 ? 2    ASP A CA    1 
ATOM   11   C C     . ASP A 1 2   ? 0.015   -10.378 5.516   1.00 22.31 ? 2    ASP A C     1 
ATOM   12   O O     . ASP A 1 2   ? -0.331  -9.521  4.707   1.00 20.28 ? 2    ASP A O     1 
ATOM   13   C CB    . ASP A 1 2   ? -1.394  -12.304 6.278   1.00 24.13 ? 2    ASP A CB    1 
ATOM   14   C CG    . ASP A 1 2   ? -2.313  -12.364 5.082   1.00 24.97 ? 2    ASP A CG    1 
ATOM   15   O OD1   . ASP A 1 2   ? -3.525  -12.136 5.251   1.00 27.86 ? 2    ASP A OD1   1 
ATOM   16   O OD2   . ASP A 1 2   ? -1.816  -12.621 3.965   1.00 28.96 ? 2    ASP A OD2   1 
ATOM   17   N N     . TRP A 1 3   ? 1.225   -10.930 5.513   1.00 21.33 ? 3    TRP A N     1 
ATOM   18   C CA    . TRP A 1 3   ? 2.249   -10.538 4.542   1.00 22.50 ? 3    TRP A CA    1 
ATOM   19   C C     . TRP A 1 3   ? 1.791   -10.751 3.091   1.00 23.18 ? 3    TRP A C     1 
ATOM   20   O O     . TRP A 1 3   ? 2.044   -9.915  2.219   1.00 22.27 ? 3    TRP A O     1 
ATOM   21   C CB    . TRP A 1 3   ? 3.534   -11.335 4.805   1.00 23.20 ? 3    TRP A CB    1 
ATOM   22   C CG    . TRP A 1 3   ? 4.669   -11.025 3.881   1.00 24.90 ? 3    TRP A CG    1 
ATOM   23   C CD1   . TRP A 1 3   ? 5.526   -11.922 3.320   1.00 26.72 ? 3    TRP A CD1   1 
ATOM   24   C CD2   . TRP A 1 3   ? 5.085   -9.732  3.419   1.00 24.89 ? 3    TRP A CD2   1 
ATOM   25   N NE1   . TRP A 1 3   ? 6.447   -11.277 2.535   1.00 25.64 ? 3    TRP A NE1   1 
ATOM   26   C CE2   . TRP A 1 3   ? 6.203   -9.931  2.575   1.00 26.69 ? 3    TRP A CE2   1 
ATOM   27   C CE3   . TRP A 1 3   ? 4.622   -8.428  3.634   1.00 23.64 ? 3    TRP A CE3   1 
ATOM   28   C CZ2   . TRP A 1 3   ? 6.870   -8.870  1.941   1.00 24.24 ? 3    TRP A CZ2   1 
ATOM   29   C CZ3   . TRP A 1 3   ? 5.284   -7.370  3.006   1.00 23.95 ? 3    TRP A CZ3   1 
ATOM   30   C CH2   . TRP A 1 3   ? 6.395   -7.600  2.169   1.00 25.37 ? 3    TRP A CH2   1 
ATOM   31   N N     . ASP A 1 4   ? 1.113   -11.871 2.856   1.00 23.83 ? 4    ASP A N     1 
ATOM   32   C CA    . ASP A 1 4   ? 0.616   -12.239 1.534   1.00 23.83 ? 4    ASP A CA    1 
ATOM   33   C C     . ASP A 1 4   ? -0.450  -11.279 1.014   1.00 21.44 ? 4    ASP A C     1 
ATOM   34   O O     . ASP A 1 4   ? -0.416  -10.872 -0.146  1.00 18.96 ? 4    ASP A O     1 
ATOM   35   C CB    . ASP A 1 4   ? 0.010   -13.645 1.573   1.00 27.61 ? 4    ASP A CB    1 
ATOM   36   C CG    . ASP A 1 4   ? -0.466  -14.111 0.208   1.00 32.64 ? 4    ASP A CG    1 
ATOM   37   O OD1   . ASP A 1 4   ? -1.478  -14.857 0.137   1.00 37.03 ? 4    ASP A OD1   1 
ATOM   38   O OD2   . ASP A 1 4   ? 0.177   -13.738 -0.801  1.00 33.43 ? 4    ASP A OD2   1 
ATOM   39   N N     . THR A 1 5   ? -1.412  -10.960 1.874   1.00 19.52 ? 5    THR A N     1 
ATOM   40   C CA    . THR A 1 5   ? -2.485  -10.056 1.513   1.00 19.74 ? 5    THR A CA    1 
ATOM   41   C C     . THR A 1 5   ? -1.951  -8.640  1.384   1.00 18.24 ? 5    THR A C     1 
ATOM   42   O O     . THR A 1 5   ? -2.409  -7.877  0.546   1.00 18.51 ? 5    THR A O     1 
ATOM   43   C CB    . THR A 1 5   ? -3.617  -10.046 2.560   1.00 18.10 ? 5    THR A CB    1 
ATOM   44   O OG1   . THR A 1 5   ? -4.035  -11.384 2.828   1.00 21.40 ? 5    THR A OG1   1 
ATOM   45   C CG2   . THR A 1 5   ? -4.806  -9.252  2.041   1.00 19.36 ? 5    THR A CG2   1 
ATOM   46   N N     . PHE A 1 6   ? -0.983  -8.287  2.215   1.00 17.20 ? 6    PHE A N     1 
ATOM   47   C CA    . PHE A 1 6   ? -0.425  -6.948  2.142   1.00 18.02 ? 6    PHE A CA    1 
ATOM   48   C C     . PHE A 1 6   ? 0.217   -6.717  0.784   1.00 19.43 ? 6    PHE A C     1 
ATOM   49   O O     . PHE A 1 6   ? 0.052   -5.654  0.200   1.00 17.49 ? 6    PHE A O     1 
ATOM   50   C CB    . PHE A 1 6   ? 0.625   -6.734  3.216   1.00 16.98 ? 6    PHE A CB    1 
ATOM   51   C CG    . PHE A 1 6   ? 1.319   -5.400  3.127   1.00 18.86 ? 6    PHE A CG    1 
ATOM   52   C CD1   . PHE A 1 6   ? 0.803   -4.283  3.782   1.00 17.95 ? 6    PHE A CD1   1 
ATOM   53   C CD2   . PHE A 1 6   ? 2.489   -5.255  2.372   1.00 17.51 ? 6    PHE A CD2   1 
ATOM   54   C CE1   . PHE A 1 6   ? 1.438   -3.050  3.689   1.00 18.40 ? 6    PHE A CE1   1 
ATOM   55   C CE2   . PHE A 1 6   ? 3.126   -4.028  2.277   1.00 17.64 ? 6    PHE A CE2   1 
ATOM   56   C CZ    . PHE A 1 6   ? 2.602   -2.924  2.934   1.00 18.53 ? 6    PHE A CZ    1 
ATOM   57   N N     . GLN A 1 7   ? 0.954   -7.709  0.289   1.00 18.15 ? 7    GLN A N     1 
ATOM   58   C CA    . GLN A 1 7   ? 1.633   -7.582  -0.995  1.00 21.55 ? 7    GLN A CA    1 
ATOM   59   C C     . GLN A 1 7   ? 0.657   -7.463  -2.161  1.00 21.08 ? 7    GLN A C     1 
ATOM   60   O O     . GLN A 1 7   ? 0.815   -6.619  -3.048  1.00 21.83 ? 7    GLN A O     1 
ATOM   61   C CB    . GLN A 1 7   ? 2.551   -8.783  -1.233  1.00 23.19 ? 7    GLN A CB    1 
ATOM   62   C CG    . GLN A 1 7   ? 3.775   -8.831  -0.339  1.00 28.17 ? 7    GLN A CG    1 
ATOM   63   C CD    . GLN A 1 7   ? 4.524   -10.136 -0.465  1.00 29.40 ? 7    GLN A CD    1 
ATOM   64   O OE1   . GLN A 1 7   ? 4.252   -11.089 0.260   1.00 31.99 ? 7    GLN A OE1   1 
ATOM   65   N NE2   . GLN A 1 7   ? 5.465   -10.192 -1.404  1.00 31.13 ? 7    GLN A NE2   1 
ATOM   66   N N     . LYS A 1 8   ? -0.348  -8.325  -2.153  1.00 21.57 ? 8    LYS A N     1 
ATOM   67   C CA    . LYS A 1 8   ? -1.352  -8.337  -3.201  1.00 22.83 ? 8    LYS A CA    1 
ATOM   68   C C     . LYS A 1 8   ? -2.053  -7.007  -3.370  1.00 22.47 ? 8    LYS A C     1 
ATOM   69   O O     . LYS A 1 8   ? -2.295  -6.572  -4.490  1.00 23.33 ? 8    LYS A O     1 
ATOM   70   C CB    . LYS A 1 8   ? -2.379  -9.436  -2.935  1.00 21.98 ? 8    LYS A CB    1 
ATOM   71   C CG    . LYS A 1 8   ? -1.888  -10.798 -3.364  1.00 26.71 ? 8    LYS A CG    1 
ATOM   72   C CD    . LYS A 1 8   ? -2.892  -11.900 -3.083  1.00 28.59 ? 8    LYS A CD    1 
ATOM   73   C CE    . LYS A 1 8   ? -2.462  -13.219 -3.739  1.00 31.58 ? 8    LYS A CE    1 
ATOM   74   N NZ    . LYS A 1 8   ? -1.111  -13.711 -3.300  1.00 32.91 ? 8    LYS A NZ    1 
ATOM   75   N N     . LYS A 1 9   ? -2.370  -6.330  -2.276  1.00 22.79 ? 9    LYS A N     1 
ATOM   76   C CA    . LYS A 1 9   ? -3.072  -5.074  -2.449  1.00 24.66 ? 9    LYS A CA    1 
ATOM   77   C C     . LYS A 1 9   ? -2.299  -3.781  -2.233  1.00 23.00 ? 9    LYS A C     1 
ATOM   78   O O     . LYS A 1 9   ? -2.870  -2.704  -2.369  1.00 22.20 ? 9    LYS A O     1 
ATOM   79   C CB    . LYS A 1 9   ? -4.338  -5.066  -1.597  1.00 27.35 ? 9    LYS A CB    1 
ATOM   80   C CG    . LYS A 1 9   ? -4.147  -5.289  -0.122  1.00 27.59 ? 9    LYS A CG    1 
ATOM   81   C CD    . LYS A 1 9   ? -5.517  -5.370  0.543   1.00 29.79 ? 9    LYS A CD    1 
ATOM   82   C CE    . LYS A 1 9   ? -5.425  -5.830  1.980   1.00 31.19 ? 9    LYS A CE    1 
ATOM   83   N NZ    . LYS A 1 9   ? -6.769  -5.884  2.665   1.00 33.59 ? 9    LYS A NZ    1 
ATOM   84   N N     . HIS A 1 10  ? -1.009  -3.871  -1.922  1.00 20.61 ? 10   HIS A N     1 
ATOM   85   C CA    . HIS A 1 10  ? -0.255  -2.650  -1.704  1.00 22.15 ? 10   HIS A CA    1 
ATOM   86   C C     . HIS A 1 10  ? 1.088   -2.525  -2.408  1.00 22.85 ? 10   HIS A C     1 
ATOM   87   O O     . HIS A 1 10  ? 1.707   -1.464  -2.363  1.00 24.88 ? 10   HIS A O     1 
ATOM   88   C CB    . HIS A 1 10  ? -0.093  -2.404  -0.206  1.00 21.86 ? 10   HIS A CB    1 
ATOM   89   C CG    . HIS A 1 10  ? -1.385  -2.111  0.490   1.00 19.52 ? 10   HIS A CG    1 
ATOM   90   N ND1   . HIS A 1 10  ? -2.125  -0.979  0.229   1.00 17.35 ? 10   HIS A ND1   1 
ATOM   91   C CD2   . HIS A 1 10  ? -2.091  -2.818  1.406   1.00 20.50 ? 10   HIS A CD2   1 
ATOM   92   C CE1   . HIS A 1 10  ? -3.229  -0.999  0.954   1.00 20.34 ? 10   HIS A CE1   1 
ATOM   93   N NE2   . HIS A 1 10  ? -3.232  -2.104  1.677   1.00 20.17 ? 10   HIS A NE2   1 
ATOM   94   N N     . LEU A 1 11  ? 1.543   -3.594  -3.052  1.00 21.78 ? 11   LEU A N     1 
ATOM   95   C CA    . LEU A 1 11  ? 2.809   -3.541  -3.770  1.00 20.73 ? 11   LEU A CA    1 
ATOM   96   C C     . LEU A 1 11  ? 2.524   -3.591  -5.261  1.00 22.23 ? 11   LEU A C     1 
ATOM   97   O O     . LEU A 1 11  ? 1.588   -4.253  -5.702  1.00 21.50 ? 11   LEU A O     1 
ATOM   98   C CB    . LEU A 1 11  ? 3.719   -4.704  -3.377  1.00 20.40 ? 11   LEU A CB    1 
ATOM   99   C CG    . LEU A 1 11  ? 4.266   -4.746  -1.944  1.00 22.95 ? 11   LEU A CG    1 
ATOM   100  C CD1   . LEU A 1 11  ? 5.287   -5.877  -1.847  1.00 23.53 ? 11   LEU A CD1   1 
ATOM   101  C CD2   . LEU A 1 11  ? 4.929   -3.420  -1.582  1.00 21.64 ? 11   LEU A CD2   1 
ATOM   102  N N     . THR A 1 12  ? 3.321   -2.886  -6.046  1.00 21.38 ? 12   THR A N     1 
ATOM   103  C CA    . THR A 1 12  ? 3.086   -2.889  -7.475  1.00 23.28 ? 12   THR A CA    1 
ATOM   104  C C     . THR A 1 12  ? 4.404   -2.921  -8.236  1.00 26.24 ? 12   THR A C     1 
ATOM   105  O O     . THR A 1 12  ? 5.434   -2.473  -7.737  1.00 26.17 ? 12   THR A O     1 
ATOM   106  C CB    . THR A 1 12  ? 2.253   -1.655  -7.890  1.00 23.76 ? 12   THR A CB    1 
ATOM   107  O OG1   . THR A 1 12  ? 1.941   -1.735  -9.284  1.00 23.23 ? 12   THR A OG1   1 
ATOM   108  C CG2   . THR A 1 12  ? 3.026   -0.371  -7.613  1.00 22.07 ? 12   THR A CG2   1 
ATOM   109  N N     . ASP A 1 13  ? 4.365   -3.466  -9.444  1.00 27.68 ? 13   ASP A N     1 
ATOM   110  C CA    . ASP A 1 13  ? 5.559   -3.570  -10.265 1.00 29.52 ? 13   ASP A CA    1 
ATOM   111  C C     . ASP A 1 13  ? 5.601   -2.447  -11.303 1.00 29.32 ? 13   ASP A C     1 
ATOM   112  O O     . ASP A 1 13  ? 6.622   -2.249  -11.952 1.00 29.32 ? 13   ASP A O     1 
ATOM   113  C CB    . ASP A 1 13  ? 5.584   -4.928  -10.967 1.00 34.14 ? 13   ASP A CB    1 
ATOM   114  C CG    . ASP A 1 13  ? 4.532   -5.041  -12.050 1.00 36.26 ? 13   ASP A CG    1 
ATOM   115  O OD1   . ASP A 1 13  ? 3.507   -4.334  -11.954 1.00 40.60 ? 13   ASP A OD1   1 
ATOM   116  O OD2   . ASP A 1 13  ? 4.727   -5.840  -12.998 1.00 40.72 ? 13   ASP A OD2   1 
ATOM   117  N N     . THR A 1 14  ? 4.498   -1.714  -11.442 1.00 27.07 ? 14   THR A N     1 
ATOM   118  C CA    . THR A 1 14  ? 4.396   -0.620  -12.405 1.00 27.53 ? 14   THR A CA    1 
ATOM   119  C C     . THR A 1 14  ? 3.846   0.673   -11.796 1.00 27.13 ? 14   THR A C     1 
ATOM   120  O O     . THR A 1 14  ? 3.064   0.640   -10.844 1.00 27.82 ? 14   THR A O     1 
ATOM   121  C CB    . THR A 1 14  ? 3.464   -1.003  -13.561 1.00 27.75 ? 14   THR A CB    1 
ATOM   122  O OG1   . THR A 1 14  ? 3.423   0.062   -14.516 1.00 29.24 ? 14   THR A OG1   1 
ATOM   123  C CG2   . THR A 1 14  ? 2.045   -1.247  -13.032 1.00 25.93 ? 14   THR A CG2   1 
ATOM   124  N N     . LYS A 1 15  ? 4.236   1.814   -12.356 1.00 27.17 ? 15   LYS A N     1 
ATOM   125  C CA    . LYS A 1 15  ? 3.742   3.097   -11.856 1.00 28.33 ? 15   LYS A CA    1 
ATOM   126  C C     . LYS A 1 15  ? 2.366   3.388   -12.436 1.00 28.95 ? 15   LYS A C     1 
ATOM   127  O O     . LYS A 1 15  ? 1.579   4.136   -11.855 1.00 31.01 ? 15   LYS A O     1 
ATOM   128  C CB    . LYS A 1 15  ? 4.698   4.222   -12.238 1.00 29.14 ? 15   LYS A CB    1 
ATOM   129  C CG    . LYS A 1 15  ? 6.079   4.085   -11.649 1.00 31.23 ? 15   LYS A CG    1 
ATOM   130  C CD    . LYS A 1 15  ? 6.986   5.199   -12.137 1.00 33.97 ? 15   LYS A CD    1 
ATOM   131  C CE    . LYS A 1 15  ? 8.320   5.175   -11.414 1.00 34.01 ? 15   LYS A CE    1 
ATOM   132  N NZ    . LYS A 1 15  ? 9.216   6.258   -11.883 1.00 35.04 ? 15   LYS A NZ    1 
ATOM   133  N N     . LYS A 1 16  ? 2.080   2.792   -13.589 1.00 27.91 ? 16   LYS A N     1 
ATOM   134  C CA    . LYS A 1 16  ? 0.799   2.986   -14.242 1.00 28.63 ? 16   LYS A CA    1 
ATOM   135  C C     . LYS A 1 16  ? -0.113  1.800   -13.964 1.00 28.39 ? 16   LYS A C     1 
ATOM   136  O O     . LYS A 1 16  ? -0.275  0.901   -14.795 1.00 28.81 ? 16   LYS A O     1 
ATOM   137  C CB    . LYS A 1 16  ? 0.996   3.159   -15.752 1.00 29.40 ? 16   LYS A CB    1 
ATOM   138  C CG    . LYS A 1 16  ? 1.797   4.395   -16.135 1.00 33.85 ? 16   LYS A CG    1 
ATOM   139  C CD    . LYS A 1 16  ? 1.885   4.604   -17.663 1.00 36.54 ? 16   LYS A CD    1 
ATOM   140  C CE    . LYS A 1 16  ? 0.524   4.879   -18.288 1.00 37.93 ? 16   LYS A CE    1 
ATOM   141  N NZ    . LYS A 1 16  ? 0.619   5.101   -19.764 1.00 40.81 ? 16   LYS A NZ    1 
ATOM   142  N N     . VAL A 1 17  ? -0.694  1.793   -12.772 1.00 27.32 ? 17   VAL A N     1 
ATOM   143  C CA    . VAL A 1 17  ? -1.593  0.725   -12.387 1.00 26.48 ? 17   VAL A CA    1 
ATOM   144  C C     . VAL A 1 17  ? -2.901  0.884   -13.164 1.00 25.51 ? 17   VAL A C     1 
ATOM   145  O O     . VAL A 1 17  ? -3.335  2.006   -13.451 1.00 25.07 ? 17   VAL A O     1 
ATOM   146  C CB    . VAL A 1 17  ? -1.898  0.766   -10.860 1.00 25.89 ? 17   VAL A CB    1 
ATOM   147  C CG1   . VAL A 1 17  ? -2.781  -0.415  -10.474 1.00 25.38 ? 17   VAL A CG1   1 
ATOM   148  C CG2   . VAL A 1 17  ? -0.595  0.735   -10.054 1.00 24.23 ? 17   VAL A CG2   1 
ATOM   149  N N     . LYS A 1 18  ? -3.499  -0.246  -13.527 1.00 24.87 ? 18   LYS A N     1 
ATOM   150  C CA    . LYS A 1 18  ? -4.769  -0.267  -14.242 1.00 25.19 ? 18   LYS A CA    1 
ATOM   151  C C     . LYS A 1 18  ? -5.817  -0.321  -13.142 1.00 23.61 ? 18   LYS A C     1 
ATOM   152  O O     . LYS A 1 18  ? -6.297  -1.397  -12.793 1.00 23.38 ? 18   LYS A O     1 
ATOM   153  C CB    . LYS A 1 18  ? -4.875  -1.531  -15.111 1.00 28.12 ? 18   LYS A CB    1 
ATOM   154  C CG    . LYS A 1 18  ? -3.721  -1.721  -16.103 1.00 32.54 ? 18   LYS A CG    1 
ATOM   155  C CD    . LYS A 1 18  ? -3.708  -0.614  -17.148 1.00 36.86 ? 18   LYS A CD    1 
ATOM   156  C CE    . LYS A 1 18  ? -2.466  -0.674  -18.044 1.00 38.96 ? 18   LYS A CE    1 
ATOM   157  N NZ    . LYS A 1 18  ? -1.203  -0.322  -17.301 1.00 41.91 ? 18   LYS A NZ    1 
ATOM   158  N N     . CYS A 1 19  ? -6.144  0.837   -12.581 1.00 21.83 ? 19   CYS A N     1 
ATOM   159  C CA    . CYS A 1 19  ? -7.114  0.922   -11.494 1.00 22.12 ? 19   CYS A CA    1 
ATOM   160  C C     . CYS A 1 19  ? -8.446  0.207   -11.763 1.00 22.35 ? 19   CYS A C     1 
ATOM   161  O O     . CYS A 1 19  ? -8.862  -0.658  -10.989 1.00 22.42 ? 19   CYS A O     1 
ATOM   162  C CB    . CYS A 1 19  ? -7.402  2.388   -11.147 1.00 18.78 ? 19   CYS A CB    1 
ATOM   163  S SG    . CYS A 1 19  ? -6.021  3.323   -10.405 1.00 20.50 ? 19   CYS A SG    1 
ATOM   164  N N     . ASP A 1 20  ? -9.117  0.584   -12.847 1.00 23.20 ? 20   ASP A N     1 
ATOM   165  C CA    . ASP A 1 20  ? -10.392 -0.017  -13.185 1.00 25.87 ? 20   ASP A CA    1 
ATOM   166  C C     . ASP A 1 20  ? -10.326 -1.533  -13.251 1.00 26.19 ? 20   ASP A C     1 
ATOM   167  O O     . ASP A 1 20  ? -11.314 -2.211  -12.961 1.00 27.18 ? 20   ASP A O     1 
ATOM   168  C CB    . ASP A 1 20  ? -10.919 0.571   -14.498 1.00 28.16 ? 20   ASP A CB    1 
ATOM   169  C CG    . ASP A 1 20  ? -11.607 1.913   -14.289 1.00 29.88 ? 20   ASP A CG    1 
ATOM   170  O OD1   . ASP A 1 20  ? -11.205 2.634   -13.348 1.00 28.16 ? 20   ASP A OD1   1 
ATOM   171  O OD2   . ASP A 1 20  ? -12.544 2.245   -15.055 1.00 32.14 ? 20   ASP A OD2   1 
ATOM   172  N N     . VAL A 1 21  ? -9.163  -2.063  -13.608 1.00 24.76 ? 21   VAL A N     1 
ATOM   173  C CA    . VAL A 1 21  ? -8.982  -3.506  -13.689 1.00 26.24 ? 21   VAL A CA    1 
ATOM   174  C C     . VAL A 1 21  ? -8.713  -4.104  -12.302 1.00 25.40 ? 21   VAL A C     1 
ATOM   175  O O     . VAL A 1 21  ? -9.348  -5.075  -11.906 1.00 24.72 ? 21   VAL A O     1 
ATOM   176  C CB    . VAL A 1 21  ? -7.804  -3.873  -14.633 1.00 26.03 ? 21   VAL A CB    1 
ATOM   177  C CG1   . VAL A 1 21  ? -7.650  -5.385  -14.715 1.00 27.68 ? 21   VAL A CG1   1 
ATOM   178  C CG2   . VAL A 1 21  ? -8.049  -3.293  -16.006 1.00 26.76 ? 21   VAL A CG2   1 
ATOM   179  N N     . GLU A 1 22  ? -7.785  -3.509  -11.558 1.00 25.86 ? 22   GLU A N     1 
ATOM   180  C CA    . GLU A 1 22  ? -7.437  -4.003  -10.228 1.00 26.90 ? 22   GLU A CA    1 
ATOM   181  C C     . GLU A 1 22  ? -8.528  -3.887  -9.165  1.00 24.81 ? 22   GLU A C     1 
ATOM   182  O O     . GLU A 1 22  ? -8.851  -4.861  -8.492  1.00 23.25 ? 22   GLU A O     1 
ATOM   183  C CB    . GLU A 1 22  ? -6.185  -3.286  -9.718  1.00 29.49 ? 22   GLU A CB    1 
ATOM   184  C CG    . GLU A 1 22  ? -4.936  -3.650  -10.483 1.00 34.25 ? 22   GLU A CG    1 
ATOM   185  C CD    . GLU A 1 22  ? -4.676  -5.140  -10.434 1.00 35.68 ? 22   GLU A CD    1 
ATOM   186  O OE1   . GLU A 1 22  ? -4.614  -5.691  -9.299  1.00 39.01 ? 22   GLU A OE1   1 
ATOM   187  O OE2   . GLU A 1 22  ? -4.545  -5.756  -11.519 1.00 37.28 ? 22   GLU A OE2   1 
ATOM   188  N N     . MET A 1 23  ? -9.079  -2.686  -9.031  1.00 23.17 ? 23   MET A N     1 
ATOM   189  C CA    . MET A 1 23  ? -10.089 -2.386  -8.031  1.00 23.16 ? 23   MET A CA    1 
ATOM   190  C C     . MET A 1 23  ? -11.369 -3.232  -8.036  1.00 23.91 ? 23   MET A C     1 
ATOM   191  O O     . MET A 1 23  ? -12.034 -3.359  -7.004  1.00 22.23 ? 23   MET A O     1 
ATOM   192  C CB    . MET A 1 23  ? -10.427 -0.893  -8.098  1.00 20.00 ? 23   MET A CB    1 
ATOM   193  C CG    . MET A 1 23  ? -9.254  0.005   -7.712  1.00 20.16 ? 23   MET A CG    1 
ATOM   194  S SD    . MET A 1 23  ? -8.512  -0.399  -6.089  1.00 18.20 ? 23   MET A SD    1 
ATOM   195  C CE    . MET A 1 23  ? -9.425  0.672   -5.017  1.00 18.53 ? 23   MET A CE    1 
ATOM   196  N N     . LYS A 1 24  ? -11.710 -3.809  -9.186  1.00 24.34 ? 24   LYS A N     1 
ATOM   197  C CA    . LYS A 1 24  ? -12.898 -4.656  -9.294  1.00 25.43 ? 24   LYS A CA    1 
ATOM   198  C C     . LYS A 1 24  ? -12.659 -6.031  -8.645  1.00 26.17 ? 24   LYS A C     1 
ATOM   199  O O     . LYS A 1 24  ? -13.606 -6.788  -8.435  1.00 25.74 ? 24   LYS A O     1 
ATOM   200  C CB    . LYS A 1 24  ? -13.283 -4.855  -10.762 1.00 28.56 ? 24   LYS A CB    1 
ATOM   201  C CG    . LYS A 1 24  ? -12.388 -5.835  -11.480 1.00 31.59 ? 24   LYS A CG    1 
ATOM   202  C CD    . LYS A 1 24  ? -12.816 -6.085  -12.924 1.00 33.51 ? 24   LYS A CD    1 
ATOM   203  C CE    . LYS A 1 24  ? -12.091 -7.315  -13.457 1.00 32.68 ? 24   LYS A CE    1 
ATOM   204  N NZ    . LYS A 1 24  ? -10.620 -7.190  -13.203 1.00 35.04 ? 24   LYS A NZ    1 
ATOM   205  N N     . LYS A 1 25  ? -11.404 -6.365  -8.338  1.00 25.04 ? 25   LYS A N     1 
ATOM   206  C CA    . LYS A 1 25  ? -11.110 -7.659  -7.706  1.00 26.06 ? 25   LYS A CA    1 
ATOM   207  C C     . LYS A 1 25  ? -11.693 -7.729  -6.296  1.00 25.18 ? 25   LYS A C     1 
ATOM   208  O O     . LYS A 1 25  ? -11.763 -6.720  -5.603  1.00 25.14 ? 25   LYS A O     1 
ATOM   209  C CB    . LYS A 1 25  ? -9.599  -7.904  -7.629  1.00 26.34 ? 25   LYS A CB    1 
ATOM   210  C CG    . LYS A 1 25  ? -8.923  -8.236  -8.953  1.00 28.09 ? 25   LYS A CG    1 
ATOM   211  C CD    . LYS A 1 25  ? -7.400  -8.156  -8.803  1.00 30.29 ? 25   LYS A CD    1 
ATOM   212  C CE    . LYS A 1 25  ? -6.687  -8.553  -10.086 1.00 32.12 ? 25   LYS A CE    1 
ATOM   213  N NZ    . LYS A 1 25  ? -7.126  -7.716  -11.258 1.00 34.75 ? 25   LYS A NZ    1 
ATOM   214  N N     . ALA A 1 26  ? -12.097 -8.920  -5.869  1.00 25.52 ? 26   ALA A N     1 
ATOM   215  C CA    . ALA A 1 26  ? -12.683 -9.087  -4.540  1.00 25.39 ? 26   ALA A CA    1 
ATOM   216  C C     . ALA A 1 26  ? -11.809 -8.521  -3.421  1.00 23.77 ? 26   ALA A C     1 
ATOM   217  O O     . ALA A 1 26  ? -12.325 -8.121  -2.382  1.00 23.35 ? 26   ALA A O     1 
ATOM   218  C CB    . ALA A 1 26  ? -12.978 -10.566 -4.279  1.00 25.59 ? 26   ALA A CB    1 
ATOM   219  N N     . LEU A 1 27  ? -10.493 -8.484  -3.613  1.00 24.31 ? 27   LEU A N     1 
ATOM   220  C CA    . LEU A 1 27  ? -9.616  -7.945  -2.567  1.00 23.55 ? 27   LEU A CA    1 
ATOM   221  C C     . LEU A 1 27  ? -9.926  -6.484  -2.270  1.00 22.55 ? 27   LEU A C     1 
ATOM   222  O O     . LEU A 1 27  ? -9.792  -6.039  -1.131  1.00 24.50 ? 27   LEU A O     1 
ATOM   223  C CB    . LEU A 1 27  ? -8.143  -8.063  -2.967  1.00 25.40 ? 27   LEU A CB    1 
ATOM   224  C CG    . LEU A 1 27  ? -7.264  -8.924  -2.042  1.00 26.96 ? 27   LEU A CG    1 
ATOM   225  C CD1   . LEU A 1 27  ? -5.865  -8.941  -2.584  1.00 29.83 ? 27   LEU A CD1   1 
ATOM   226  C CD2   . LEU A 1 27  ? -7.274  -8.377  -0.613  1.00 27.63 ? 27   LEU A CD2   1 
ATOM   227  N N     . PHE A 1 28  ? -10.347 -5.747  -3.294  1.00 19.53 ? 28   PHE A N     1 
ATOM   228  C CA    . PHE A 1 28  ? -10.657 -4.322  -3.148  1.00 20.24 ? 28   PHE A CA    1 
ATOM   229  C C     . PHE A 1 28  ? -12.151 -4.023  -3.138  1.00 19.22 ? 28   PHE A C     1 
ATOM   230  O O     . PHE A 1 28  ? -12.599 -3.071  -2.496  1.00 18.10 ? 28   PHE A O     1 
ATOM   231  C CB    . PHE A 1 28  ? -10.006 -3.546  -4.287  1.00 20.01 ? 28   PHE A CB    1 
ATOM   232  C CG    . PHE A 1 28  ? -8.540  -3.793  -4.420  1.00 21.91 ? 28   PHE A CG    1 
ATOM   233  C CD1   . PHE A 1 28  ? -7.643  -3.237  -3.518  1.00 21.28 ? 28   PHE A CD1   1 
ATOM   234  C CD2   . PHE A 1 28  ? -8.054  -4.596  -5.441  1.00 21.74 ? 28   PHE A CD2   1 
ATOM   235  C CE1   . PHE A 1 28  ? -6.280  -3.477  -3.629  1.00 21.41 ? 28   PHE A CE1   1 
ATOM   236  C CE2   . PHE A 1 28  ? -6.687  -4.844  -5.560  1.00 23.61 ? 28   PHE A CE2   1 
ATOM   237  C CZ    . PHE A 1 28  ? -5.799  -4.281  -4.651  1.00 21.53 ? 28   PHE A CZ    1 
ATOM   238  N N     . ASP A 1 29  ? -12.905 -4.828  -3.880  1.00 19.37 ? 29   ASP A N     1 
ATOM   239  C CA    . ASP A 1 29  ? -14.358 -4.688  -3.979  1.00 19.58 ? 29   ASP A CA    1 
ATOM   240  C C     . ASP A 1 29  ? -14.818 -3.245  -4.242  1.00 18.68 ? 29   ASP A C     1 
ATOM   241  O O     . ASP A 1 29  ? -15.779 -2.762  -3.645  1.00 17.65 ? 29   ASP A O     1 
ATOM   242  C CB    . ASP A 1 29  ? -14.997 -5.234  -2.705  1.00 18.77 ? 29   ASP A CB    1 
ATOM   243  C CG    . ASP A 1 29  ? -16.447 -5.629  -2.908  1.00 19.34 ? 29   ASP A CG    1 
ATOM   244  O OD1   . ASP A 1 29  ? -16.810 -6.013  -4.031  1.00 19.69 ? 29   ASP A OD1   1 
ATOM   245  O OD2   . ASP A 1 29  ? -17.221 -5.575  -1.944  1.00 21.03 ? 29   ASP A OD2   1 
ATOM   246  N N     . CYS A 1 30  ? -14.112 -2.567  -5.141  1.00 19.50 ? 30   CYS A N     1 
ATOM   247  C CA    . CYS A 1 30  ? -14.427 -1.190  -5.509  1.00 20.23 ? 30   CYS A CA    1 
ATOM   248  C C     . CYS A 1 30  ? -14.510 -0.222  -4.332  1.00 20.86 ? 30   CYS A C     1 
ATOM   249  O O     . CYS A 1 30  ? -15.445 0.583   -4.245  1.00 20.31 ? 30   CYS A O     1 
ATOM   250  C CB    . CYS A 1 30  ? -15.741 -1.152  -6.306  1.00 19.29 ? 30   CYS A CB    1 
ATOM   251  S SG    . CYS A 1 30  ? -15.767 -2.324  -7.697  1.00 24.15 ? 30   CYS A SG    1 
ATOM   252  N N     . LYS A 1 31  ? -13.534 -0.305  -3.434  1.00 20.19 ? 31   LYS A N     1 
ATOM   253  C CA    . LYS A 1 31  ? -13.491 0.578   -2.278  1.00 21.30 ? 31   LYS A CA    1 
ATOM   254  C C     . LYS A 1 31  ? -13.112 1.955   -2.797  1.00 20.61 ? 31   LYS A C     1 
ATOM   255  O O     . LYS A 1 31  ? -12.606 2.076   -3.908  1.00 20.66 ? 31   LYS A O     1 
ATOM   256  C CB    . LYS A 1 31  ? -12.454 0.102   -1.246  1.00 21.29 ? 31   LYS A CB    1 
ATOM   257  C CG    . LYS A 1 31  ? -11.021 0.087   -1.743  1.00 25.38 ? 31   LYS A CG    1 
ATOM   258  C CD    . LYS A 1 31  ? -10.224 -1.008  -1.043  1.00 27.24 ? 31   LYS A CD    1 
ATOM   259  C CE    . LYS A 1 31  ? -9.894  -0.652  0.398   1.00 29.78 ? 31   LYS A CE    1 
ATOM   260  N NZ    . LYS A 1 31  ? -8.651  0.190   0.454   1.00 30.53 ? 31   LYS A NZ    1 
ATOM   261  N N     . LYS A 1 32  ? -13.360 2.981   -1.992  1.00 19.97 ? 32   LYS A N     1 
ATOM   262  C CA    . LYS A 1 32  ? -13.078 4.360   -2.377  1.00 21.91 ? 32   LYS A CA    1 
ATOM   263  C C     . LYS A 1 32  ? -11.652 4.661   -2.814  1.00 21.02 ? 32   LYS A C     1 
ATOM   264  O O     . LYS A 1 32  ? -11.439 5.315   -3.834  1.00 20.42 ? 32   LYS A O     1 
ATOM   265  C CB    . LYS A 1 32  ? -13.457 5.312   -1.241  1.00 23.56 ? 32   LYS A CB    1 
ATOM   266  C CG    . LYS A 1 32  ? -14.778 6.051   -1.462  1.00 29.27 ? 32   LYS A CG    1 
ATOM   267  C CD    . LYS A 1 32  ? -14.998 7.136   -0.414  1.00 32.35 ? 32   LYS A CD    1 
ATOM   268  C CE    . LYS A 1 32  ? -16.233 7.987   -0.711  1.00 35.30 ? 32   LYS A CE    1 
ATOM   269  N NZ    . LYS A 1 32  ? -16.145 8.721   -2.031  1.00 37.86 ? 32   LYS A NZ    1 
ATOM   270  N N     . THR A 1 33  ? -10.681 4.198   -2.036  1.00 19.15 ? 33   THR A N     1 
ATOM   271  C CA    . THR A 1 33  ? -9.276  4.452   -2.337  1.00 19.45 ? 33   THR A CA    1 
ATOM   272  C C     . THR A 1 33  ? -8.362  3.308   -1.920  1.00 19.45 ? 33   THR A C     1 
ATOM   273  O O     . THR A 1 33  ? -8.639  2.594   -0.957  1.00 17.80 ? 33   THR A O     1 
ATOM   274  C CB    . THR A 1 33  ? -8.758  5.712   -1.587  1.00 19.31 ? 33   THR A CB    1 
ATOM   275  O OG1   . THR A 1 33  ? -9.617  6.829   -1.844  1.00 23.34 ? 33   THR A OG1   1 
ATOM   276  C CG2   . THR A 1 33  ? -7.343  6.055   -2.043  1.00 22.37 ? 33   THR A CG2   1 
ATOM   277  N N     . ASN A 1 34  ? -7.273  3.143   -2.662  1.00 18.17 ? 34   ASN A N     1 
ATOM   278  C CA    . ASN A 1 34  ? -6.257  2.153   -2.339  1.00 18.90 ? 34   ASN A CA    1 
ATOM   279  C C     . ASN A 1 34  ? -4.909  2.697   -2.809  1.00 18.67 ? 34   ASN A C     1 
ATOM   280  O O     . ASN A 1 34  ? -4.748  3.049   -3.980  1.00 16.81 ? 34   ASN A O     1 
ATOM   281  C CB    . ASN A 1 34  ? -6.501  0.804   -3.016  1.00 18.63 ? 34   ASN A CB    1 
ATOM   282  C CG    . ASN A 1 34  ? -5.541  -0.263  -2.509  1.00 19.99 ? 34   ASN A CG    1 
ATOM   283  O OD1   . ASN A 1 34  ? -5.723  -0.794  -1.421  1.00 22.71 ? 34   ASN A OD1   1 
ATOM   284  N ND2   . ASN A 1 34  ? -4.503  -0.553  -3.277  1.00 17.94 ? 34   ASN A ND2   1 
ATOM   285  N N     . THR A 1 35  ? -3.948  2.781   -1.896  1.00 19.57 ? 35   THR A N     1 
ATOM   286  C CA    . THR A 1 35  ? -2.630  3.287   -2.254  1.00 21.03 ? 35   THR A CA    1 
ATOM   287  C C     . THR A 1 35  ? -1.636  2.146   -2.471  1.00 22.15 ? 35   THR A C     1 
ATOM   288  O O     . THR A 1 35  ? -1.485  1.260   -1.628  1.00 21.93 ? 35   THR A O     1 
ATOM   289  C CB    . THR A 1 35  ? -2.084  4.269   -1.177  1.00 21.59 ? 35   THR A CB    1 
ATOM   290  O OG1   . THR A 1 35  ? -2.979  5.379   -1.053  1.00 21.72 ? 35   THR A OG1   1 
ATOM   291  C CG2   . THR A 1 35  ? -0.708  4.794   -1.566  1.00 20.80 ? 35   THR A CG2   1 
ATOM   292  N N     . PHE A 1 36  ? -0.982  2.169   -3.626  1.00 20.78 ? 36   PHE A N     1 
ATOM   293  C CA    . PHE A 1 36  ? 0.002   1.160   -3.960  1.00 21.80 ? 36   PHE A CA    1 
ATOM   294  C C     . PHE A 1 36  ? 1.396   1.718   -3.686  1.00 21.32 ? 36   PHE A C     1 
ATOM   295  O O     . PHE A 1 36  ? 1.594   2.935   -3.629  1.00 21.17 ? 36   PHE A O     1 
ATOM   296  C CB    . PHE A 1 36  ? -0.105  0.752   -5.435  1.00 20.93 ? 36   PHE A CB    1 
ATOM   297  C CG    . PHE A 1 36  ? -1.443  0.181   -5.818  1.00 22.90 ? 36   PHE A CG    1 
ATOM   298  C CD1   . PHE A 1 36  ? -2.490  1.015   -6.187  1.00 22.69 ? 36   PHE A CD1   1 
ATOM   299  C CD2   . PHE A 1 36  ? -1.653  -1.191  -5.814  1.00 22.29 ? 36   PHE A CD2   1 
ATOM   300  C CE1   . PHE A 1 36  ? -3.730  0.487   -6.553  1.00 24.42 ? 36   PHE A CE1   1 
ATOM   301  C CE2   . PHE A 1 36  ? -2.890  -1.730  -6.177  1.00 22.65 ? 36   PHE A CE2   1 
ATOM   302  C CZ    . PHE A 1 36  ? -3.928  -0.887  -6.548  1.00 24.23 ? 36   PHE A CZ    1 
ATOM   303  N N     . ILE A 1 37  ? 2.353   0.812   -3.513  1.00 20.54 ? 37   ILE A N     1 
ATOM   304  C CA    . ILE A 1 37  ? 3.738   1.163   -3.255  1.00 20.25 ? 37   ILE A CA    1 
ATOM   305  C C     . ILE A 1 37  ? 4.562   0.549   -4.383  1.00 21.39 ? 37   ILE A C     1 
ATOM   306  O O     . ILE A 1 37  ? 4.473   -0.653  -4.649  1.00 21.75 ? 37   ILE A O     1 
ATOM   307  C CB    . ILE A 1 37  ? 4.222   0.583   -1.895  1.00 20.91 ? 37   ILE A CB    1 
ATOM   308  C CG1   . ILE A 1 37  ? 3.331   1.088   -0.757  1.00 21.18 ? 37   ILE A CG1   1 
ATOM   309  C CG2   . ILE A 1 37  ? 5.653   1.000   -1.619  1.00 18.06 ? 37   ILE A CG2   1 
ATOM   310  C CD1   . ILE A 1 37  ? 3.675   0.489   0.592   1.00 22.68 ? 37   ILE A CD1   1 
ATOM   311  N N     . PHE A 1 38  ? 5.342   1.382   -5.059  1.00 21.23 ? 38   PHE A N     1 
ATOM   312  C CA    . PHE A 1 38  ? 6.182   0.928   -6.161  1.00 22.45 ? 38   PHE A CA    1 
ATOM   313  C C     . PHE A 1 38  ? 7.509   0.455   -5.553  1.00 22.00 ? 38   PHE A C     1 
ATOM   314  O O     . PHE A 1 38  ? 8.402   1.255   -5.294  1.00 21.20 ? 38   PHE A O     1 
ATOM   315  C CB    . PHE A 1 38  ? 6.391   2.085   -7.156  1.00 22.70 ? 38   PHE A CB    1 
ATOM   316  C CG    . PHE A 1 38  ? 7.239   1.731   -8.353  1.00 25.23 ? 38   PHE A CG    1 
ATOM   317  C CD1   . PHE A 1 38  ? 8.566   2.156   -8.433  1.00 27.16 ? 38   PHE A CD1   1 
ATOM   318  C CD2   . PHE A 1 38  ? 6.717   0.973   -9.396  1.00 26.02 ? 38   PHE A CD2   1 
ATOM   319  C CE1   . PHE A 1 38  ? 9.359   1.832   -9.532  1.00 26.07 ? 38   PHE A CE1   1 
ATOM   320  C CE2   . PHE A 1 38  ? 7.502   0.641   -10.502 1.00 28.04 ? 38   PHE A CE2   1 
ATOM   321  C CZ    . PHE A 1 38  ? 8.830   1.073   -10.572 1.00 27.21 ? 38   PHE A CZ    1 
ATOM   322  N N     . ALA A 1 39  ? 7.605   -0.849  -5.300  1.00 21.48 ? 39   ALA A N     1 
ATOM   323  C CA    . ALA A 1 39  ? 8.799   -1.446  -4.720  1.00 23.52 ? 39   ALA A CA    1 
ATOM   324  C C     . ALA A 1 39  ? 8.702   -2.976  -4.713  1.00 24.87 ? 39   ALA A C     1 
ATOM   325  O O     . ALA A 1 39  ? 7.620   -3.554  -4.889  1.00 23.66 ? 39   ALA A O     1 
ATOM   326  C CB    . ALA A 1 39  ? 8.998   -0.942  -3.298  1.00 23.11 ? 39   ALA A CB    1 
ATOM   327  N N     . ARG A 1 40  ? 9.843   -3.626  -4.506  1.00 25.85 ? 40   ARG A N     1 
ATOM   328  C CA    . ARG A 1 40  ? 9.888   -5.077  -4.451  1.00 26.63 ? 40   ARG A CA    1 
ATOM   329  C C     . ARG A 1 40  ? 9.606   -5.490  -3.011  1.00 25.07 ? 40   ARG A C     1 
ATOM   330  O O     . ARG A 1 40  ? 9.810   -4.715  -2.082  1.00 25.87 ? 40   ARG A O     1 
ATOM   331  C CB    . ARG A 1 40  ? 11.266  -5.591  -4.861  1.00 30.98 ? 40   ARG A CB    1 
ATOM   332  C CG    . ARG A 1 40  ? 11.973  -4.751  -5.894  1.00 36.82 ? 40   ARG A CG    1 
ATOM   333  C CD    . ARG A 1 40  ? 11.113  -4.485  -7.121  1.00 42.26 ? 40   ARG A CD    1 
ATOM   334  N NE    . ARG A 1 40  ? 10.694  -5.695  -7.839  1.00 45.17 ? 40   ARG A NE    1 
ATOM   335  C CZ    . ARG A 1 40  ? 11.487  -6.717  -8.144  1.00 47.48 ? 40   ARG A CZ    1 
ATOM   336  N NH1   . ARG A 1 40  ? 12.768  -6.705  -7.782  1.00 47.86 ? 40   ARG A NH1   1 
ATOM   337  N NH2   . ARG A 1 40  ? 11.002  -7.733  -8.849  1.00 48.57 ? 40   ARG A NH2   1 
ATOM   338  N N     . PRO A 1 41  ? 9.115   -6.717  -2.810  1.00 25.49 ? 41   PRO A N     1 
ATOM   339  C CA    . PRO A 1 41  ? 8.821   -7.185  -1.456  1.00 25.52 ? 41   PRO A CA    1 
ATOM   340  C C     . PRO A 1 41  ? 9.983   -7.021  -0.467  1.00 25.37 ? 41   PRO A C     1 
ATOM   341  O O     . PRO A 1 41  ? 9.784   -6.572  0.655   1.00 25.52 ? 41   PRO A O     1 
ATOM   342  C CB    . PRO A 1 41  ? 8.442   -8.645  -1.686  1.00 24.62 ? 41   PRO A CB    1 
ATOM   343  C CG    . PRO A 1 41  ? 7.770   -8.596  -3.028  1.00 23.18 ? 41   PRO A CG    1 
ATOM   344  C CD    . PRO A 1 41  ? 8.691   -7.714  -3.815  1.00 23.58 ? 41   PRO A CD    1 
ATOM   345  N N     . PRO A 1 42  ? 11.211  -7.371  -0.880  1.00 26.61 ? 42   PRO A N     1 
ATOM   346  C CA    . PRO A 1 42  ? 12.388  -7.258  -0.014  1.00 26.81 ? 42   PRO A CA    1 
ATOM   347  C C     . PRO A 1 42  ? 12.583  -5.899  0.649   1.00 27.25 ? 42   PRO A C     1 
ATOM   348  O O     . PRO A 1 42  ? 12.757  -5.808  1.872   1.00 25.41 ? 42   PRO A O     1 
ATOM   349  C CB    . PRO A 1 42  ? 13.540  -7.601  -0.957  1.00 28.69 ? 42   PRO A CB    1 
ATOM   350  C CG    . PRO A 1 42  ? 12.918  -8.576  -1.897  1.00 28.50 ? 42   PRO A CG    1 
ATOM   351  C CD    . PRO A 1 42  ? 11.590  -7.917  -2.193  1.00 27.27 ? 42   PRO A CD    1 
ATOM   352  N N     . ARG A 1 43  ? 12.560  -4.845  -0.162  1.00 27.04 ? 43   ARG A N     1 
ATOM   353  C CA    . ARG A 1 43  ? 12.753  -3.488  0.343   1.00 27.89 ? 43   ARG A CA    1 
ATOM   354  C C     . ARG A 1 43  ? 11.688  -3.129  1.364   1.00 26.26 ? 43   ARG A C     1 
ATOM   355  O O     . ARG A 1 43  ? 11.988  -2.568  2.419   1.00 25.34 ? 43   ARG A O     1 
ATOM   356  C CB    . ARG A 1 43  ? 12.743  -2.476  -0.818  1.00 29.73 ? 43   ARG A CB    1 
ATOM   357  C CG    . ARG A 1 43  ? 13.012  -1.027  -0.397  1.00 33.53 ? 43   ARG A CG    1 
ATOM   358  C CD    . ARG A 1 43  ? 13.830  -0.288  -1.463  1.00 36.03 ? 43   ARG A CD    1 
ATOM   359  N NE    . ARG A 1 43  ? 13.082  0.795   -2.111  1.00 40.78 ? 43   ARG A NE    1 
ATOM   360  C CZ    . ARG A 1 43  ? 13.218  2.096   -1.842  1.00 41.73 ? 43   ARG A CZ    1 
ATOM   361  N NH1   . ARG A 1 43  ? 14.085  2.495   -0.922  1.00 42.30 ? 43   ARG A NH1   1 
ATOM   362  N NH2   . ARG A 1 43  ? 12.490  3.001   -2.508  1.00 42.30 ? 43   ARG A NH2   1 
ATOM   363  N N     . VAL A 1 44  ? 10.442  -3.468  1.057   1.00 25.70 ? 44   VAL A N     1 
ATOM   364  C CA    . VAL A 1 44  ? 9.342   -3.169  1.959   1.00 24.89 ? 44   VAL A CA    1 
ATOM   365  C C     . VAL A 1 44  ? 9.461   -3.986  3.240   1.00 25.09 ? 44   VAL A C     1 
ATOM   366  O O     . VAL A 1 44  ? 9.342   -3.453  4.339   1.00 23.05 ? 44   VAL A O     1 
ATOM   367  C CB    . VAL A 1 44  ? 7.980   -3.469  1.298   1.00 26.92 ? 44   VAL A CB    1 
ATOM   368  C CG1   . VAL A 1 44  ? 6.852   -3.016  2.214   1.00 28.62 ? 44   VAL A CG1   1 
ATOM   369  C CG2   . VAL A 1 44  ? 7.882   -2.750  -0.042  1.00 26.54 ? 44   VAL A CG2   1 
ATOM   370  N N     . GLN A 1 45  ? 9.699   -5.283  3.099   1.00 23.72 ? 45   GLN A N     1 
ATOM   371  C CA    . GLN A 1 45  ? 9.816   -6.141  4.269   1.00 24.88 ? 45   GLN A CA    1 
ATOM   372  C C     . GLN A 1 45  ? 10.856  -5.629  5.277   1.00 23.19 ? 45   GLN A C     1 
ATOM   373  O O     . GLN A 1 45  ? 10.609  -5.609  6.483   1.00 23.72 ? 45   GLN A O     1 
ATOM   374  C CB    . GLN A 1 45  ? 10.164  -7.554  3.822   1.00 26.38 ? 45   GLN A CB    1 
ATOM   375  C CG    . GLN A 1 45  ? 10.164  -8.570  4.924   1.00 30.43 ? 45   GLN A CG    1 
ATOM   376  C CD    . GLN A 1 45  ? 10.445  -9.953  4.397   1.00 33.99 ? 45   GLN A CD    1 
ATOM   377  O OE1   . GLN A 1 45  ? 9.712   -10.465 3.540   1.00 34.70 ? 45   GLN A OE1   1 
ATOM   378  N NE2   . GLN A 1 45  ? 11.511  -10.570 4.891   1.00 33.59 ? 45   GLN A NE2   1 
ATOM   379  N N     . ALA A 1 46  ? 12.006  -5.195  4.773   1.00 23.09 ? 46   ALA A N     1 
ATOM   380  C CA    . ALA A 1 46  ? 13.094  -4.690  5.607   1.00 23.30 ? 46   ALA A CA    1 
ATOM   381  C C     . ALA A 1 46  ? 12.700  -3.566  6.572   1.00 24.38 ? 46   ALA A C     1 
ATOM   382  O O     . ALA A 1 46  ? 13.349  -3.371  7.603   1.00 23.95 ? 46   ALA A O     1 
ATOM   383  C CB    . ALA A 1 46  ? 14.250  -4.222  4.714   1.00 23.02 ? 46   ALA A CB    1 
ATOM   384  N N     . LEU A 1 47  ? 11.653  -2.818  6.237   1.00 24.05 ? 47   LEU A N     1 
ATOM   385  C CA    . LEU A 1 47  ? 11.203  -1.722  7.094   1.00 25.27 ? 47   LEU A CA    1 
ATOM   386  C C     . LEU A 1 47  ? 10.732  -2.210  8.465   1.00 24.24 ? 47   LEU A C     1 
ATOM   387  O O     . LEU A 1 47  ? 10.760  -1.457  9.439   1.00 22.48 ? 47   LEU A O     1 
ATOM   388  C CB    . LEU A 1 47  ? 10.060  -0.948  6.418   1.00 25.96 ? 47   LEU A CB    1 
ATOM   389  C CG    . LEU A 1 47  ? 10.402  0.058   5.318   1.00 28.39 ? 47   LEU A CG    1 
ATOM   390  C CD1   . LEU A 1 47  ? 11.227  -0.597  4.232   1.00 29.77 ? 47   LEU A CD1   1 
ATOM   391  C CD2   . LEU A 1 47  ? 9.099   0.617   4.730   1.00 28.06 ? 47   LEU A CD2   1 
ATOM   392  N N     . CYS A 1 48  ? 10.301  -3.468  8.531   1.00 23.57 ? 48   CYS A N     1 
ATOM   393  C CA    . CYS A 1 48  ? 9.804   -4.059  9.775   1.00 23.57 ? 48   CYS A CA    1 
ATOM   394  C C     . CYS A 1 48  ? 10.841  -4.748  10.663  1.00 23.89 ? 48   CYS A C     1 
ATOM   395  O O     . CYS A 1 48  ? 10.494  -5.305  11.704  1.00 23.39 ? 48   CYS A O     1 
ATOM   396  C CB    . CYS A 1 48  ? 8.679   -5.048  9.469   1.00 22.44 ? 48   CYS A CB    1 
ATOM   397  S SG    . CYS A 1 48  ? 7.063   -4.269  9.169   1.00 21.44 ? 48   CYS A SG    1 
ATOM   398  N N     . LYS A 1 49  ? 12.104  -4.719  10.255  1.00 25.79 ? 49   LYS A N     1 
ATOM   399  C CA    . LYS A 1 49  ? 13.161  -5.347  11.047  1.00 26.58 ? 49   LYS A CA    1 
ATOM   400  C C     . LYS A 1 49  ? 13.312  -4.633  12.393  1.00 27.09 ? 49   LYS A C     1 
ATOM   401  O O     . LYS A 1 49  ? 13.423  -3.406  12.444  1.00 25.90 ? 49   LYS A O     1 
ATOM   402  C CB    . LYS A 1 49  ? 14.480  -5.295  10.294  1.00 28.77 ? 49   LYS A CB    1 
ATOM   403  C CG    . LYS A 1 49  ? 15.047  -6.636  9.923   1.00 32.45 ? 49   LYS A CG    1 
ATOM   404  C CD    . LYS A 1 49  ? 16.342  -6.466  9.138   1.00 35.10 ? 49   LYS A CD    1 
ATOM   405  C CE    . LYS A 1 49  ? 16.057  -5.833  7.799   1.00 38.36 ? 49   LYS A CE    1 
ATOM   406  N NZ    . LYS A 1 49  ? 15.057  -6.682  7.063   1.00 40.78 ? 49   LYS A NZ    1 
ATOM   407  N N     . ASN A 1 50  ? 13.311  -5.416  13.470  1.00 27.57 ? 50   ASN A N     1 
ATOM   408  C CA    . ASN A 1 50  ? 13.436  -4.922  14.843  1.00 29.34 ? 50   ASN A CA    1 
ATOM   409  C C     . ASN A 1 50  ? 12.313  -4.004  15.301  1.00 29.29 ? 50   ASN A C     1 
ATOM   410  O O     . ASN A 1 50  ? 12.532  -3.107  16.119  1.00 31.27 ? 50   ASN A O     1 
ATOM   411  C CB    . ASN A 1 50  ? 14.772  -4.207  15.063  1.00 30.93 ? 50   ASN A CB    1 
ATOM   412  C CG    . ASN A 1 50  ? 15.958  -5.109  14.825  1.00 32.58 ? 50   ASN A CG    1 
ATOM   413  O OD1   . ASN A 1 50  ? 16.280  -5.430  13.685  1.00 34.94 ? 50   ASN A OD1   1 
ATOM   414  N ND2   . ASN A 1 50  ? 16.606  -5.539  15.902  1.00 34.36 ? 50   ASN A ND2   1 
ATOM   415  N N     . ILE A 1 51  ? 11.113  -4.231  14.779  1.00 27.78 ? 51   ILE A N     1 
ATOM   416  C CA    . ILE A 1 51  ? 9.953   -3.434  15.158  1.00 25.52 ? 51   ILE A CA    1 
ATOM   417  C C     . ILE A 1 51  ? 9.055   -4.263  16.071  1.00 25.50 ? 51   ILE A C     1 
ATOM   418  O O     . ILE A 1 51  ? 8.751   -5.415  15.766  1.00 23.96 ? 51   ILE A O     1 
ATOM   419  C CB    . ILE A 1 51  ? 9.137   -3.010  13.914  1.00 24.97 ? 51   ILE A CB    1 
ATOM   420  C CG1   . ILE A 1 51  ? 9.993   -2.126  13.006  1.00 20.66 ? 51   ILE A CG1   1 
ATOM   421  C CG2   . ILE A 1 51  ? 7.855   -2.305  14.351  1.00 24.42 ? 51   ILE A CG2   1 
ATOM   422  C CD1   . ILE A 1 51  ? 10.441  -0.833  13.642  1.00 21.23 ? 51   ILE A CD1   1 
ATOM   423  N N     . LYS A 1 52  ? 8.627   -3.665  17.179  1.00 27.16 ? 52   LYS A N     1 
ATOM   424  C CA    . LYS A 1 52  ? 7.765   -4.330  18.161  1.00 29.03 ? 52   LYS A CA    1 
ATOM   425  C C     . LYS A 1 52  ? 6.457   -4.790  17.517  1.00 29.38 ? 52   LYS A C     1 
ATOM   426  O O     . LYS A 1 52  ? 5.842   -4.050  16.751  1.00 27.72 ? 52   LYS A O     1 
ATOM   427  C CB    . LYS A 1 52  ? 7.461   -3.366  19.318  1.00 30.81 ? 52   LYS A CB    1 
ATOM   428  C CG    . LYS A 1 52  ? 7.218   -4.046  20.669  1.00 33.84 ? 52   LYS A CG    1 
ATOM   429  C CD    . LYS A 1 52  ? 7.078   -3.032  21.811  1.00 34.69 ? 52   LYS A CD    1 
ATOM   430  C CE    . LYS A 1 52  ? 5.796   -2.213  21.692  1.00 37.27 ? 52   LYS A CE    1 
ATOM   431  N NZ    . LYS A 1 52  ? 5.627   -1.234  22.830  1.00 39.88 ? 52   LYS A NZ    1 
ATOM   432  N N     . ASN A 1 53  ? 6.027   -6.010  17.836  1.00 29.41 ? 53   ASN A N     1 
ATOM   433  C CA    . ASN A 1 53  ? 4.800   -6.541  17.254  1.00 29.09 ? 53   ASN A CA    1 
ATOM   434  C C     . ASN A 1 53  ? 3.586   -5.653  17.402  1.00 29.75 ? 53   ASN A C     1 
ATOM   435  O O     . ASN A 1 53  ? 3.326   -5.065  18.455  1.00 29.07 ? 53   ASN A O     1 
ATOM   436  C CB    . ASN A 1 53  ? 4.440   -7.903  17.832  1.00 29.35 ? 53   ASN A CB    1 
ATOM   437  C CG    . ASN A 1 53  ? 5.328   -8.992  17.326  1.00 29.28 ? 53   ASN A CG    1 
ATOM   438  O OD1   . ASN A 1 53  ? 5.815   -8.936  16.192  1.00 31.19 ? 53   ASN A OD1   1 
ATOM   439  N ND2   . ASN A 1 53  ? 5.538   -10.009 18.150  1.00 28.02 ? 53   ASN A ND2   1 
ATOM   440  N N     . ASN A 1 54  ? 2.836   -5.587  16.315  1.00 29.92 ? 54   ASN A N     1 
ATOM   441  C CA    . ASN A 1 54  ? 1.624   -4.813  16.248  1.00 30.53 ? 54   ASN A CA    1 
ATOM   442  C C     . ASN A 1 54  ? 1.827   -3.314  16.453  1.00 29.78 ? 54   ASN A C     1 
ATOM   443  O O     . ASN A 1 54  ? 0.918   -2.624  16.916  1.00 29.17 ? 54   ASN A O     1 
ATOM   444  C CB    . ASN A 1 54  ? 0.614   -5.364  17.252  1.00 32.00 ? 54   ASN A CB    1 
ATOM   445  C CG    . ASN A 1 54  ? -0.802  -5.283  16.741  1.00 35.33 ? 54   ASN A CG    1 
ATOM   446  O OD1   . ASN A 1 54  ? -1.114  -5.780  15.650  1.00 36.97 ? 54   ASN A OD1   1 
ATOM   447  N ND2   . ASN A 1 54  ? -1.675  -4.657  17.519  1.00 36.17 ? 54   ASN A ND2   1 
ATOM   448  N N     . THR A 1 55  ? 3.013   -2.813  16.111  1.00 26.75 ? 55   THR A N     1 
ATOM   449  C CA    . THR A 1 55  ? 3.285   -1.384  16.211  1.00 26.98 ? 55   THR A CA    1 
ATOM   450  C C     . THR A 1 55  ? 3.649   -0.880  14.818  1.00 26.21 ? 55   THR A C     1 
ATOM   451  O O     . THR A 1 55  ? 4.034   -1.663  13.946  1.00 24.66 ? 55   THR A O     1 
ATOM   452  C CB    . THR A 1 55  ? 4.434   -1.049  17.204  1.00 28.35 ? 55   THR A CB    1 
ATOM   453  O OG1   . THR A 1 55  ? 5.693   -1.444  16.653  1.00 28.17 ? 55   THR A OG1   1 
ATOM   454  C CG2   . THR A 1 55  ? 4.210   -1.761  18.531  1.00 30.45 ? 55   THR A CG2   1 
ATOM   455  N N     . ASN A 1 56  ? 3.510   0.426   14.609  1.00 26.03 ? 56   ASN A N     1 
ATOM   456  C CA    . ASN A 1 56  ? 3.789   1.025   13.314  1.00 24.58 ? 56   ASN A CA    1 
ATOM   457  C C     . ASN A 1 56  ? 5.197   1.561   13.162  1.00 24.96 ? 56   ASN A C     1 
ATOM   458  O O     . ASN A 1 56  ? 5.880   1.854   14.143  1.00 25.81 ? 56   ASN A O     1 
ATOM   459  C CB    . ASN A 1 56  ? 2.794   2.150   13.032  1.00 25.71 ? 56   ASN A CB    1 
ATOM   460  C CG    . ASN A 1 56  ? 1.369   1.646   12.920  1.00 25.88 ? 56   ASN A CG    1 
ATOM   461  O OD1   . ASN A 1 56  ? 1.110   0.654   12.248  1.00 27.62 ? 56   ASN A OD1   1 
ATOM   462  N ND2   . ASN A 1 56  ? 0.439   2.329   13.575  1.00 27.50 ? 56   ASN A ND2   1 
ATOM   463  N N     . VAL A 1 57  ? 5.629   1.692   11.916  1.00 22.93 ? 57   VAL A N     1 
ATOM   464  C CA    . VAL A 1 57  ? 6.953   2.213   11.629  1.00 21.68 ? 57   VAL A CA    1 
ATOM   465  C C     . VAL A 1 57  ? 6.873   3.216   10.481  1.00 22.03 ? 57   VAL A C     1 
ATOM   466  O O     . VAL A 1 57  ? 6.184   2.987   9.483   1.00 20.96 ? 57   VAL A O     1 
ATOM   467  C CB    . VAL A 1 57  ? 7.936   1.071   11.273  1.00 21.85 ? 57   VAL A CB    1 
ATOM   468  C CG1   . VAL A 1 57  ? 7.415   0.265   10.093  1.00 19.27 ? 57   VAL A CG1   1 
ATOM   469  C CG2   . VAL A 1 57  ? 9.305   1.649   10.984  1.00 23.03 ? 57   VAL A CG2   1 
ATOM   470  N N     . LEU A 1 58  ? 7.556   4.341   10.647  1.00 20.36 ? 58   LEU A N     1 
ATOM   471  C CA    . LEU A 1 58  ? 7.582   5.368   9.619   1.00 21.89 ? 58   LEU A CA    1 
ATOM   472  C C     . LEU A 1 58  ? 8.913   5.261   8.879   1.00 21.47 ? 58   LEU A C     1 
ATOM   473  O O     . LEU A 1 58  ? 9.977   5.320   9.494   1.00 21.42 ? 58   LEU A O     1 
ATOM   474  C CB    . LEU A 1 58  ? 7.432   6.760   10.246  1.00 21.53 ? 58   LEU A CB    1 
ATOM   475  C CG    . LEU A 1 58  ? 7.336   7.943   9.274   1.00 25.00 ? 58   LEU A CG    1 
ATOM   476  C CD1   . LEU A 1 58  ? 6.170   7.733   8.298   1.00 23.92 ? 58   LEU A CD1   1 
ATOM   477  C CD2   . LEU A 1 58  ? 7.133   9.241   10.070  1.00 26.02 ? 58   LEU A CD2   1 
ATOM   478  N N     . SER A 1 59  ? 8.849   5.084   7.564   1.00 21.93 ? 59   SER A N     1 
ATOM   479  C CA    . SER A 1 59  ? 10.063  4.952   6.775   1.00 22.36 ? 59   SER A CA    1 
ATOM   480  C C     . SER A 1 59  ? 10.824  6.265   6.707   1.00 24.57 ? 59   SER A C     1 
ATOM   481  O O     . SER A 1 59  ? 10.248  7.344   6.846   1.00 22.43 ? 59   SER A O     1 
ATOM   482  C CB    . SER A 1 59  ? 9.746   4.475   5.347   1.00 22.10 ? 59   SER A CB    1 
ATOM   483  O OG    . SER A 1 59  ? 9.005   5.437   4.613   1.00 17.66 ? 59   SER A OG    1 
ATOM   484  N N     . ARG A 1 60  ? 12.130  6.142   6.505   1.00 25.55 ? 60   ARG A N     1 
ATOM   485  C CA    . ARG A 1 60  ? 13.020  7.279   6.383   1.00 28.09 ? 60   ARG A CA    1 
ATOM   486  C C     . ARG A 1 60  ? 13.151  7.589   4.897   1.00 27.44 ? 60   ARG A C     1 
ATOM   487  O O     . ARG A 1 60  ? 13.291  8.742   4.508   1.00 27.66 ? 60   ARG A O     1 
ATOM   488  C CB    . ARG A 1 60  ? 14.386  6.936   6.971   1.00 30.76 ? 60   ARG A CB    1 
ATOM   489  C CG    . ARG A 1 60  ? 14.331  6.528   8.440   1.00 37.17 ? 60   ARG A CG    1 
ATOM   490  C CD    . ARG A 1 60  ? 14.729  7.667   9.360   1.00 41.55 ? 60   ARG A CD    1 
ATOM   491  N NE    . ARG A 1 60  ? 13.873  8.853   9.244   1.00 45.51 ? 60   ARG A NE    1 
ATOM   492  C CZ    . ARG A 1 60  ? 14.068  9.972   9.939   1.00 47.06 ? 60   ARG A CZ    1 
ATOM   493  N NH1   . ARG A 1 60  ? 15.088  10.047  10.791  1.00 47.44 ? 60   ARG A NH1   1 
ATOM   494  N NH2   . ARG A 1 60  ? 13.248  11.007  9.787   1.00 48.80 ? 60   ARG A NH2   1 
ATOM   495  N N     . ASP A 1 61  ? 13.104  6.554   4.066   1.00 26.74 ? 61   ASP A N     1 
ATOM   496  C CA    . ASP A 1 61  ? 13.204  6.767   2.637   1.00 26.89 ? 61   ASP A CA    1 
ATOM   497  C C     . ASP A 1 61  ? 11.828  6.948   2.009   1.00 26.21 ? 61   ASP A C     1 
ATOM   498  O O     . ASP A 1 61  ? 10.819  6.577   2.598   1.00 26.37 ? 61   ASP A O     1 
ATOM   499  C CB    . ASP A 1 61  ? 13.932  5.617   1.956   1.00 31.05 ? 61   ASP A CB    1 
ATOM   500  C CG    . ASP A 1 61  ? 14.464  6.012   0.589   1.00 34.11 ? 61   ASP A CG    1 
ATOM   501  O OD1   . ASP A 1 61  ? 15.086  7.092   0.502   1.00 36.13 ? 61   ASP A OD1   1 
ATOM   502  O OD2   . ASP A 1 61  ? 14.265  5.262   -0.393  1.00 38.77 ? 61   ASP A OD2   1 
ATOM   503  N N     . VAL A 1 62  ? 11.801  7.535   0.817   1.00 25.59 ? 62   VAL A N     1 
ATOM   504  C CA    . VAL A 1 62  ? 10.557  7.788   0.108   1.00 24.35 ? 62   VAL A CA    1 
ATOM   505  C C     . VAL A 1 62  ? 10.265  6.745   -0.966  1.00 23.44 ? 62   VAL A C     1 
ATOM   506  O O     . VAL A 1 62  ? 11.161  6.031   -1.416  1.00 22.46 ? 62   VAL A O     1 
ATOM   507  C CB    . VAL A 1 62  ? 10.564  9.196   -0.552  1.00 23.04 ? 62   VAL A CB    1 
ATOM   508  C CG1   . VAL A 1 62  ? 10.739  10.264  0.509   1.00 24.33 ? 62   VAL A CG1   1 
ATOM   509  C CG2   . VAL A 1 62  ? 11.678  9.293   -1.583  1.00 24.25 ? 62   VAL A CG2   1 
ATOM   510  N N     . PHE A 1 63  ? 8.997   6.649   -1.352  1.00 22.23 ? 63   PHE A N     1 
ATOM   511  C CA    . PHE A 1 63  ? 8.573   5.713   -2.390  1.00 20.70 ? 63   PHE A CA    1 
ATOM   512  C C     . PHE A 1 63  ? 7.556   6.426   -3.268  1.00 19.57 ? 63   PHE A C     1 
ATOM   513  O O     . PHE A 1 63  ? 6.940   7.402   -2.845  1.00 18.67 ? 63   PHE A O     1 
ATOM   514  C CB    . PHE A 1 63  ? 7.910   4.457   -1.787  1.00 21.18 ? 63   PHE A CB    1 
ATOM   515  C CG    . PHE A 1 63  ? 8.774   3.700   -0.807  1.00 22.76 ? 63   PHE A CG    1 
ATOM   516  C CD1   . PHE A 1 63  ? 8.930   4.159   0.499   1.00 22.68 ? 63   PHE A CD1   1 
ATOM   517  C CD2   . PHE A 1 63  ? 9.444   2.537   -1.195  1.00 23.20 ? 63   PHE A CD2   1 
ATOM   518  C CE1   . PHE A 1 63  ? 9.743   3.477   1.409   1.00 23.99 ? 63   PHE A CE1   1 
ATOM   519  C CE2   . PHE A 1 63  ? 10.263  1.845   -0.292  1.00 24.14 ? 63   PHE A CE2   1 
ATOM   520  C CZ    . PHE A 1 63  ? 10.412  2.317   1.011   1.00 23.66 ? 63   PHE A CZ    1 
ATOM   521  N N     . TYR A 1 64  ? 7.408   5.954   -4.501  1.00 20.00 ? 64   TYR A N     1 
ATOM   522  C CA    . TYR A 1 64  ? 6.423   6.518   -5.405  1.00 19.99 ? 64   TYR A CA    1 
ATOM   523  C C     . TYR A 1 64  ? 5.160   5.756   -5.044  1.00 19.26 ? 64   TYR A C     1 
ATOM   524  O O     . TYR A 1 64  ? 5.182   4.531   -4.956  1.00 18.61 ? 64   TYR A O     1 
ATOM   525  C CB    . TYR A 1 64  ? 6.766   6.236   -6.859  1.00 22.18 ? 64   TYR A CB    1 
ATOM   526  C CG    . TYR A 1 64  ? 5.749   6.820   -7.809  1.00 25.00 ? 64   TYR A CG    1 
ATOM   527  C CD1   . TYR A 1 64  ? 5.737   8.189   -8.087  1.00 26.92 ? 64   TYR A CD1   1 
ATOM   528  C CD2   . TYR A 1 64  ? 4.793   6.010   -8.428  1.00 25.25 ? 64   TYR A CD2   1 
ATOM   529  C CE1   . TYR A 1 64  ? 4.799   8.740   -8.962  1.00 27.25 ? 64   TYR A CE1   1 
ATOM   530  C CE2   . TYR A 1 64  ? 3.847   6.554   -9.307  1.00 28.53 ? 64   TYR A CE2   1 
ATOM   531  C CZ    . TYR A 1 64  ? 3.865   7.919   -9.567  1.00 28.19 ? 64   TYR A CZ    1 
ATOM   532  O OH    . TYR A 1 64  ? 2.962   8.452   -10.447 1.00 31.24 ? 64   TYR A OH    1 
ATOM   533  N N     . LEU A 1 65  ? 4.065   6.479   -4.849  1.00 18.73 ? 65   LEU A N     1 
ATOM   534  C CA    . LEU A 1 65  ? 2.807   5.870   -4.446  1.00 18.22 ? 65   LEU A CA    1 
ATOM   535  C C     . LEU A 1 65  ? 1.631   5.964   -5.433  1.00 18.37 ? 65   LEU A C     1 
ATOM   536  O O     . LEU A 1 65  ? 0.836   6.906   -5.376  1.00 17.18 ? 65   LEU A O     1 
ATOM   537  C CB    . LEU A 1 65  ? 2.390   6.466   -3.101  1.00 16.75 ? 65   LEU A CB    1 
ATOM   538  C CG    . LEU A 1 65  ? 3.451   6.313   -1.993  1.00 18.01 ? 65   LEU A CG    1 
ATOM   539  C CD1   . LEU A 1 65  ? 3.107   7.178   -0.789  1.00 16.13 ? 65   LEU A CD1   1 
ATOM   540  C CD2   . LEU A 1 65  ? 3.577   4.859   -1.621  1.00 13.83 ? 65   LEU A CD2   1 
ATOM   541  N N     . PRO A 1 66  ? 1.506   4.985   -6.349  1.00 18.22 ? 66   PRO A N     1 
ATOM   542  C CA    . PRO A 1 66  ? 0.395   5.016   -7.306  1.00 19.43 ? 66   PRO A CA    1 
ATOM   543  C C     . PRO A 1 66  ? -0.889  4.844   -6.486  1.00 19.35 ? 66   PRO A C     1 
ATOM   544  O O     . PRO A 1 66  ? -0.985  3.905   -5.712  1.00 19.47 ? 66   PRO A O     1 
ATOM   545  C CB    . PRO A 1 66  ? 0.675   3.811   -8.197  1.00 17.66 ? 66   PRO A CB    1 
ATOM   546  C CG    . PRO A 1 66  ? 2.160   3.692   -8.156  1.00 18.51 ? 66   PRO A CG    1 
ATOM   547  C CD    . PRO A 1 66  ? 2.460   3.921   -6.697  1.00 19.01 ? 66   PRO A CD    1 
ATOM   548  N N     . GLN A 1 67  ? -1.858  5.742   -6.650  1.00 20.01 ? 67   GLN A N     1 
ATOM   549  C CA    . GLN A 1 67  ? -3.100  5.666   -5.884  1.00 19.55 ? 67   GLN A CA    1 
ATOM   550  C C     . GLN A 1 67  ? -4.362  5.642   -6.745  1.00 19.34 ? 67   GLN A C     1 
ATOM   551  O O     . GLN A 1 67  ? -4.515  6.450   -7.665  1.00 19.99 ? 67   GLN A O     1 
ATOM   552  C CB    . GLN A 1 67  ? -3.187  6.853   -4.923  1.00 21.18 ? 67   GLN A CB    1 
ATOM   553  C CG    . GLN A 1 67  ? -4.435  6.870   -4.047  1.00 22.59 ? 67   GLN A CG    1 
ATOM   554  C CD    . GLN A 1 67  ? -4.443  8.026   -3.042  1.00 27.40 ? 67   GLN A CD    1 
ATOM   555  O OE1   . GLN A 1 67  ? -4.622  9.190   -3.407  1.00 25.95 ? 67   GLN A OE1   1 
ATOM   556  N NE2   . GLN A 1 67  ? -4.240  7.699   -1.768  1.00 27.40 ? 67   GLN A NE2   1 
ATOM   557  N N     . CYS A 1 68  ? -5.269  4.719   -6.445  1.00 17.69 ? 68   CYS A N     1 
ATOM   558  C CA    . CYS A 1 68  ? -6.518  4.633   -7.183  1.00 18.89 ? 68   CYS A CA    1 
ATOM   559  C C     . CYS A 1 68  ? -7.651  5.251   -6.359  1.00 18.45 ? 68   CYS A C     1 
ATOM   560  O O     . CYS A 1 68  ? -7.964  4.780   -5.268  1.00 19.70 ? 68   CYS A O     1 
ATOM   561  C CB    . CYS A 1 68  ? -6.856  3.177   -7.507  1.00 17.54 ? 68   CYS A CB    1 
ATOM   562  S SG    . CYS A 1 68  ? -5.709  2.353   -8.651  1.00 18.94 ? 68   CYS A SG    1 
ATOM   563  N N     . ASN A 1 69  ? -8.256  6.312   -6.881  1.00 20.43 ? 69   ASN A N     1 
ATOM   564  C CA    . ASN A 1 69  ? -9.350  6.980   -6.193  1.00 22.02 ? 69   ASN A CA    1 
ATOM   565  C C     . ASN A 1 69  ? -10.607 6.839   -7.046  1.00 22.80 ? 69   ASN A C     1 
ATOM   566  O O     . ASN A 1 69  ? -10.581 7.110   -8.244  1.00 23.62 ? 69   ASN A O     1 
ATOM   567  C CB    . ASN A 1 69  ? -9.000  8.455   -5.960  1.00 23.18 ? 69   ASN A CB    1 
ATOM   568  C CG    . ASN A 1 69  ? -7.730  8.626   -5.129  1.00 26.06 ? 69   ASN A CG    1 
ATOM   569  O OD1   . ASN A 1 69  ? -7.673  8.218   -3.965  1.00 28.45 ? 69   ASN A OD1   1 
ATOM   570  N ND2   . ASN A 1 69  ? -6.701  9.209   -5.729  1.00 25.35 ? 69   ASN A ND2   1 
ATOM   571  N N     . ARG A 1 70  ? -11.702 6.399   -6.432  1.00 22.90 ? 70   ARG A N     1 
ATOM   572  C CA    . ARG A 1 70  ? -12.951 6.205   -7.160  1.00 24.03 ? 70   ARG A CA    1 
ATOM   573  C C     . ARG A 1 70  ? -13.587 7.546   -7.529  1.00 24.73 ? 70   ARG A C     1 
ATOM   574  O O     . ARG A 1 70  ? -13.720 8.430   -6.692  1.00 23.45 ? 70   ARG A O     1 
ATOM   575  C CB    . ARG A 1 70  ? -13.921 5.365   -6.317  1.00 23.05 ? 70   ARG A CB    1 
ATOM   576  C CG    . ARG A 1 70  ? -15.061 4.707   -7.110  1.00 24.94 ? 70   ARG A CG    1 
ATOM   577  C CD    . ARG A 1 70  ? -15.951 3.869   -6.191  1.00 22.16 ? 70   ARG A CD    1 
ATOM   578  N NE    . ARG A 1 70  ? -16.723 4.696   -5.263  1.00 24.85 ? 70   ARG A NE    1 
ATOM   579  C CZ    . ARG A 1 70  ? -17.023 4.346   -4.012  1.00 25.30 ? 70   ARG A CZ    1 
ATOM   580  N NH1   . ARG A 1 70  ? -16.610 3.183   -3.533  1.00 24.62 ? 70   ARG A NH1   1 
ATOM   581  N NH2   . ARG A 1 70  ? -17.739 5.158   -3.237  1.00 24.18 ? 70   ARG A NH2   1 
ATOM   582  N N     . LYS A 1 71  ? -13.966 7.702   -8.792  1.00 24.79 ? 71   LYS A N     1 
ATOM   583  C CA    . LYS A 1 71  ? -14.589 8.942   -9.222  1.00 24.66 ? 71   LYS A CA    1 
ATOM   584  C C     . LYS A 1 71  ? -16.054 8.753   -9.621  1.00 24.90 ? 71   LYS A C     1 
ATOM   585  O O     . LYS A 1 71  ? -16.864 9.665   -9.455  1.00 23.96 ? 71   LYS A O     1 
ATOM   586  C CB    . LYS A 1 71  ? -13.790 9.554   -10.372 1.00 28.33 ? 71   LYS A CB    1 
ATOM   587  C CG    . LYS A 1 71  ? -13.497 8.585   -11.494 1.00 32.04 ? 71   LYS A CG    1 
ATOM   588  C CD    . LYS A 1 71  ? -12.613 9.213   -12.571 1.00 34.82 ? 71   LYS A CD    1 
ATOM   589  C CE    . LYS A 1 71  ? -13.361 10.288  -13.370 1.00 36.88 ? 71   LYS A CE    1 
ATOM   590  N NZ    . LYS A 1 71  ? -14.440 9.739   -14.277 1.00 38.31 ? 71   LYS A NZ    1 
ATOM   591  N N     . LYS A 1 72  ? -16.395 7.572   -10.134 1.00 22.76 ? 72   LYS A N     1 
ATOM   592  C CA    . LYS A 1 72  ? -17.772 7.283   -10.545 1.00 23.15 ? 72   LYS A CA    1 
ATOM   593  C C     . LYS A 1 72  ? -18.249 5.895   -10.109 1.00 22.34 ? 72   LYS A C     1 
ATOM   594  O O     . LYS A 1 72  ? -17.506 4.916   -10.200 1.00 19.97 ? 72   LYS A O     1 
ATOM   595  C CB    . LYS A 1 72  ? -17.899 7.389   -12.067 1.00 23.05 ? 72   LYS A CB    1 
ATOM   596  C CG    . LYS A 1 72  ? -17.578 8.758   -12.649 1.00 27.90 ? 72   LYS A CG    1 
ATOM   597  C CD    . LYS A 1 72  ? -18.680 9.760   -12.351 1.00 30.19 ? 72   LYS A CD    1 
ATOM   598  C CE    . LYS A 1 72  ? -18.372 11.138  -12.954 1.00 32.30 ? 72   LYS A CE    1 
ATOM   599  N NZ    . LYS A 1 72  ? -18.177 11.101  -14.421 1.00 32.53 ? 72   LYS A NZ    1 
ATOM   600  N N     . LEU A 1 73  ? -19.487 5.805   -9.630  1.00 22.83 ? 73   LEU A N     1 
ATOM   601  C CA    . LEU A 1 73  ? -20.026 4.506   -9.231  1.00 22.30 ? 73   LEU A CA    1 
ATOM   602  C C     . LEU A 1 73  ? -20.314 3.690   -10.481 1.00 23.40 ? 73   LEU A C     1 
ATOM   603  O O     . LEU A 1 73  ? -20.676 4.240   -11.519 1.00 23.57 ? 73   LEU A O     1 
ATOM   604  C CB    . LEU A 1 73  ? -21.300 4.660   -8.413  1.00 24.31 ? 73   LEU A CB    1 
ATOM   605  C CG    . LEU A 1 73  ? -21.116 4.860   -6.908  1.00 25.48 ? 73   LEU A CG    1 
ATOM   606  C CD1   . LEU A 1 73  ? -20.059 5.890   -6.621  1.00 28.80 ? 73   LEU A CD1   1 
ATOM   607  C CD2   . LEU A 1 73  ? -22.446 5.280   -6.318  1.00 28.38 ? 73   LEU A CD2   1 
ATOM   608  N N     . PRO A 1 74  ? -20.209 2.359   -10.380 1.00 23.96 ? 74   PRO A N     1 
ATOM   609  C CA    . PRO A 1 74  ? -19.847 1.684   -9.132  1.00 25.43 ? 74   PRO A CA    1 
ATOM   610  C C     . PRO A 1 74  ? -18.353 1.387   -8.947  1.00 24.71 ? 74   PRO A C     1 
ATOM   611  O O     . PRO A 1 74  ? -17.892 1.180   -7.822  1.00 25.70 ? 74   PRO A O     1 
ATOM   612  C CB    . PRO A 1 74  ? -20.645 0.399   -9.220  1.00 23.96 ? 74   PRO A CB    1 
ATOM   613  C CG    . PRO A 1 74  ? -20.444 0.047   -10.677 1.00 23.76 ? 74   PRO A CG    1 
ATOM   614  C CD    . PRO A 1 74  ? -20.608 1.377   -11.403 1.00 22.18 ? 74   PRO A CD    1 
ATOM   615  N N     . CYS A 1 75  ? -17.596 1.382   -10.037 1.00 22.99 ? 75   CYS A N     1 
ATOM   616  C CA    . CYS A 1 75  ? -16.197 1.019   -9.932  1.00 22.72 ? 75   CYS A CA    1 
ATOM   617  C C     . CYS A 1 75  ? -15.291 1.692   -10.953 1.00 22.63 ? 75   CYS A C     1 
ATOM   618  O O     . CYS A 1 75  ? -14.472 1.026   -11.597 1.00 21.72 ? 75   CYS A O     1 
ATOM   619  C CB    . CYS A 1 75  ? -16.106 -0.502  -10.082 1.00 23.00 ? 75   CYS A CB    1 
ATOM   620  S SG    . CYS A 1 75  ? -14.777 -1.347  -9.177  1.00 22.39 ? 75   CYS A SG    1 
ATOM   621  N N     . HIS A 1 76  ? -15.433 3.006   -11.101 1.00 22.15 ? 76   HIS A N     1 
ATOM   622  C CA    . HIS A 1 76  ? -14.615 3.745   -12.053 1.00 23.20 ? 76   HIS A CA    1 
ATOM   623  C C     . HIS A 1 76  ? -13.621 4.625   -11.312 1.00 21.61 ? 76   HIS A C     1 
ATOM   624  O O     . HIS A 1 76  ? -14.005 5.428   -10.467 1.00 21.42 ? 76   HIS A O     1 
ATOM   625  C CB    . HIS A 1 76  ? -15.484 4.596   -12.972 1.00 23.38 ? 76   HIS A CB    1 
ATOM   626  C CG    . HIS A 1 76  ? -14.691 5.371   -13.974 1.00 27.27 ? 76   HIS A CG    1 
ATOM   627  N ND1   . HIS A 1 76  ? -13.828 4.768   -14.865 1.00 26.67 ? 76   HIS A ND1   1 
ATOM   628  C CD2   . HIS A 1 76  ? -14.600 6.702   -14.202 1.00 26.83 ? 76   HIS A CD2   1 
ATOM   629  C CE1   . HIS A 1 76  ? -13.242 5.697   -15.598 1.00 28.92 ? 76   HIS A CE1   1 
ATOM   630  N NE2   . HIS A 1 76  ? -13.691 6.880   -15.216 1.00 29.04 ? 76   HIS A NE2   1 
ATOM   631  N N     . TYR A 1 77  ? -12.343 4.485   -11.652 1.00 20.88 ? 77   TYR A N     1 
ATOM   632  C CA    . TYR A 1 77  ? -11.285 5.219   -10.965 1.00 22.36 ? 77   TYR A CA    1 
ATOM   633  C C     . TYR A 1 77  ? -10.396 6.161   -11.768 1.00 23.03 ? 77   TYR A C     1 
ATOM   634  O O     . TYR A 1 77  ? -10.308 6.083   -12.989 1.00 21.21 ? 77   TYR A O     1 
ATOM   635  C CB    . TYR A 1 77  ? -10.365 4.221   -10.256 1.00 20.48 ? 77   TYR A CB    1 
ATOM   636  C CG    . TYR A 1 77  ? -11.040 3.381   -9.206  1.00 19.81 ? 77   TYR A CG    1 
ATOM   637  C CD1   . TYR A 1 77  ? -11.887 2.325   -9.559  1.00 17.14 ? 77   TYR A CD1   1 
ATOM   638  C CD2   . TYR A 1 77  ? -10.854 3.656   -7.851  1.00 17.49 ? 77   TYR A CD2   1 
ATOM   639  C CE1   . TYR A 1 77  ? -12.533 1.570   -8.590  1.00 16.07 ? 77   TYR A CE1   1 
ATOM   640  C CE2   . TYR A 1 77  ? -11.491 2.913   -6.875  1.00 15.58 ? 77   TYR A CE2   1 
ATOM   641  C CZ    . TYR A 1 77  ? -12.331 1.873   -7.241  1.00 16.06 ? 77   TYR A CZ    1 
ATOM   642  O OH    . TYR A 1 77  ? -12.980 1.159   -6.269  1.00 15.94 ? 77   TYR A OH    1 
ATOM   643  N N     . ARG A 1 78  ? -9.723  7.045   -11.039 1.00 24.35 ? 78   ARG A N     1 
ATOM   644  C CA    . ARG A 1 78  ? -8.758  7.973   -11.610 1.00 25.47 ? 78   ARG A CA    1 
ATOM   645  C C     . ARG A 1 78  ? -7.428  7.601   -10.945 1.00 26.12 ? 78   ARG A C     1 
ATOM   646  O O     . ARG A 1 78  ? -7.372  7.411   -9.729  1.00 26.76 ? 78   ARG A O     1 
ATOM   647  C CB    . ARG A 1 78  ? -9.120  9.417   -11.265 1.00 28.68 ? 78   ARG A CB    1 
ATOM   648  C CG    . ARG A 1 78  ? -7.987  10.399  -11.519 1.00 34.37 ? 78   ARG A CG    1 
ATOM   649  C CD    . ARG A 1 78  ? -8.404  11.859  -11.323 1.00 39.92 ? 78   ARG A CD    1 
ATOM   650  N NE    . ARG A 1 78  ? -8.404  12.298  -9.927  1.00 42.31 ? 78   ARG A NE    1 
ATOM   651  C CZ    . ARG A 1 78  ? -8.571  13.562  -9.549  1.00 45.11 ? 78   ARG A CZ    1 
ATOM   652  N NH1   . ARG A 1 78  ? -8.747  14.501  -10.470 1.00 45.84 ? 78   ARG A NH1   1 
ATOM   653  N NH2   . ARG A 1 78  ? -8.557  13.889  -8.257  1.00 46.64 ? 78   ARG A NH2   1 
ATOM   654  N N     . LEU A 1 79  ? -6.365  7.476   -11.729 1.00 26.14 ? 79   LEU A N     1 
ATOM   655  C CA    . LEU A 1 79  ? -5.064  7.136   -11.164 1.00 25.62 ? 79   LEU A CA    1 
ATOM   656  C C     . LEU A 1 79  ? -4.324  8.405   -10.762 1.00 27.28 ? 79   LEU A C     1 
ATOM   657  O O     . LEU A 1 79  ? -4.180  9.327   -11.565 1.00 27.64 ? 79   LEU A O     1 
ATOM   658  C CB    . LEU A 1 79  ? -4.223  6.350   -12.174 1.00 24.85 ? 79   LEU A CB    1 
ATOM   659  C CG    . LEU A 1 79  ? -2.770  6.024   -11.786 1.00 23.25 ? 79   LEU A CG    1 
ATOM   660  C CD1   . LEU A 1 79  ? -2.725  5.039   -10.635 1.00 22.94 ? 79   LEU A CD1   1 
ATOM   661  C CD2   . LEU A 1 79  ? -2.041  5.449   -12.990 1.00 25.02 ? 79   LEU A CD2   1 
ATOM   662  N N     . ASP A 1 80  ? -3.873  8.455   -9.513  1.00 27.11 ? 80   ASP A N     1 
ATOM   663  C CA    . ASP A 1 80  ? -3.128  9.602   -9.012  1.00 28.87 ? 80   ASP A CA    1 
ATOM   664  C C     . ASP A 1 80  ? -1.826  9.083   -8.443  1.00 29.76 ? 80   ASP A C     1 
ATOM   665  O O     . ASP A 1 80  ? -1.721  7.915   -8.086  1.00 30.78 ? 80   ASP A O     1 
ATOM   666  C CB    . ASP A 1 80  ? -3.919  10.338  -7.921  1.00 29.71 ? 80   ASP A CB    1 
ATOM   667  C CG    . ASP A 1 80  ? -5.215  10.930  -8.440  1.00 32.94 ? 80   ASP A CG    1 
ATOM   668  O OD1   . ASP A 1 80  ? -5.162  11.711  -9.426  1.00 32.89 ? 80   ASP A OD1   1 
ATOM   669  O OD2   . ASP A 1 80  ? -6.289  10.621  -7.862  1.00 34.04 ? 80   ASP A OD2   1 
ATOM   670  N N     . GLY A 1 81  ? -0.825  9.945   -8.355  1.00 29.86 ? 81   GLY A N     1 
ATOM   671  C CA    . GLY A 1 81  ? 0.443   9.499   -7.820  1.00 28.93 ? 81   GLY A CA    1 
ATOM   672  C C     . GLY A 1 81  ? 1.159   10.604  -7.079  1.00 28.29 ? 81   GLY A C     1 
ATOM   673  O O     . GLY A 1 81  ? 0.895   11.793  -7.273  1.00 30.46 ? 81   GLY A O     1 
ATOM   674  N N     . SER A 1 82  ? 2.054   10.206  -6.194  1.00 26.22 ? 82   SER A N     1 
ATOM   675  C CA    . SER A 1 82  ? 2.836   11.160  -5.446  1.00 25.94 ? 82   SER A CA    1 
ATOM   676  C C     . SER A 1 82  ? 4.000   10.381  -4.851  1.00 25.19 ? 82   SER A C     1 
ATOM   677  O O     . SER A 1 82  ? 4.117   9.173   -5.074  1.00 24.56 ? 82   SER A O     1 
ATOM   678  C CB    . SER A 1 82  ? 1.985   11.832  -4.356  1.00 27.54 ? 82   SER A CB    1 
ATOM   679  O OG    . SER A 1 82  ? 1.707   10.957  -3.282  1.00 28.78 ? 82   SER A OG    1 
ATOM   680  N N     . THR A 1 83  ? 4.863   11.086  -4.127  1.00 24.34 ? 83   THR A N     1 
ATOM   681  C CA    . THR A 1 83  ? 6.031   10.498  -3.488  1.00 23.01 ? 83   THR A CA    1 
ATOM   682  C C     . THR A 1 83  ? 6.018   10.907  -2.023  1.00 23.07 ? 83   THR A C     1 
ATOM   683  O O     . THR A 1 83  ? 5.822   12.081  -1.702  1.00 24.51 ? 83   THR A O     1 
ATOM   684  C CB    . THR A 1 83  ? 7.330   11.029  -4.113  1.00 23.14 ? 83   THR A CB    1 
ATOM   685  O OG1   . THR A 1 83  ? 7.335   12.460  -4.042  1.00 24.86 ? 83   THR A OG1   1 
ATOM   686  C CG2   . THR A 1 83  ? 7.443   10.597  -5.568  1.00 21.36 ? 83   THR A CG2   1 
ATOM   687  N N     . ASN A 1 84  ? 6.241   9.948   -1.131  1.00 23.25 ? 84   ASN A N     1 
ATOM   688  C CA    . ASN A 1 84  ? 6.232   10.246  0.293   1.00 21.51 ? 84   ASN A CA    1 
ATOM   689  C C     . ASN A 1 84  ? 6.677   9.033   1.094   1.00 20.67 ? 84   ASN A C     1 
ATOM   690  O O     . ASN A 1 84  ? 6.854   7.944   0.553   1.00 21.68 ? 84   ASN A O     1 
ATOM   691  C CB    . ASN A 1 84  ? 4.817   10.620  0.732   1.00 23.73 ? 84   ASN A CB    1 
ATOM   692  C CG    . ASN A 1 84  ? 4.796   11.595  1.888   1.00 24.17 ? 84   ASN A CG    1 
ATOM   693  O OD1   . ASN A 1 84  ? 5.578   11.489  2.830   1.00 24.19 ? 84   ASN A OD1   1 
ATOM   694  N ND2   . ASN A 1 84  ? 3.880   12.551  1.825   1.00 26.13 ? 84   ASN A ND2   1 
ATOM   695  N N     . THR A 1 85  ? 6.835   9.243   2.395   1.00 20.14 ? 85   THR A N     1 
ATOM   696  C CA    . THR A 1 85  ? 7.219   8.188   3.317   1.00 20.88 ? 85   THR A CA    1 
ATOM   697  C C     . THR A 1 85  ? 5.965   7.353   3.568   1.00 19.67 ? 85   THR A C     1 
ATOM   698  O O     . THR A 1 85  ? 4.854   7.800   3.297   1.00 20.31 ? 85   THR A O     1 
ATOM   699  C CB    . THR A 1 85  ? 7.699   8.779   4.649   1.00 20.93 ? 85   THR A CB    1 
ATOM   700  O OG1   . THR A 1 85  ? 6.775   9.792   5.074   1.00 21.35 ? 85   THR A OG1   1 
ATOM   701  C CG2   . THR A 1 85  ? 9.088   9.385   4.496   1.00 20.51 ? 85   THR A CG2   1 
ATOM   702  N N     . ILE A 1 86  ? 6.136   6.143   4.081   1.00 20.65 ? 86   ILE A N     1 
ATOM   703  C CA    . ILE A 1 86  ? 4.994   5.279   4.346   1.00 21.12 ? 86   ILE A CA    1 
ATOM   704  C C     . ILE A 1 86  ? 4.991   4.728   5.770   1.00 20.77 ? 86   ILE A C     1 
ATOM   705  O O     . ILE A 1 86  ? 6.045   4.436   6.339   1.00 22.38 ? 86   ILE A O     1 
ATOM   706  C CB    . ILE A 1 86  ? 4.958   4.085   3.359   1.00 20.36 ? 86   ILE A CB    1 
ATOM   707  C CG1   . ILE A 1 86  ? 6.277   3.307   3.417   1.00 20.00 ? 86   ILE A CG1   1 
ATOM   708  C CG2   . ILE A 1 86  ? 4.686   4.588   1.956   1.00 21.69 ? 86   ILE A CG2   1 
ATOM   709  C CD1   . ILE A 1 86  ? 6.323   2.087   2.514   1.00 19.44 ? 86   ILE A CD1   1 
ATOM   710  N N     . CYS A 1 87  ? 3.804   4.585   6.349   1.00 20.53 ? 87   CYS A N     1 
ATOM   711  C CA    . CYS A 1 87  ? 3.716   4.039   7.693   1.00 20.10 ? 87   CYS A CA    1 
ATOM   712  C C     . CYS A 1 87  ? 3.120   2.641   7.587   1.00 19.61 ? 87   CYS A C     1 
ATOM   713  O O     . CYS A 1 87  ? 2.018   2.462   7.077   1.00 18.96 ? 87   CYS A O     1 
ATOM   714  C CB    . CYS A 1 87  ? 2.860   4.924   8.614   1.00 22.14 ? 87   CYS A CB    1 
ATOM   715  S SG    . CYS A 1 87  ? 2.770   4.220   10.295  1.00 22.50 ? 87   CYS A SG    1 
ATOM   716  N N     . LEU A 1 88  ? 3.874   1.650   8.045   1.00 20.10 ? 88   LEU A N     1 
ATOM   717  C CA    . LEU A 1 88  ? 3.443   0.259   7.993   1.00 20.79 ? 88   LEU A CA    1 
ATOM   718  C C     . LEU A 1 88  ? 3.261   -0.337  9.388   1.00 20.83 ? 88   LEU A C     1 
ATOM   719  O O     . LEU A 1 88  ? 3.955   0.038   10.328  1.00 19.63 ? 88   LEU A O     1 
ATOM   720  C CB    . LEU A 1 88  ? 4.480   -0.574  7.226   1.00 22.14 ? 88   LEU A CB    1 
ATOM   721  C CG    . LEU A 1 88  ? 4.430   -0.655  5.696   1.00 22.09 ? 88   LEU A CG    1 
ATOM   722  C CD1   . LEU A 1 88  ? 4.217   0.697   5.079   1.00 24.82 ? 88   LEU A CD1   1 
ATOM   723  C CD2   . LEU A 1 88  ? 5.721   -1.293  5.193   1.00 21.60 ? 88   LEU A CD2   1 
ATOM   724  N N     . THR A 1 89  ? 2.319   -1.269  9.504   1.00 20.61 ? 89   THR A N     1 
ATOM   725  C CA    . THR A 1 89  ? 2.055   -1.964  10.756  1.00 20.68 ? 89   THR A CA    1 
ATOM   726  C C     . THR A 1 89  ? 2.817   -3.284  10.642  1.00 21.83 ? 89   THR A C     1 
ATOM   727  O O     . THR A 1 89  ? 2.621   -4.034  9.678   1.00 21.26 ? 89   THR A O     1 
ATOM   728  C CB    . THR A 1 89  ? 0.560   -2.292  10.940  1.00 21.71 ? 89   THR A CB    1 
ATOM   729  O OG1   . THR A 1 89  ? -0.208  -1.081  10.958  1.00 21.08 ? 89   THR A OG1   1 
ATOM   730  C CG2   . THR A 1 89  ? 0.338   -3.051  12.251  1.00 19.95 ? 89   THR A CG2   1 
ATOM   731  N N     . CYS A 1 90  ? 3.672   -3.568  11.620  1.00 20.82 ? 90   CYS A N     1 
ATOM   732  C CA    . CYS A 1 90  ? 4.474   -4.790  11.612  1.00 21.14 ? 90   CYS A CA    1 
ATOM   733  C C     . CYS A 1 90  ? 3.997   -5.863  12.581  1.00 21.87 ? 90   CYS A C     1 
ATOM   734  O O     . CYS A 1 90  ? 3.438   -5.566  13.629  1.00 22.32 ? 90   CYS A O     1 
ATOM   735  C CB    . CYS A 1 90  ? 5.933   -4.474  11.947  1.00 19.40 ? 90   CYS A CB    1 
ATOM   736  S SG    . CYS A 1 90  ? 6.731   -3.240  10.885  1.00 21.90 ? 90   CYS A SG    1 
ATOM   737  N N     . MET A 1 91  ? 4.270   -7.110  12.219  1.00 23.23 ? 91   MET A N     1 
ATOM   738  C CA    . MET A 1 91  ? 3.918   -8.275  13.017  1.00 23.02 ? 91   MET A CA    1 
ATOM   739  C C     . MET A 1 91  ? 4.955   -9.330  12.637  1.00 22.78 ? 91   MET A C     1 
ATOM   740  O O     . MET A 1 91  ? 5.067   -9.712  11.468  1.00 22.58 ? 91   MET A O     1 
ATOM   741  C CB    . MET A 1 91  ? 2.510   -8.750  12.656  1.00 25.60 ? 91   MET A CB    1 
ATOM   742  C CG    . MET A 1 91  ? 2.009   -9.968  13.417  1.00 28.27 ? 91   MET A CG    1 
ATOM   743  S SD    . MET A 1 91  ? 1.926   -9.716  15.205  1.00 35.44 ? 91   MET A SD    1 
ATOM   744  C CE    . MET A 1 91  ? 3.193   -10.837 15.734  1.00 31.84 ? 91   MET A CE    1 
ATOM   745  N N     . LYS A 1 92  ? 5.719   -9.783  13.625  1.00 21.69 ? 92   LYS A N     1 
ATOM   746  C CA    . LYS A 1 92  ? 6.771   -10.769 13.410  1.00 20.33 ? 92   LYS A CA    1 
ATOM   747  C C     . LYS A 1 92  ? 7.761   -10.248 12.380  1.00 18.73 ? 92   LYS A C     1 
ATOM   748  O O     . LYS A 1 92  ? 8.308   -11.008 11.580  1.00 17.29 ? 92   LYS A O     1 
ATOM   749  C CB    . LYS A 1 92  ? 6.178   -12.103 12.946  1.00 22.13 ? 92   LYS A CB    1 
ATOM   750  C CG    . LYS A 1 92  ? 5.409   -12.832 14.031  1.00 24.54 ? 92   LYS A CG    1 
ATOM   751  C CD    . LYS A 1 92  ? 6.356   -13.364 15.077  1.00 28.83 ? 92   LYS A CD    1 
ATOM   752  C CE    . LYS A 1 92  ? 5.616   -13.929 16.278  1.00 31.42 ? 92   LYS A CE    1 
ATOM   753  N NZ    . LYS A 1 92  ? 4.990   -12.847 17.075  1.00 31.26 ? 92   LYS A NZ    1 
ATOM   754  N N     . GLU A 1 93  ? 7.982   -8.940  12.409  1.00 17.68 ? 93   GLU A N     1 
ATOM   755  C CA    . GLU A 1 93  ? 8.910   -8.287  11.496  1.00 18.97 ? 93   GLU A CA    1 
ATOM   756  C C     . GLU A 1 93  ? 8.484   -8.389  10.025  1.00 20.15 ? 93   GLU A C     1 
ATOM   757  O O     . GLU A 1 93  ? 9.315   -8.435  9.116   1.00 19.13 ? 93   GLU A O     1 
ATOM   758  C CB    . GLU A 1 93  ? 10.308  -8.863  11.709  1.00 19.53 ? 93   GLU A CB    1 
ATOM   759  C CG    . GLU A 1 93  ? 10.862  -8.590  13.104  1.00 20.17 ? 93   GLU A CG    1 
ATOM   760  C CD    . GLU A 1 93  ? 12.331  -8.965  13.241  1.00 21.87 ? 93   GLU A CD    1 
ATOM   761  O OE1   . GLU A 1 93  ? 12.654  -10.163 13.129  1.00 21.18 ? 93   GLU A OE1   1 
ATOM   762  O OE2   . GLU A 1 93  ? 13.161  -8.049  13.459  1.00 23.13 ? 93   GLU A OE2   1 
ATOM   763  N N     . LEU A 1 94  ? 7.172   -8.418  9.811   1.00 18.93 ? 94   LEU A N     1 
ATOM   764  C CA    . LEU A 1 94  ? 6.594   -8.503  8.479   1.00 18.75 ? 94   LEU A CA    1 
ATOM   765  C C     . LEU A 1 94  ? 5.419   -7.523  8.404   1.00 18.42 ? 94   LEU A C     1 
ATOM   766  O O     . LEU A 1 94  ? 4.570   -7.488  9.293   1.00 18.38 ? 94   LEU A O     1 
ATOM   767  C CB    . LEU A 1 94  ? 6.111   -9.930  8.223   1.00 19.90 ? 94   LEU A CB    1 
ATOM   768  C CG    . LEU A 1 94  ? 6.687   -10.765 7.072   1.00 22.76 ? 94   LEU A CG    1 
ATOM   769  C CD1   . LEU A 1 94  ? 8.200   -10.655 6.966   1.00 19.98 ? 94   LEU A CD1   1 
ATOM   770  C CD2   . LEU A 1 94  ? 6.261   -12.204 7.309   1.00 23.77 ? 94   LEU A CD2   1 
ATOM   771  N N     . PRO A 1 95  ? 5.379   -6.685  7.360   1.00 19.19 ? 95   PRO A N     1 
ATOM   772  C CA    . PRO A 1 95  ? 4.297   -5.707  7.187   1.00 20.75 ? 95   PRO A CA    1 
ATOM   773  C C     . PRO A 1 95  ? 2.958   -6.415  6.965   1.00 20.60 ? 95   PRO A C     1 
ATOM   774  O O     . PRO A 1 95  ? 2.878   -7.363  6.183   1.00 21.72 ? 95   PRO A O     1 
ATOM   775  C CB    . PRO A 1 95  ? 4.738   -4.930  5.946   1.00 22.07 ? 95   PRO A CB    1 
ATOM   776  C CG    . PRO A 1 95  ? 6.231   -4.991  6.017   1.00 21.79 ? 95   PRO A CG    1 
ATOM   777  C CD    . PRO A 1 95  ? 6.475   -6.431  6.408   1.00 19.78 ? 95   PRO A CD    1 
ATOM   778  N N     . ILE A 1 96  ? 1.908   -5.972  7.643   1.00 21.01 ? 96   ILE A N     1 
ATOM   779  C CA    . ILE A 1 96  ? 0.607   -6.607  7.452   1.00 21.30 ? 96   ILE A CA    1 
ATOM   780  C C     . ILE A 1 96  ? -0.511  -5.606  7.202   1.00 22.13 ? 96   ILE A C     1 
ATOM   781  O O     . ILE A 1 96  ? -1.627  -5.998  6.869   1.00 22.77 ? 96   ILE A O     1 
ATOM   782  C CB    . ILE A 1 96  ? 0.198   -7.493  8.659   1.00 22.01 ? 96   ILE A CB    1 
ATOM   783  C CG1   . ILE A 1 96  ? 0.121   -6.648  9.925   1.00 20.90 ? 96   ILE A CG1   1 
ATOM   784  C CG2   . ILE A 1 96  ? 1.193   -8.649  8.830   1.00 21.65 ? 96   ILE A CG2   1 
ATOM   785  C CD1   . ILE A 1 96  ? -0.415  -7.396  11.108  1.00 22.73 ? 96   ILE A CD1   1 
ATOM   786  N N     . HIS A 1 97  ? -0.205  -4.318  7.364   1.00 21.97 ? 97   HIS A N     1 
ATOM   787  C CA    . HIS A 1 97  ? -1.175  -3.241  7.148   1.00 22.67 ? 97   HIS A CA    1 
ATOM   788  C C     . HIS A 1 97  ? -0.519  -1.958  6.642   1.00 22.18 ? 97   HIS A C     1 
ATOM   789  O O     . HIS A 1 97  ? 0.572   -1.594  7.080   1.00 21.38 ? 97   HIS A O     1 
ATOM   790  C CB    . HIS A 1 97  ? -1.929  -2.920  8.446   1.00 24.00 ? 97   HIS A CB    1 
ATOM   791  C CG    . HIS A 1 97  ? -2.912  -3.971  8.850   1.00 27.22 ? 97   HIS A CG    1 
ATOM   792  N ND1   . HIS A 1 97  ? -4.044  -4.247  8.112   1.00 29.75 ? 97   HIS A ND1   1 
ATOM   793  C CD2   . HIS A 1 97  ? -2.920  -4.839  9.890   1.00 28.16 ? 97   HIS A CD2   1 
ATOM   794  C CE1   . HIS A 1 97  ? -4.705  -5.241  8.678   1.00 30.16 ? 97   HIS A CE1   1 
ATOM   795  N NE2   . HIS A 1 97  ? -4.044  -5.620  9.759   1.00 30.65 ? 97   HIS A NE2   1 
ATOM   796  N N     . PHE A 1 98  ? -1.189  -1.276  5.718   1.00 21.75 ? 98   PHE A N     1 
ATOM   797  C CA    . PHE A 1 98  ? -0.696  -0.008  5.185   1.00 22.91 ? 98   PHE A CA    1 
ATOM   798  C C     . PHE A 1 98  ? -1.311  1.025   6.135   1.00 23.96 ? 98   PHE A C     1 
ATOM   799  O O     . PHE A 1 98  ? -2.488  1.345   6.017   1.00 25.17 ? 98   PHE A O     1 
ATOM   800  C CB    . PHE A 1 98  ? -1.206  0.189   3.750   1.00 23.44 ? 98   PHE A CB    1 
ATOM   801  C CG    . PHE A 1 98  ? -0.714  1.449   3.093   1.00 25.98 ? 98   PHE A CG    1 
ATOM   802  C CD1   . PHE A 1 98  ? -1.384  2.653   3.269   1.00 27.45 ? 98   PHE A CD1   1 
ATOM   803  C CD2   . PHE A 1 98  ? 0.438   1.434   2.308   1.00 27.67 ? 98   PHE A CD2   1 
ATOM   804  C CE1   . PHE A 1 98  ? -0.917  3.822   2.675   1.00 28.11 ? 98   PHE A CE1   1 
ATOM   805  C CE2   . PHE A 1 98  ? 0.914   2.597   1.709   1.00 27.91 ? 98   PHE A CE2   1 
ATOM   806  C CZ    . PHE A 1 98  ? 0.237   3.790   1.893   1.00 27.83 ? 98   PHE A CZ    1 
ATOM   807  N N     . ALA A 1 99  ? -0.512  1.534   7.072   1.00 25.31 ? 99   ALA A N     1 
ATOM   808  C CA    . ALA A 1 99  ? -0.987  2.472   8.093   1.00 25.83 ? 99   ALA A CA    1 
ATOM   809  C C     . ALA A 1 99  ? -1.162  3.939   7.714   1.00 26.51 ? 99   ALA A C     1 
ATOM   810  O O     . ALA A 1 99  ? -2.141  4.570   8.104   1.00 27.52 ? 99   ALA A O     1 
ATOM   811  C CB    . ALA A 1 99  ? -0.094  2.372   9.339   1.00 26.91 ? 99   ALA A CB    1 
ATOM   812  N N     . GLY A 1 100 ? -0.215  4.502   6.980   1.00 27.92 ? 100  GLY A N     1 
ATOM   813  C CA    . GLY A 1 100 ? -0.351  5.896   6.612   1.00 28.83 ? 100  GLY A CA    1 
ATOM   814  C C     . GLY A 1 100 ? 0.670   6.369   5.606   1.00 29.22 ? 100  GLY A C     1 
ATOM   815  O O     . GLY A 1 100 ? 1.566   5.628   5.200   1.00 29.82 ? 100  GLY A O     1 
ATOM   816  N N     . VAL A 1 101 ? 0.503   7.618   5.188   1.00 30.95 ? 101  VAL A N     1 
ATOM   817  C CA    . VAL A 1 101 ? 1.399   8.272   4.240   1.00 30.67 ? 101  VAL A CA    1 
ATOM   818  C C     . VAL A 1 101 ? 1.897   9.541   4.909   1.00 31.69 ? 101  VAL A C     1 
ATOM   819  O O     . VAL A 1 101 ? 1.116   10.271  5.523   1.00 30.04 ? 101  VAL A O     1 
ATOM   820  C CB    . VAL A 1 101 ? 0.673   8.701   2.953   1.00 30.74 ? 101  VAL A CB    1 
ATOM   821  C CG1   . VAL A 1 101 ? 1.647   9.450   2.047   1.00 30.11 ? 101  VAL A CG1   1 
ATOM   822  C CG2   . VAL A 1 101 ? 0.098   7.496   2.243   1.00 29.22 ? 101  VAL A CG2   1 
ATOM   823  N N     . GLY A 1 102 ? 3.198   9.784   4.800   1.00 31.73 ? 102  GLY A N     1 
ATOM   824  C CA    . GLY A 1 102 ? 3.796   10.978  5.368   1.00 33.14 ? 102  GLY A CA    1 
ATOM   825  C C     . GLY A 1 102 ? 4.117   10.840  6.834   1.00 33.83 ? 102  GLY A C     1 
ATOM   826  O O     . GLY A 1 102 ? 5.123   11.360  7.321   1.00 35.60 ? 102  GLY A O     1 
ATOM   827  N N     . LYS A 1 103 ? 3.250   10.134  7.541   1.00 34.20 ? 103  LYS A N     1 
ATOM   828  C CA    . LYS A 1 103 ? 3.424   9.911   8.966   1.00 34.14 ? 103  LYS A CA    1 
ATOM   829  C C     . LYS A 1 103 ? 2.534   8.780   9.427   1.00 32.70 ? 103  LYS A C     1 
ATOM   830  O O     . LYS A 1 103 ? 1.706   8.264   8.675   1.00 31.75 ? 103  LYS A O     1 
ATOM   831  C CB    . LYS A 1 103 ? 3.091   11.178  9.776   1.00 35.99 ? 103  LYS A CB    1 
ATOM   832  C CG    . LYS A 1 103 ? 4.291   12.110  10.008  1.00 38.74 ? 103  LYS A CG    1 
ATOM   833  C CD    . LYS A 1 103 ? 4.026   13.093  11.145  1.00 41.03 ? 103  LYS A CD    1 
ATOM   834  C CE    . LYS A 1 103 ? 5.267   13.911  11.498  1.00 42.89 ? 103  LYS A CE    1 
ATOM   835  N NZ    . LYS A 1 103 ? 6.474   13.037  11.753  1.00 44.75 ? 103  LYS A NZ    1 
ATOM   836  N N     . CYS A 1 104 ? 2.722   8.404   10.680  1.00 32.09 ? 104  CYS A N     1 
ATOM   837  C CA    . CYS A 1 104 ? 1.938   7.350   11.283  1.00 31.90 ? 104  CYS A CA    1 
ATOM   838  C C     . CYS A 1 104 ? 0.793   7.979   12.058  1.00 32.10 ? 104  CYS A C     1 
ATOM   839  O O     . CYS A 1 104 ? 0.866   9.138   12.461  1.00 30.65 ? 104  CYS A O     1 
ATOM   840  C CB    . CYS A 1 104 ? 2.795   6.527   12.238  1.00 29.20 ? 104  CYS A CB    1 
ATOM   841  S SG    . CYS A 1 104 ? 3.966   5.388   11.451  1.00 26.53 ? 104  CYS A SG    1 
ATOM   842  N N     . PRO A 1 105 ? -0.288  7.213   12.268  1.00 33.70 ? 105  PRO A N     1 
ATOM   843  C CA    . PRO A 1 105 ? -1.454  7.705   13.005  1.00 35.13 ? 105  PRO A CA    1 
ATOM   844  C C     . PRO A 1 105 ? -1.093  8.060   14.448  1.00 36.16 ? 105  PRO A C     1 
ATOM   845  O O     . PRO A 1 105 ? -1.187  9.221   14.852  1.00 38.36 ? 105  PRO A O     1 
ATOM   846  C CB    . PRO A 1 105 ? -2.431  6.531   12.925  1.00 34.09 ? 105  PRO A CB    1 
ATOM   847  C CG    . PRO A 1 105 ? -2.054  5.865   11.637  1.00 34.23 ? 105  PRO A CG    1 
ATOM   848  C CD    . PRO A 1 105 ? -0.559  5.892   11.675  1.00 32.79 ? 105  PRO A CD    1 
HETATM 849  N N1G   . CG2 B 2 .   ? -5.224  1.908   2.881   1.00 35.27 ? 1106 CG2 A N1G   1 
HETATM 850  C C2G   . CG2 B 2 .   ? -5.499  2.487   4.248   1.00 36.51 ? 1106 CG2 A C2G   1 
HETATM 851  N N2G   . CG2 B 2 .   ? -5.850  1.651   5.229   1.00 35.77 ? 1106 CG2 A N2G   1 
HETATM 852  N N3G   . CG2 B 2 .   ? -5.398  3.781   4.475   1.00 36.87 ? 1106 CG2 A N3G   1 
HETATM 853  C C4G   . CG2 B 2 .   ? -5.033  4.503   3.350   1.00 36.50 ? 1106 CG2 A C4G   1 
HETATM 854  C C5G   . CG2 B 2 .   ? -4.763  4.058   2.048   1.00 35.52 ? 1106 CG2 A C5G   1 
HETATM 855  C C6G   . CG2 B 2 .   ? -4.853  2.686   1.757   1.00 35.10 ? 1106 CG2 A C6G   1 
HETATM 856  O O6G   . CG2 B 2 .   ? -4.646  2.151   0.684   1.00 29.21 ? 1106 CG2 A O6G   1 
HETATM 857  N N7G   . CG2 B 2 .   ? -4.435  5.121   1.222   1.00 37.12 ? 1106 CG2 A N7G   1 
HETATM 858  C C8G   . CG2 B 2 .   ? -4.498  6.169   2.005   1.00 37.20 ? 1106 CG2 A C8G   1 
HETATM 859  N N9G   . CG2 B 2 .   ? -4.854  5.862   3.309   1.00 37.71 ? 1106 CG2 A N9G   1 
HETATM 860  C "CA'" . CG2 B 2 .   ? -5.021  6.766   4.472   1.00 39.00 ? 1106 CG2 A "CA'" 1 
HETATM 861  C "CB'" . CG2 B 2 .   ? -3.773  6.909   5.363   1.00 39.48 ? 1106 CG2 A "CB'" 1 
HETATM 862  O "OB'" . CG2 B 2 .   ? -4.169  6.928   6.732   1.00 40.75 ? 1106 CG2 A "OB'" 1 
HETATM 863  C "CC'" . CG2 B 2 .   ? -3.197  8.211   4.856   1.00 38.90 ? 1106 CG2 A "CC'" 1 
HETATM 864  O "OC'" . CG2 B 2 .   ? -2.282  8.813   5.751   1.00 37.69 ? 1106 CG2 A "OC'" 1 
HETATM 865  C "CD'" . CG2 B 2 .   ? -4.441  9.042   4.635   1.00 39.66 ? 1106 CG2 A "CD'" 1 
HETATM 866  O "OD'" . CG2 B 2 .   ? -5.378  8.090   4.048   1.00 38.81 ? 1106 CG2 A "OD'" 1 
HETATM 867  C "CE'" . CG2 B 2 .   ? -4.229  10.210  3.700   1.00 40.89 ? 1106 CG2 A "CE'" 1 
HETATM 868  O "OE'" . CG2 B 2 .   ? -3.954  9.750   2.359   1.00 42.44 ? 1106 CG2 A "OE'" 1 
HETATM 869  P P     . CG2 B 2 .   ? -3.633  10.791  1.187   1.00 44.17 ? 1106 CG2 A P     1 
HETATM 870  O O1P   . CG2 B 2 .   ? -2.534  11.736  1.647   1.00 44.81 ? 1106 CG2 A O1P   1 
HETATM 871  O O2P   . CG2 B 2 .   ? -3.381  9.938   -0.043  1.00 41.52 ? 1106 CG2 A O2P   1 
HETATM 872  O "O5'" . CG2 B 2 .   ? -9.966  11.754  -2.396  1.00 49.66 ? 1106 CG2 A "O5'" 1 
HETATM 873  C "C5'" . CG2 B 2 .   ? -8.631  11.142  -2.404  1.00 47.36 ? 1106 CG2 A "C5'" 1 
HETATM 874  C "C4'" . CG2 B 2 .   ? -7.781  11.682  -1.251  1.00 46.70 ? 1106 CG2 A "C4'" 1 
HETATM 875  O "O4'" . CG2 B 2 .   ? -8.386  11.367  0.047   1.00 47.69 ? 1106 CG2 A "O4'" 1 
HETATM 876  C "C3'" . CG2 B 2 .   ? -6.385  11.079  -1.211  1.00 47.10 ? 1106 CG2 A "C3'" 1 
HETATM 877  O "O3'" . CG2 B 2 .   ? -5.475  11.924  -1.951  1.00 47.52 ? 1106 CG2 A "O3'" 1 
HETATM 878  C "C2'" . CG2 B 2 .   ? -6.049  10.948  0.295   1.00 46.46 ? 1106 CG2 A "C2'" 1 
HETATM 879  O "O2'" . CG2 B 2 .   ? -4.973  11.629  0.879   1.00 44.20 ? 1106 CG2 A "O2'" 1 
HETATM 880  C "C1'" . CG2 B 2 .   ? -7.380  11.166  1.019   1.00 46.86 ? 1106 CG2 A "C1'" 1 
HETATM 881  N N1U   . CG2 B 2 .   ? -7.769  10.025  1.897   1.00 47.12 ? 1106 CG2 A N1U   1 
HETATM 882  C C2U   . CG2 B 2 .   ? -7.993  10.235  3.342   1.00 46.37 ? 1106 CG2 A C2U   1 
HETATM 883  O O2U   . CG2 B 2 .   ? -7.870  11.333  3.875   1.00 48.08 ? 1106 CG2 A O2U   1 
HETATM 884  N N3U   . CG2 B 2 .   ? -8.379  9.050   4.160   1.00 46.79 ? 1106 CG2 A N3U   1 
HETATM 885  C C4U   . CG2 B 2 .   ? -8.524  7.846   3.631   1.00 46.32 ? 1106 CG2 A C4U   1 
HETATM 886  C C5U   . CG2 B 2 .   ? -8.327  7.567   2.270   1.00 47.43 ? 1106 CG2 A C5U   1 
HETATM 887  C C6U   . CG2 B 2 .   ? -7.965  8.590   1.404   1.00 47.19 ? 1106 CG2 A C6U   1 
HETATM 888  N N4C   . CG2 B 2 .   ? -8.891  6.826   4.517   1.00 45.76 ? 1106 CG2 A N4C   1 
HETATM 889  S S     . SO4 C 3 .   ? -5.330  -1.992  4.233   1.00 44.30 ? 1107 SO4 A S     1 
HETATM 890  O O1    . SO4 C 3 .   ? -3.897  -1.721  4.502   1.00 44.81 ? 1107 SO4 A O1    1 
HETATM 891  O O2    . SO4 C 3 .   ? -5.814  -1.215  3.062   1.00 44.68 ? 1107 SO4 A O2    1 
HETATM 892  O O3    . SO4 C 3 .   ? -5.476  -3.441  3.960   1.00 44.87 ? 1107 SO4 A O3    1 
HETATM 893  O O4    . SO4 C 3 .   ? -6.139  -1.597  5.419   1.00 45.34 ? 1107 SO4 A O4    1 
HETATM 894  O O     . HOH D 4 .   ? -6.745  8.607   9.641   1.00 40.53 ? 2001 HOH A O     1 
HETATM 895  O O     . HOH D 4 .   ? -0.919  -11.822 10.596  1.00 18.87 ? 2002 HOH A O     1 
HETATM 896  O O     . HOH D 4 .   ? -4.208  -10.524 10.959  1.00 31.86 ? 2003 HOH A O     1 
HETATM 897  O O     . HOH D 4 .   ? -2.856  20.476  -4.179  1.00 33.11 ? 2004 HOH A O     1 
HETATM 898  O O     . HOH D 4 .   ? 2.434   -15.233 1.021   1.00 47.52 ? 2005 HOH A O     1 
HETATM 899  O O     . HOH D 4 .   ? -1.018  -4.068  -8.534  1.00 41.32 ? 2006 HOH A O     1 
HETATM 900  O O     . HOH D 4 .   ? -1.234  -7.581  -10.352 1.00 40.84 ? 2007 HOH A O     1 
HETATM 901  O O     . HOH D 4 .   ? 15.146  -1.572  -8.939  1.00 37.51 ? 2008 HOH A O     1 
HETATM 902  O O     . HOH D 4 .   ? 15.347  -2.695  -4.249  1.00 44.18 ? 2009 HOH A O     1 
HETATM 903  O O     . HOH D 4 .   ? 10.837  -0.616  -7.757  1.00 31.97 ? 2010 HOH A O     1 
HETATM 904  O O     . HOH D 4 .   ? 0.132   -3.396  -14.878 1.00 48.00 ? 2011 HOH A O     1 
HETATM 905  O O     . HOH D 4 .   ? 6.619   -12.347 -1.692  1.00 44.52 ? 2012 HOH A O     1 
HETATM 906  O O     . HOH D 4 .   ? -2.691  17.883  -2.663  1.00 47.67 ? 2013 HOH A O     1 
HETATM 907  O O     . HOH D 4 .   ? -24.582 1.402   -4.661  1.00 33.82 ? 2014 HOH A O     1 
HETATM 908  O O     . HOH D 4 .   ? 0.042   -6.567  -6.634  1.00 53.75 ? 2015 HOH A O     1 
HETATM 909  O O     . HOH D 4 .   ? 1.181   -6.088  -12.507 1.00 48.38 ? 2016 HOH A O     1 
HETATM 910  O O     . HOH D 4 .   ? 4.130   -9.023  -13.395 1.00 42.44 ? 2017 HOH A O     1 
HETATM 911  O O     . HOH D 4 .   ? 7.116   -6.416  -9.321  1.00 57.71 ? 2018 HOH A O     1 
HETATM 912  O O     . HOH D 4 .   ? 13.300  -3.107  -9.453  1.00 36.14 ? 2019 HOH A O     1 
HETATM 913  O O     . HOH D 4 .   ? 17.229  -8.051  1.857   1.00 48.83 ? 2020 HOH A O     1 
HETATM 914  O O     . HOH D 4 .   ? 15.243  0.670   5.340   1.00 38.43 ? 2021 HOH A O     1 
HETATM 915  O O     . HOH D 4 .   ? 16.110  -3.288  1.320   1.00 34.14 ? 2022 HOH A O     1 
HETATM 916  O O     . HOH D 4 .   ? 12.886  -1.561  -5.255  1.00 47.02 ? 2023 HOH A O     1 
HETATM 917  O O     . HOH D 4 .   ? 8.722   8.795   -11.405 1.00 31.93 ? 2024 HOH A O     1 
HETATM 918  O O     . HOH D 4 .   ? 5.933   2.044   -15.042 1.00 31.46 ? 2025 HOH A O     1 
HETATM 919  O O     . HOH D 4 .   ? 1.226   7.049   -13.003 1.00 58.76 ? 2026 HOH A O     1 
HETATM 920  O O     . HOH D 4 .   ? 12.866  1.899   11.823  1.00 33.87 ? 2027 HOH A O     1 
HETATM 921  O O     . HOH D 4 .   ? -0.628  8.446   -18.983 1.00 45.67 ? 2028 HOH A O     1 
HETATM 922  O O     . HOH D 4 .   ? 11.128  -7.974  21.309  1.00 45.04 ? 2029 HOH A O     1 
HETATM 923  O O     . HOH D 4 .   ? -2.188  -2.965  -13.100 1.00 40.80 ? 2030 HOH A O     1 
HETATM 924  O O     . HOH D 4 .   ? 6.184   7.696   13.089  1.00 43.29 ? 2031 HOH A O     1 
HETATM 925  O O     . HOH D 4 .   ? -2.631  -1.940  21.952  1.00 52.59 ? 2032 HOH A O     1 
HETATM 926  O O     . HOH D 4 .   ? 9.267   7.878   13.566  1.00 60.33 ? 2033 HOH A O     1 
HETATM 927  O O     . HOH D 4 .   ? -8.217  0.796   -15.990 1.00 36.97 ? 2034 HOH A O     1 
HETATM 928  O O     . HOH D 4 .   ? -8.323  2.968   -14.671 1.00 35.55 ? 2035 HOH A O     1 
HETATM 929  O O     . HOH D 4 .   ? -13.753 -1.438  -12.354 1.00 28.85 ? 2036 HOH A O     1 
HETATM 930  O O     . HOH D 4 .   ? 14.417  2.181   7.830   1.00 34.67 ? 2037 HOH A O     1 
HETATM 931  O O     . HOH D 4 .   ? -3.759  -7.274  -6.971  1.00 33.01 ? 2038 HOH A O     1 
HETATM 932  O O     . HOH D 4 .   ? -2.387  13.232  -4.154  1.00 52.44 ? 2039 HOH A O     1 
HETATM 933  O O     . HOH D 4 .   ? -22.661 1.222   -6.496  1.00 43.37 ? 2040 HOH A O     1 
HETATM 934  O O     . HOH D 4 .   ? -10.988 -11.829 -7.710  1.00 43.34 ? 2041 HOH A O     1 
HETATM 935  O O     . HOH D 4 .   ? -9.281  -10.755 -5.024  1.00 38.95 ? 2042 HOH A O     1 
HETATM 936  O O     . HOH D 4 .   ? -4.303  5.599   -15.909 1.00 46.26 ? 2043 HOH A O     1 
HETATM 937  O O     . HOH D 4 .   ? 6.124   13.444  -7.785  1.00 52.95 ? 2044 HOH A O     1 
HETATM 938  O O     . HOH D 4 .   ? -16.902 -0.792  -0.418  1.00 43.15 ? 2045 HOH A O     1 
HETATM 939  O O     . HOH D 4 .   ? -18.770 9.034   -2.891  1.00 50.34 ? 2046 HOH A O     1 
HETATM 940  O O     . HOH D 4 .   ? 6.761   -5.772  -6.685  1.00 38.45 ? 2047 HOH A O     1 
HETATM 941  O O     . HOH D 4 .   ? 8.639   -7.322  -7.790  1.00 38.52 ? 2048 HOH A O     1 
HETATM 942  O O     . HOH D 4 .   ? 9.110   -3.722  -9.730  1.00 43.99 ? 2049 HOH A O     1 
HETATM 943  O O     . HOH D 4 .   ? 12.399  -8.605  -6.255  1.00 36.48 ? 2050 HOH A O     1 
HETATM 944  O O     . HOH D 4 .   ? 14.944  -6.155  -9.417  1.00 43.55 ? 2051 HOH A O     1 
HETATM 945  O O     . HOH D 4 .   ? 14.114  -8.115  3.329   1.00 41.63 ? 2052 HOH A O     1 
HETATM 946  O O     . HOH D 4 .   ? 14.296  -1.057  3.418   1.00 45.96 ? 2053 HOH A O     1 
HETATM 947  O O     . HOH D 4 .   ? 14.998  1.704   1.151   1.00 46.84 ? 2054 HOH A O     1 
HETATM 948  O O     . HOH D 4 .   ? 11.422  1.395   -4.388  1.00 25.72 ? 2055 HOH A O     1 
HETATM 949  O O     . HOH D 4 .   ? 11.376  -13.280 5.279   1.00 42.64 ? 2056 HOH A O     1 
HETATM 950  O O     . HOH D 4 .   ? 14.938  -1.347  8.694   1.00 36.31 ? 2057 HOH A O     1 
HETATM 951  O O     . HOH D 4 .   ? 13.287  -0.506  10.893  1.00 42.34 ? 2058 HOH A O     1 
HETATM 952  O O     . HOH D 4 .   ? 17.152  -8.678  5.091   1.00 40.31 ? 2059 HOH A O     1 
HETATM 953  O O     . HOH D 4 .   ? 12.820  -5.318  18.862  1.00 46.78 ? 2060 HOH A O     1 
HETATM 954  O O     . HOH D 4 .   ? 3.259   -2.934  24.993  1.00 44.42 ? 2061 HOH A O     1 
HETATM 955  O O     . HOH D 4 .   ? 8.952   -0.653  24.172  1.00 33.53 ? 2062 HOH A O     1 
HETATM 956  O O     . HOH D 4 .   ? 9.059   -1.094  18.128  1.00 35.26 ? 2063 HOH A O     1 
HETATM 957  O O     . HOH D 4 .   ? 7.945   -8.006  19.499  1.00 32.95 ? 2064 HOH A O     1 
HETATM 958  O O     . HOH D 4 .   ? 9.299   -10.248 16.824  1.00 36.08 ? 2065 HOH A O     1 
HETATM 959  O O     . HOH D 4 .   ? -0.970  -0.921  16.121  1.00 54.39 ? 2066 HOH A O     1 
HETATM 960  O O     . HOH D 4 .   ? -0.420  -4.127  21.013  1.00 46.42 ? 2067 HOH A O     1 
HETATM 961  O O     . HOH D 4 .   ? 0.778   4.835   14.589  1.00 37.40 ? 2068 HOH A O     1 
HETATM 962  O O     . HOH D 4 .   ? 7.822   1.610   16.209  1.00 43.95 ? 2069 HOH A O     1 
HETATM 963  O O     . HOH D 4 .   ? 5.637   5.123   14.248  1.00 47.19 ? 2070 HOH A O     1 
HETATM 964  O O     . HOH D 4 .   ? -2.305  1.819   13.087  1.00 49.22 ? 2071 HOH A O     1 
HETATM 965  O O     . HOH D 4 .   ? 9.387   4.886   12.929  1.00 30.73 ? 2072 HOH A O     1 
HETATM 966  O O     . HOH D 4 .   ? 11.034  7.087   11.563  1.00 35.53 ? 2073 HOH A O     1 
HETATM 967  O O     . HOH D 4 .   ? 10.736  9.655   7.848   1.00 29.22 ? 2074 HOH A O     1 
HETATM 968  O O     . HOH D 4 .   ? 12.538  13.254  8.374   1.00 43.26 ? 2075 HOH A O     1 
HETATM 969  O O     . HOH D 4 .   ? 12.533  3.538   8.412   1.00 43.58 ? 2076 HOH A O     1 
HETATM 970  O O     . HOH D 4 .   ? 13.767  4.060   5.801   1.00 23.89 ? 2077 HOH A O     1 
HETATM 971  O O     . HOH D 4 .   ? 16.982  5.781   8.129   1.00 50.85 ? 2078 HOH A O     1 
HETATM 972  O O     . HOH D 4 .   ? 18.513  6.601   9.952   1.00 45.63 ? 2079 HOH A O     1 
HETATM 973  O O     . HOH D 4 .   ? 16.042  8.491   -1.387  1.00 17.02 ? 2080 HOH A O     1 
HETATM 974  O O     . HOH D 4 .   ? -0.310  8.929   -3.690  1.00 25.04 ? 2081 HOH A O     1 
HETATM 975  O O     . HOH D 4 .   ? -2.132  10.425  -4.790  1.00 38.54 ? 2082 HOH A O     1 
HETATM 976  O O     . HOH D 4 .   ? -17.076 3.018   -0.988  1.00 38.94 ? 2083 HOH A O     1 
HETATM 977  O O     . HOH D 4 .   ? -21.157 9.033   -9.564  1.00 39.07 ? 2084 HOH A O     1 
HETATM 978  O O     . HOH D 4 .   ? -19.429 0.288   -5.112  1.00 38.56 ? 2085 HOH A O     1 
HETATM 979  O O     . HOH D 4 .   ? -15.938 -1.267  -13.719 1.00 43.40 ? 2086 HOH A O     1 
HETATM 980  O O     . HOH D 4 .   ? -12.740 8.959   -17.800 1.00 42.85 ? 2087 HOH A O     1 
HETATM 981  O O     . HOH D 4 .   ? -10.626 11.960  -8.522  1.00 40.51 ? 2088 HOH A O     1 
HETATM 982  O O     . HOH D 4 .   ? -9.249  16.954  -6.445  1.00 56.12 ? 2089 HOH A O     1 
HETATM 983  O O     . HOH D 4 .   ? -10.062 13.861  -12.603 1.00 47.59 ? 2090 HOH A O     1 
HETATM 984  O O     . HOH D 4 .   ? -6.362  7.816   -14.554 1.00 33.55 ? 2091 HOH A O     1 
HETATM 985  O O     . HOH D 4 .   ? -5.164  10.986  -13.225 1.00 45.88 ? 2092 HOH A O     1 
HETATM 986  O O     . HOH D 4 .   ? 1.120   12.013  -10.305 1.00 51.27 ? 2093 HOH A O     1 
HETATM 987  O O     . HOH D 4 .   ? -1.856  12.914  -8.133  1.00 48.03 ? 2094 HOH A O     1 
HETATM 988  O O     . HOH D 4 .   ? 1.601   11.843  -0.406  1.00 32.82 ? 2095 HOH A O     1 
HETATM 989  O O     . HOH D 4 .   ? 4.468   13.782  -5.362  1.00 48.67 ? 2096 HOH A O     1 
HETATM 990  O O     . HOH D 4 .   ? 7.670   11.627  6.504   1.00 45.16 ? 2097 HOH A O     1 
HETATM 991  O O     . HOH D 4 .   ? 7.223   -7.240  14.128  1.00 26.42 ? 2098 HOH A O     1 
HETATM 992  O O     . HOH D 4 .   ? 11.796  -7.843  8.070   1.00 28.95 ? 2099 HOH A O     1 
HETATM 993  O O     . HOH D 4 .   ? 15.557  -8.419  13.931  1.00 22.42 ? 2100 HOH A O     1 
HETATM 994  O O     . HOH D 4 .   ? -5.430  -1.626  8.309   1.00 51.78 ? 2101 HOH A O     1 
HETATM 995  O O     . HOH D 4 .   ? 4.861   13.733  15.504  1.00 50.17 ? 2102 HOH A O     1 
HETATM 996  O O     . HOH D 4 .   ? 1.831   11.481  14.350  1.00 48.77 ? 2103 HOH A O     1 
HETATM 997  O O     . HOH D 4 .   ? -6.768  2.116   8.689   1.00 46.13 ? 2104 HOH A O     1 
HETATM 998  O O     . HOH D 4 .   ? -7.457  8.851   7.286   1.00 38.70 ? 2105 HOH A O     1 
HETATM 999  O O     . HOH D 4 .   ? -0.347  13.580  1.841   1.00 53.55 ? 2106 HOH A O     1 
HETATM 1000 O O     . HOH D 4 .   ? -3.077  -4.869  3.888   1.00 29.20 ? 2107 HOH A O     1 
# 
